data_6E7Y
#
_entry.id   6E7Y
#
loop_
_entity.id
_entity.type
_entity.pdbx_description
1 polymer Mucolipin-1
2 non-polymer '[(2R)-2-octanoyloxy-3-[oxidanyl-[(1R,2R,3S,4R,5R,6S)-2,3,6-tris(oxidanyl)-4,5-diphosphonooxy-cyclohexyl]oxy-phosphoryl]oxy-propyl] octanoate'
#
_entity_poly.entity_id   1
_entity_poly.type   'polypeptide(L)'
_entity_poly.pdbx_seq_one_letter_code
;MTAPAGPRGSETERLLTPNPGYGTQAGPSPAPPTPPEEEDLRRRLKYFFMSPCDKFRAKGRKPCKLMLQVVKILVVTVQL
ILFGLSNQLAVTFREENTIAFRHLFLLGYSDGADDTFAAYTREQLYQAIFHAVDQYLALPDVSLGRYAYVRGGGDPWTNG
SGLALCQRYYHRGHVDPANDTFDIDPMVVTDCIQVDPPERPPPPPSDDLTLLESSSSYKNLTLKFHKLVNVTIHFRLKTI
NLQSLINNEIPDCYTFSVLITFDNKAHSGRIPISLETQAHIQECKHPSVFQHGDNSFRLLFDVVVILTCSLSFLLCARSL
LRGFLLQNEFVGFMWRQRGRVISLWERLEFVNGWYILLVTSDVLTISGTIMKIGIEAKNLASYDVCSILLGTSTLLVWVG
VIRYLTFFHNYNILIATLRVALPSVMRFCCCVAVIYLGYCFCGWIVLGPYHVKFRSLSMVSECLFSLINGDDMFVTFAAM
QAQQGRSSLVWLFSQLYLYSFISLFIYMVLSLFIALITGAYDTIKHPGGAGAEESELQAYIAQCQDSPTSGKFRRGSGSA
CSLLCCCGRDPSEEHSLLVN
;
_entity_poly.pdbx_strand_id   A,B,C,D
#
loop_
_chem_comp.id
_chem_comp.type
_chem_comp.name
_chem_comp.formula
PIO non-polymer '[(2R)-2-octanoyloxy-3-[oxidanyl-[(1R,2R,3S,4R,5R,6S)-2,3,6-tris(oxidanyl)-4,5-diphosphonooxy-cyclohexyl]oxy-phosphoryl]oxy-propyl] octanoate' 'C25 H49 O19 P3'
#
# COMPACT_ATOMS: atom_id res chain seq x y z
N GLU A 38 35.76 48.49 18.65
CA GLU A 38 35.08 49.20 17.56
C GLU A 38 35.52 50.65 17.52
N GLU A 39 36.82 50.87 17.32
CA GLU A 39 37.37 52.22 17.35
C GLU A 39 37.20 52.95 16.02
N ASP A 40 37.80 52.41 14.96
CA ASP A 40 38.01 53.16 13.73
C ASP A 40 37.02 52.81 12.62
N LEU A 41 36.53 51.58 12.56
CA LEU A 41 35.88 51.06 11.36
C LEU A 41 34.37 50.87 11.53
N ARG A 42 33.70 51.82 12.18
CA ARG A 42 32.23 51.76 12.24
C ARG A 42 31.61 52.00 10.88
N ARG A 43 32.28 52.80 10.03
CA ARG A 43 31.80 53.01 8.67
C ARG A 43 32.01 51.77 7.81
N ARG A 44 33.03 50.95 8.11
CA ARG A 44 33.40 49.84 7.24
C ARG A 44 33.02 48.46 7.78
N LEU A 45 33.26 48.19 9.07
CA LEU A 45 32.94 46.86 9.60
C LEU A 45 31.44 46.68 9.77
N LYS A 46 30.70 47.76 10.02
CA LYS A 46 29.25 47.70 10.09
C LYS A 46 28.60 48.05 8.75
N TYR A 47 29.40 48.11 7.69
CA TYR A 47 28.90 48.04 6.32
C TYR A 47 28.97 46.63 5.75
N PHE A 48 29.84 45.79 6.33
CA PHE A 48 29.88 44.38 5.94
C PHE A 48 28.65 43.64 6.45
N PHE A 49 28.42 43.69 7.76
CA PHE A 49 27.17 43.19 8.33
C PHE A 49 26.05 44.17 7.96
N MET A 50 25.17 43.76 7.07
CA MET A 50 24.29 44.70 6.39
C MET A 50 23.15 43.97 5.71
N SER A 51 21.93 44.47 5.89
CA SER A 51 20.80 44.01 5.11
C SER A 51 20.86 44.64 3.72
N PRO A 52 20.58 43.89 2.65
CA PRO A 52 20.72 44.45 1.29
C PRO A 52 19.69 45.52 0.95
N CYS A 53 18.60 45.64 1.71
CA CYS A 53 17.65 46.72 1.48
C CYS A 53 18.13 48.05 2.05
N ASP A 54 19.11 48.03 2.94
CA ASP A 54 19.72 49.24 3.48
C ASP A 54 20.95 49.67 2.68
N LYS A 55 21.20 49.06 1.52
CA LYS A 55 22.32 49.48 0.70
C LYS A 55 22.04 50.81 0.01
N PHE A 56 20.77 51.10 -0.26
CA PHE A 56 20.43 52.32 -0.99
C PHE A 56 20.54 53.56 -0.11
N ARG A 57 20.35 53.41 1.21
CA ARG A 57 20.29 54.56 2.09
C ARG A 57 21.68 55.12 2.41
N ALA A 58 22.67 54.24 2.60
CA ALA A 58 23.99 54.69 3.02
C ALA A 58 24.75 55.33 1.87
N LYS A 59 25.04 54.56 0.82
CA LYS A 59 25.75 55.07 -0.35
C LYS A 59 24.90 55.03 -1.60
N GLY A 60 24.40 53.85 -1.97
CA GLY A 60 23.48 53.74 -3.09
C GLY A 60 24.10 53.36 -4.41
N ARG A 61 23.83 52.14 -4.86
CA ARG A 61 24.13 51.69 -6.22
C ARG A 61 23.11 50.62 -6.58
N LYS A 62 22.75 50.56 -7.86
CA LYS A 62 21.72 49.64 -8.33
C LYS A 62 22.19 48.19 -8.17
N PRO A 63 21.29 47.25 -7.85
CA PRO A 63 21.70 45.87 -7.56
C PRO A 63 22.05 45.07 -8.82
N CYS A 64 23.19 45.40 -9.42
CA CYS A 64 23.74 44.54 -10.46
C CYS A 64 24.51 43.36 -9.86
N LYS A 65 24.80 43.41 -8.56
CA LYS A 65 25.38 42.27 -7.87
C LYS A 65 24.31 41.28 -7.46
N LEU A 66 23.12 41.77 -7.10
CA LEU A 66 22.08 40.92 -6.54
C LEU A 66 21.29 40.21 -7.62
N MET A 67 20.89 40.94 -8.66
CA MET A 67 19.98 40.41 -9.68
C MET A 67 20.70 39.51 -10.69
N LEU A 68 22.03 39.41 -10.60
CA LEU A 68 22.75 38.43 -11.39
C LEU A 68 22.39 37.01 -10.97
N GLN A 69 22.19 36.80 -9.66
CA GLN A 69 21.77 35.49 -9.18
C GLN A 69 20.34 35.18 -9.57
N VAL A 70 19.51 36.21 -9.77
CA VAL A 70 18.14 36.00 -10.21
C VAL A 70 18.11 35.53 -11.66
N VAL A 71 19.08 35.96 -12.47
CA VAL A 71 19.21 35.46 -13.83
C VAL A 71 19.60 33.98 -13.82
N LYS A 72 20.43 33.57 -12.86
CA LYS A 72 20.84 32.17 -12.72
C LYS A 72 19.68 31.23 -12.43
N ILE A 73 18.60 31.74 -11.83
CA ILE A 73 17.39 30.94 -11.66
C ILE A 73 16.77 30.62 -13.02
N LEU A 74 16.71 31.61 -13.91
CA LEU A 74 16.03 31.47 -15.19
C LEU A 74 16.94 30.98 -16.32
N VAL A 75 18.21 30.73 -16.05
CA VAL A 75 19.13 30.22 -17.07
C VAL A 75 19.46 28.74 -16.84
N VAL A 76 19.67 28.34 -15.58
CA VAL A 76 20.01 26.97 -15.28
C VAL A 76 18.80 26.05 -15.40
N THR A 77 17.63 26.53 -14.95
CA THR A 77 16.41 25.71 -14.98
C THR A 77 15.94 25.44 -16.41
N VAL A 78 16.02 26.46 -17.28
CA VAL A 78 15.60 26.28 -18.67
C VAL A 78 16.58 25.41 -19.44
N GLN A 79 17.86 25.39 -19.02
CA GLN A 79 18.84 24.46 -19.58
C GLN A 79 18.47 23.01 -19.27
N LEU A 80 17.96 22.76 -18.06
CA LEU A 80 17.64 21.41 -17.64
C LEU A 80 16.37 20.88 -18.31
N ILE A 81 15.39 21.76 -18.56
CA ILE A 81 14.15 21.31 -19.17
C ILE A 81 14.34 21.01 -20.65
N LEU A 82 15.17 21.80 -21.34
CA LEU A 82 15.43 21.52 -22.74
C LEU A 82 16.34 20.31 -22.93
N PHE A 83 17.16 19.99 -21.91
CA PHE A 83 17.96 18.78 -21.96
C PHE A 83 17.20 17.57 -21.42
N GLY A 84 16.32 17.76 -20.44
CA GLY A 84 15.58 16.65 -19.89
C GLY A 84 14.52 16.11 -20.82
N LEU A 85 13.99 16.95 -21.71
CA LEU A 85 13.00 16.51 -22.67
C LEU A 85 13.64 15.92 -23.93
N SER A 86 14.95 16.08 -24.12
CA SER A 86 15.66 15.37 -25.16
C SER A 86 16.21 14.04 -24.67
N ASN A 87 16.37 13.89 -23.36
CA ASN A 87 16.75 12.60 -22.78
C ASN A 87 15.53 11.70 -22.62
N GLN A 88 14.35 12.28 -22.39
CA GLN A 88 13.13 11.49 -22.25
C GLN A 88 12.74 10.83 -23.57
N LEU A 89 13.02 11.51 -24.69
CA LEU A 89 12.66 10.96 -25.99
C LEU A 89 13.58 9.80 -26.38
N ALA A 90 14.86 9.89 -26.01
CA ALA A 90 15.84 8.88 -26.41
C ALA A 90 15.89 7.69 -25.47
N VAL A 91 15.04 7.64 -24.45
CA VAL A 91 14.95 6.48 -23.58
C VAL A 91 13.69 5.68 -23.86
N THR A 92 12.57 6.37 -24.10
CA THR A 92 11.32 5.71 -24.47
C THR A 92 11.38 5.04 -25.84
N PHE A 93 12.37 5.37 -26.66
CA PHE A 93 12.71 4.54 -27.82
C PHE A 93 13.65 3.41 -27.45
N ARG A 94 14.53 3.62 -26.47
CA ARG A 94 15.51 2.60 -26.12
C ARG A 94 14.86 1.46 -25.33
N GLU A 95 13.97 1.78 -24.40
CA GLU A 95 13.35 0.77 -23.56
C GLU A 95 12.14 0.11 -24.21
N GLU A 96 11.72 0.58 -25.39
CA GLU A 96 10.65 -0.07 -26.14
C GLU A 96 11.16 -0.86 -27.33
N ASN A 97 12.47 -0.91 -27.53
CA ASN A 97 13.06 -1.94 -28.37
C ASN A 97 13.49 -3.16 -27.56
N THR A 98 13.78 -2.98 -26.27
CA THR A 98 14.12 -4.11 -25.43
C THR A 98 12.91 -4.98 -25.14
N ILE A 99 11.74 -4.35 -24.99
CA ILE A 99 10.50 -5.11 -24.83
C ILE A 99 10.17 -5.84 -26.13
N ALA A 100 10.40 -5.18 -27.28
CA ALA A 100 10.19 -5.83 -28.56
C ALA A 100 11.22 -6.90 -28.86
N PHE A 101 12.39 -6.85 -28.21
CA PHE A 101 13.37 -7.92 -28.38
C PHE A 101 13.10 -9.11 -27.47
N ARG A 102 12.41 -8.93 -26.35
CA ARG A 102 12.12 -10.05 -25.47
C ARG A 102 11.00 -10.93 -26.00
N HIS A 103 10.09 -10.37 -26.80
CA HIS A 103 9.02 -11.18 -27.38
C HIS A 103 9.44 -11.89 -28.66
N LEU A 104 10.40 -11.34 -29.40
CA LEU A 104 10.85 -11.96 -30.64
C LEU A 104 11.92 -13.02 -30.44
N PHE A 105 12.66 -12.98 -29.33
CA PHE A 105 13.85 -13.80 -29.16
C PHE A 105 13.77 -14.78 -28.02
N LEU A 106 12.79 -14.66 -27.12
CA LEU A 106 12.64 -15.57 -26.00
C LEU A 106 11.36 -16.38 -26.19
N LEU A 107 11.42 -17.66 -25.84
CA LEU A 107 10.30 -18.56 -26.04
C LEU A 107 9.35 -18.48 -24.85
N GLY A 108 8.09 -18.15 -25.12
CA GLY A 108 7.06 -18.11 -24.10
C GLY A 108 7.19 -16.97 -23.11
N TYR A 109 7.49 -15.77 -23.60
CA TYR A 109 7.67 -14.61 -22.74
C TYR A 109 6.37 -13.84 -22.61
N SER A 110 5.80 -13.84 -21.41
CA SER A 110 4.66 -13.00 -21.08
C SER A 110 5.14 -11.86 -20.19
N ASP A 111 4.37 -10.77 -20.20
CA ASP A 111 4.77 -9.56 -19.50
C ASP A 111 4.67 -9.75 -17.98
N GLY A 112 5.46 -8.96 -17.26
CA GLY A 112 5.52 -9.02 -15.82
C GLY A 112 6.51 -10.00 -15.24
N ALA A 113 6.95 -10.99 -16.03
CA ALA A 113 7.89 -12.02 -15.56
C ALA A 113 9.27 -11.70 -16.14
N ASP A 114 10.08 -11.02 -15.34
CA ASP A 114 11.47 -10.76 -15.71
C ASP A 114 12.46 -11.35 -14.71
N ASP A 115 11.97 -12.02 -13.67
CA ASP A 115 12.83 -12.66 -12.68
C ASP A 115 12.42 -14.12 -12.48
N THR A 116 11.14 -14.41 -12.70
CA THR A 116 10.61 -15.76 -12.58
C THR A 116 10.67 -16.53 -13.90
N PHE A 117 11.23 -15.94 -14.95
CA PHE A 117 11.36 -16.61 -16.24
C PHE A 117 12.64 -17.44 -16.24
N ALA A 118 12.49 -18.75 -16.41
CA ALA A 118 13.64 -19.65 -16.34
C ALA A 118 13.38 -20.86 -17.24
N ALA A 119 14.20 -21.89 -17.07
CA ALA A 119 14.06 -23.14 -17.81
C ALA A 119 14.49 -24.27 -16.89
N TYR A 120 13.61 -25.25 -16.70
CA TYR A 120 13.78 -26.24 -15.65
C TYR A 120 14.07 -27.65 -16.14
N THR A 121 13.79 -27.96 -17.40
CA THR A 121 14.10 -29.28 -17.96
C THR A 121 15.22 -29.16 -18.97
N ARG A 122 15.74 -30.32 -19.38
CA ARG A 122 16.84 -30.34 -20.34
C ARG A 122 16.38 -30.13 -21.77
N GLU A 123 15.08 -30.29 -22.05
CA GLU A 123 14.58 -30.05 -23.40
C GLU A 123 14.08 -28.63 -23.59
N GLN A 124 13.73 -27.92 -22.52
CA GLN A 124 13.36 -26.51 -22.66
C GLN A 124 14.55 -25.61 -22.89
N LEU A 125 15.76 -26.04 -22.51
CA LEU A 125 16.94 -25.25 -22.79
C LEU A 125 17.40 -25.42 -24.24
N TYR A 126 17.12 -26.59 -24.83
CA TYR A 126 17.37 -26.76 -26.27
C TYR A 126 16.39 -25.93 -27.08
N GLN A 127 15.12 -25.89 -26.67
CA GLN A 127 14.11 -25.14 -27.40
C GLN A 127 14.20 -23.64 -27.18
N ALA A 128 14.92 -23.18 -26.17
CA ALA A 128 15.11 -21.75 -25.95
C ALA A 128 16.31 -21.20 -26.70
N ILE A 129 17.35 -22.01 -26.89
CA ILE A 129 18.51 -21.57 -27.67
C ILE A 129 18.17 -21.59 -29.16
N PHE A 130 17.47 -22.64 -29.61
CA PHE A 130 17.16 -22.78 -31.03
C PHE A 130 16.12 -21.78 -31.49
N HIS A 131 15.21 -21.37 -30.61
CA HIS A 131 14.23 -20.35 -30.98
C HIS A 131 14.86 -18.97 -31.05
N ALA A 132 15.92 -18.73 -30.27
CA ALA A 132 16.61 -17.45 -30.32
C ALA A 132 17.49 -17.30 -31.55
N VAL A 133 17.82 -18.40 -32.22
CA VAL A 133 18.63 -18.37 -33.44
C VAL A 133 17.76 -18.43 -34.69
N ASP A 134 16.69 -19.23 -34.66
CA ASP A 134 15.78 -19.32 -35.79
C ASP A 134 15.02 -18.02 -36.02
N GLN A 135 14.78 -17.24 -34.96
CA GLN A 135 14.22 -15.91 -35.14
C GLN A 135 15.27 -14.88 -35.49
N TYR A 136 16.55 -15.23 -35.39
CA TYR A 136 17.61 -14.34 -35.86
C TYR A 136 17.90 -14.56 -37.35
N LEU A 137 17.88 -15.81 -37.79
CA LEU A 137 18.10 -16.13 -39.20
C LEU A 137 16.88 -15.86 -40.07
N ALA A 138 15.74 -15.52 -39.46
CA ALA A 138 14.54 -15.11 -40.18
C ALA A 138 13.99 -13.80 -39.61
N LEU A 139 14.89 -12.90 -39.22
CA LEU A 139 14.47 -11.64 -38.59
C LEU A 139 13.78 -10.66 -39.54
N PRO A 140 14.29 -10.34 -40.74
CA PRO A 140 13.58 -9.34 -41.56
C PRO A 140 12.36 -9.88 -42.31
N ASP A 141 11.88 -11.08 -41.99
CA ASP A 141 10.65 -11.59 -42.59
C ASP A 141 9.50 -11.71 -41.59
N VAL A 142 9.78 -11.65 -40.29
CA VAL A 142 8.73 -11.68 -39.28
C VAL A 142 8.65 -10.42 -38.45
N SER A 143 9.72 -9.62 -38.37
CA SER A 143 9.76 -8.46 -37.49
C SER A 143 9.51 -7.18 -38.28
N LEU A 144 8.81 -6.24 -37.66
CA LEU A 144 8.54 -4.94 -38.25
C LEU A 144 9.43 -3.89 -37.58
N GLY A 145 10.04 -3.03 -38.40
CA GLY A 145 10.91 -1.99 -37.87
C GLY A 145 12.13 -1.75 -38.73
N ARG A 146 12.40 -2.68 -39.66
CA ARG A 146 13.53 -2.66 -40.60
C ARG A 146 14.86 -2.59 -39.85
N TYR A 147 15.15 -3.69 -39.16
CA TYR A 147 16.46 -3.90 -38.58
C TYR A 147 17.40 -4.50 -39.63
N ALA A 148 18.70 -4.29 -39.43
CA ALA A 148 19.70 -4.83 -40.34
C ALA A 148 20.86 -5.39 -39.54
N TYR A 149 21.57 -6.34 -40.16
CA TYR A 149 22.65 -7.04 -39.48
C TYR A 149 23.91 -6.19 -39.45
N VAL A 150 24.97 -6.72 -38.85
CA VAL A 150 26.17 -5.95 -38.60
C VAL A 150 27.36 -6.40 -39.46
N ARG A 151 27.50 -7.69 -39.74
CA ARG A 151 28.71 -8.32 -40.28
C ARG A 151 29.91 -7.90 -39.42
N GLY A 152 29.87 -8.39 -38.19
CA GLY A 152 30.71 -7.84 -37.14
C GLY A 152 32.17 -8.24 -37.26
N GLY A 153 33.04 -7.34 -36.79
CA GLY A 153 34.46 -7.57 -36.77
C GLY A 153 35.07 -7.29 -35.42
N GLY A 154 34.35 -7.61 -34.35
CA GLY A 154 34.79 -7.34 -33.00
C GLY A 154 35.58 -8.48 -32.40
N ASP A 155 35.69 -8.46 -31.08
CA ASP A 155 36.50 -9.45 -30.38
C ASP A 155 35.80 -10.81 -30.21
N PRO A 156 34.47 -10.93 -29.76
CA PRO A 156 33.81 -12.24 -29.77
C PRO A 156 33.13 -12.56 -31.11
N TRP A 157 33.83 -12.32 -32.21
CA TRP A 157 33.34 -12.64 -33.54
C TRP A 157 34.51 -13.04 -34.42
N THR A 158 34.19 -13.53 -35.61
CA THR A 158 35.18 -13.86 -36.63
C THR A 158 35.01 -12.91 -37.82
N ASN A 159 35.76 -13.17 -38.88
CA ASN A 159 35.74 -12.31 -40.07
C ASN A 159 34.63 -12.81 -41.00
N GLY A 160 33.41 -12.38 -40.69
CA GLY A 160 32.27 -12.74 -41.51
C GLY A 160 31.11 -13.33 -40.74
N SER A 161 31.10 -13.14 -39.42
CA SER A 161 30.05 -13.67 -38.56
C SER A 161 29.20 -12.52 -38.01
N GLY A 162 27.96 -12.87 -37.66
CA GLY A 162 27.04 -11.91 -37.06
C GLY A 162 26.45 -12.41 -35.76
N LEU A 163 26.51 -13.72 -35.54
CA LEU A 163 25.96 -14.34 -34.35
C LEU A 163 27.01 -15.28 -33.75
N ALA A 164 27.14 -15.25 -32.43
CA ALA A 164 28.15 -16.05 -31.74
C ALA A 164 27.57 -16.55 -30.42
N LEU A 165 27.10 -17.80 -30.41
CA LEU A 165 26.70 -18.47 -29.19
C LEU A 165 27.88 -19.26 -28.65
N CYS A 166 28.14 -19.14 -27.35
CA CYS A 166 29.35 -19.68 -26.75
C CYS A 166 29.00 -20.44 -25.49
N GLN A 167 29.90 -21.33 -25.08
CA GLN A 167 29.76 -22.08 -23.84
C GLN A 167 30.91 -21.77 -22.90
N ARG A 168 30.64 -21.94 -21.61
CA ARG A 168 31.68 -21.92 -20.59
C ARG A 168 31.44 -23.11 -19.67
N TYR A 169 32.48 -23.88 -19.39
CA TYR A 169 32.36 -25.04 -18.51
C TYR A 169 33.73 -25.33 -17.90
N TYR A 170 33.72 -26.17 -16.87
CA TYR A 170 34.94 -26.52 -16.16
C TYR A 170 35.77 -27.47 -17.02
N HIS A 171 37.09 -27.26 -17.02
CA HIS A 171 37.95 -28.01 -17.93
C HIS A 171 38.12 -29.46 -17.49
N ARG A 172 38.05 -29.74 -16.20
CA ARG A 172 38.21 -31.11 -15.69
C ARG A 172 37.33 -31.27 -14.48
N GLY A 173 36.26 -32.06 -14.61
CA GLY A 173 35.36 -32.29 -13.51
C GLY A 173 34.56 -33.58 -13.65
N HIS A 174 34.42 -34.30 -12.55
CA HIS A 174 33.60 -35.50 -12.52
C HIS A 174 33.03 -35.63 -11.11
N VAL A 175 31.81 -35.14 -10.92
CA VAL A 175 31.15 -35.14 -9.62
C VAL A 175 30.12 -36.25 -9.56
N ASP A 176 29.98 -36.86 -8.39
CA ASP A 176 29.00 -37.90 -8.16
C ASP A 176 28.67 -37.97 -6.67
N PRO A 177 27.43 -37.70 -6.27
CA PRO A 177 27.04 -37.96 -4.88
C PRO A 177 26.92 -39.45 -4.63
N ALA A 178 27.17 -39.83 -3.37
CA ALA A 178 27.25 -41.18 -2.79
C ALA A 178 28.44 -42.00 -3.27
N ASN A 179 29.22 -41.50 -4.23
CA ASN A 179 30.56 -42.02 -4.56
C ASN A 179 31.42 -40.76 -4.67
N ASP A 180 31.93 -40.31 -3.53
CA ASP A 180 32.29 -38.90 -3.34
C ASP A 180 33.74 -38.60 -3.73
N THR A 181 34.08 -38.91 -4.98
CA THR A 181 35.39 -38.54 -5.54
C THR A 181 35.13 -37.44 -6.57
N PHE A 182 35.16 -36.19 -6.12
CA PHE A 182 34.96 -35.04 -6.99
C PHE A 182 36.26 -34.27 -7.14
N ASP A 183 36.56 -33.87 -8.37
CA ASP A 183 37.79 -33.14 -8.70
C ASP A 183 37.43 -31.88 -9.49
N ILE A 184 37.87 -30.73 -8.98
CA ILE A 184 37.51 -29.44 -9.56
C ILE A 184 38.78 -28.67 -9.89
N ASP A 185 38.89 -28.24 -11.14
CA ASP A 185 39.96 -27.36 -11.60
C ASP A 185 39.29 -26.24 -12.40
N PRO A 186 39.02 -25.10 -11.74
CA PRO A 186 38.23 -24.04 -12.40
C PRO A 186 38.98 -23.33 -13.52
N MET A 187 38.62 -23.62 -14.75
CA MET A 187 39.18 -22.96 -15.93
C MET A 187 38.13 -22.99 -17.02
N VAL A 188 37.69 -21.81 -17.44
CA VAL A 188 36.60 -21.73 -18.41
C VAL A 188 37.09 -22.09 -19.81
N VAL A 189 36.31 -22.91 -20.50
CA VAL A 189 36.58 -23.30 -21.87
C VAL A 189 35.53 -22.65 -22.75
N THR A 190 35.98 -21.87 -23.73
CA THR A 190 35.11 -21.02 -24.54
C THR A 190 34.96 -21.64 -25.92
N ASP A 191 33.90 -22.45 -26.08
CA ASP A 191 33.63 -23.14 -27.34
C ASP A 191 32.52 -22.40 -28.09
N CYS A 192 32.92 -21.32 -28.77
CA CYS A 192 31.97 -20.51 -29.51
C CYS A 192 31.58 -21.17 -30.83
N ILE A 193 30.33 -20.92 -31.24
CA ILE A 193 29.79 -21.38 -32.52
C ILE A 193 29.43 -20.14 -33.32
N GLN A 194 29.87 -20.10 -34.58
CA GLN A 194 29.75 -18.91 -35.42
C GLN A 194 28.79 -19.21 -36.57
N VAL A 195 27.88 -18.29 -36.84
CA VAL A 195 26.94 -18.41 -37.95
C VAL A 195 26.66 -17.03 -38.50
N ASP A 196 26.46 -16.94 -39.82
CA ASP A 196 26.24 -15.70 -40.54
C ASP A 196 24.80 -15.57 -41.02
N PRO A 197 24.27 -14.35 -41.12
CA PRO A 197 22.89 -14.17 -41.58
C PRO A 197 22.80 -14.08 -43.10
N PRO A 198 21.94 -14.90 -43.72
CA PRO A 198 21.65 -14.73 -45.15
C PRO A 198 20.48 -13.81 -45.40
N GLU A 199 20.60 -12.97 -46.43
CA GLU A 199 19.55 -12.03 -46.78
C GLU A 199 18.98 -12.25 -48.16
N ARG A 200 19.82 -12.28 -49.20
CA ARG A 200 19.35 -12.40 -50.57
C ARG A 200 19.39 -13.86 -50.99
N PRO A 201 18.24 -14.48 -51.30
CA PRO A 201 18.23 -15.89 -51.75
C PRO A 201 18.72 -16.04 -53.19
N SER A 216 23.70 -24.33 -39.91
CA SER A 216 23.67 -25.76 -40.09
C SER A 216 24.59 -26.45 -39.10
N SER A 217 25.74 -25.84 -38.83
CA SER A 217 26.72 -26.37 -37.89
C SER A 217 26.46 -25.95 -36.45
N TYR A 218 25.31 -25.34 -36.16
CA TYR A 218 24.95 -25.00 -34.79
C TYR A 218 23.95 -25.96 -34.18
N LYS A 219 23.24 -26.73 -35.01
CA LYS A 219 22.32 -27.74 -34.51
C LYS A 219 23.04 -28.90 -33.82
N ASN A 220 24.30 -29.15 -34.16
CA ASN A 220 25.11 -30.18 -33.50
C ASN A 220 25.78 -29.61 -32.26
N LEU A 221 24.96 -29.24 -31.28
CA LEU A 221 25.43 -28.60 -30.06
C LEU A 221 25.22 -29.53 -28.87
N THR A 222 26.27 -29.68 -28.07
CA THR A 222 26.21 -30.45 -26.82
C THR A 222 26.70 -29.55 -25.69
N LEU A 223 26.01 -29.62 -24.55
CA LEU A 223 26.22 -28.65 -23.49
C LEU A 223 26.94 -29.20 -22.25
N LYS A 224 26.89 -30.52 -22.01
CA LYS A 224 27.51 -31.18 -20.86
C LYS A 224 27.00 -30.60 -19.53
N PHE A 225 25.71 -30.88 -19.29
CA PHE A 225 24.93 -30.20 -18.25
C PHE A 225 25.45 -30.39 -16.83
N HIS A 226 26.21 -31.45 -16.57
CA HIS A 226 26.85 -31.63 -15.27
C HIS A 226 28.19 -30.91 -15.17
N LYS A 227 28.51 -30.06 -16.13
CA LYS A 227 29.78 -29.36 -16.18
C LYS A 227 29.62 -27.89 -16.56
N LEU A 228 28.45 -27.48 -17.05
CA LEU A 228 28.24 -26.18 -17.67
C LEU A 228 28.27 -25.04 -16.64
N VAL A 229 28.66 -23.85 -17.10
CA VAL A 229 28.59 -22.64 -16.30
C VAL A 229 27.51 -21.69 -16.84
N ASN A 230 27.70 -21.19 -18.06
CA ASN A 230 26.69 -20.33 -18.68
C ASN A 230 26.84 -20.36 -20.20
N VAL A 231 25.74 -20.05 -20.87
CA VAL A 231 25.69 -19.97 -22.34
C VAL A 231 25.19 -18.58 -22.70
N THR A 232 26.01 -17.83 -23.44
CA THR A 232 25.68 -16.48 -23.84
C THR A 232 25.47 -16.42 -25.35
N ILE A 233 24.86 -15.32 -25.80
CA ILE A 233 24.54 -15.07 -27.20
C ILE A 233 24.83 -13.61 -27.50
N HIS A 234 25.69 -13.36 -28.49
CA HIS A 234 26.10 -12.02 -28.88
C HIS A 234 25.70 -11.75 -30.31
N PHE A 235 24.95 -10.67 -30.53
CA PHE A 235 24.74 -10.12 -31.86
C PHE A 235 24.40 -8.64 -31.73
N ARG A 236 24.38 -7.96 -32.87
CA ARG A 236 24.14 -6.52 -32.91
C ARG A 236 23.17 -6.20 -34.05
N LEU A 237 22.39 -5.14 -33.86
CA LEU A 237 21.42 -4.70 -34.85
C LEU A 237 21.50 -3.18 -34.98
N LYS A 238 21.32 -2.69 -36.19
CA LYS A 238 21.30 -1.26 -36.48
C LYS A 238 19.92 -0.85 -36.93
N THR A 239 19.45 0.29 -36.42
CA THR A 239 18.14 0.82 -36.80
C THR A 239 18.23 2.33 -36.94
N ILE A 240 17.18 2.91 -37.50
CA ILE A 240 17.10 4.35 -37.78
C ILE A 240 16.02 4.93 -36.90
N ASN A 241 16.38 5.86 -36.01
CA ASN A 241 15.42 6.53 -35.16
C ASN A 241 14.56 7.47 -36.00
N LEU A 242 13.30 7.09 -36.21
CA LEU A 242 12.40 7.82 -37.09
C LEU A 242 11.45 8.73 -36.30
N GLN A 243 11.98 9.34 -35.23
CA GLN A 243 11.22 10.22 -34.35
C GLN A 243 11.53 11.69 -34.63
N SER A 244 11.64 12.07 -35.91
CA SER A 244 12.07 13.39 -36.33
C SER A 244 10.96 14.43 -36.33
N LEU A 245 9.88 14.22 -35.57
CA LEU A 245 8.81 15.20 -35.51
C LEU A 245 9.24 16.46 -34.77
N ILE A 246 9.97 16.30 -33.67
CA ILE A 246 10.39 17.47 -32.89
C ILE A 246 11.70 18.05 -33.43
N ASN A 247 12.51 17.24 -34.11
CA ASN A 247 13.82 17.71 -34.56
C ASN A 247 13.71 18.48 -35.87
N ASN A 248 12.94 17.94 -36.84
CA ASN A 248 12.76 18.46 -38.20
C ASN A 248 14.09 18.52 -38.97
N GLU A 249 15.09 17.76 -38.54
CA GLU A 249 16.40 17.70 -39.19
C GLU A 249 16.85 16.24 -39.15
N ILE A 250 18.14 16.02 -39.37
CA ILE A 250 18.75 14.69 -39.38
C ILE A 250 18.65 14.04 -38.00
N PRO A 251 18.00 12.88 -37.87
CA PRO A 251 17.94 12.20 -36.57
C PRO A 251 19.16 11.32 -36.34
N ASP A 252 19.16 10.59 -35.23
CA ASP A 252 20.28 9.73 -34.88
C ASP A 252 20.16 8.39 -35.60
N CYS A 253 21.24 7.61 -35.53
CA CYS A 253 21.29 6.27 -36.10
C CYS A 253 21.92 5.35 -35.08
N TYR A 254 21.15 4.41 -34.55
CA TYR A 254 21.54 3.61 -33.39
C TYR A 254 22.15 2.28 -33.82
N THR A 255 22.80 1.63 -32.85
CA THR A 255 23.39 0.31 -33.04
C THR A 255 23.29 -0.42 -31.70
N PHE A 256 22.38 -1.39 -31.61
CA PHE A 256 22.17 -2.10 -30.36
C PHE A 256 23.20 -3.21 -30.17
N SER A 257 23.10 -3.90 -29.04
CA SER A 257 23.95 -5.06 -28.74
C SER A 257 23.17 -5.94 -27.77
N VAL A 258 22.56 -7.00 -28.30
CA VAL A 258 21.67 -7.85 -27.52
C VAL A 258 22.48 -8.99 -26.91
N LEU A 259 22.31 -9.21 -25.61
CA LEU A 259 23.02 -10.26 -24.87
C LEU A 259 21.99 -11.12 -24.13
N ILE A 260 21.75 -12.32 -24.64
CA ILE A 260 20.89 -13.30 -23.98
C ILE A 260 21.77 -14.21 -23.16
N THR A 261 21.46 -14.34 -21.86
CA THR A 261 22.34 -15.01 -20.91
C THR A 261 21.60 -16.19 -20.27
N PHE A 262 22.06 -17.40 -20.58
CA PHE A 262 21.53 -18.61 -19.94
C PHE A 262 22.42 -19.00 -18.76
N ASP A 263 22.41 -18.12 -17.75
CA ASP A 263 23.35 -18.23 -16.63
C ASP A 263 22.95 -19.35 -15.68
N ASN A 264 23.91 -20.22 -15.36
CA ASN A 264 23.72 -21.29 -14.36
C ASN A 264 24.91 -21.26 -13.39
N LYS A 265 24.84 -20.38 -12.38
CA LYS A 265 25.90 -20.33 -11.38
C LYS A 265 25.52 -21.01 -10.08
N ALA A 266 24.22 -21.10 -9.77
CA ALA A 266 23.81 -21.74 -8.53
C ALA A 266 23.94 -23.26 -8.59
N HIS A 267 23.92 -23.83 -9.80
CA HIS A 267 23.94 -25.28 -10.05
C HIS A 267 22.81 -25.98 -9.29
N SER A 268 21.63 -25.36 -9.31
CA SER A 268 20.51 -25.80 -8.50
C SER A 268 19.30 -26.22 -9.33
N GLY A 269 19.52 -26.58 -10.60
CA GLY A 269 18.41 -26.98 -11.43
C GLY A 269 17.53 -25.86 -11.91
N ARG A 270 18.04 -24.64 -11.93
CA ARG A 270 17.27 -23.47 -12.37
C ARG A 270 18.20 -22.54 -13.12
N ILE A 271 17.85 -22.26 -14.38
CA ILE A 271 18.67 -21.39 -15.22
C ILE A 271 17.87 -20.15 -15.58
N PRO A 272 18.15 -19.00 -14.98
CA PRO A 272 17.45 -17.77 -15.37
C PRO A 272 17.88 -17.27 -16.73
N ILE A 273 16.91 -16.72 -17.46
CA ILE A 273 17.12 -16.21 -18.81
C ILE A 273 16.84 -14.72 -18.79
N SER A 274 17.73 -13.93 -19.41
CA SER A 274 17.61 -12.48 -19.39
C SER A 274 18.04 -11.93 -20.75
N LEU A 275 17.99 -10.60 -20.87
CA LEU A 275 18.35 -9.92 -22.11
C LEU A 275 18.84 -8.52 -21.75
N GLU A 276 19.95 -8.11 -22.37
CA GLU A 276 20.59 -6.83 -22.09
C GLU A 276 20.87 -6.11 -23.39
N THR A 277 20.85 -4.77 -23.33
CA THR A 277 21.21 -3.93 -24.47
C THR A 277 22.12 -2.79 -24.03
N GLN A 278 23.01 -2.39 -24.93
CA GLN A 278 23.84 -1.19 -24.78
C GLN A 278 23.72 -0.41 -26.09
N ALA A 279 22.85 0.59 -26.10
CA ALA A 279 22.55 1.34 -27.32
C ALA A 279 23.70 2.28 -27.64
N HIS A 280 24.62 1.84 -28.50
CA HIS A 280 25.75 2.65 -28.91
C HIS A 280 25.29 3.67 -29.94
N ILE A 281 25.60 4.94 -29.68
CA ILE A 281 25.02 6.05 -30.43
C ILE A 281 26.15 6.89 -31.03
N GLN A 282 26.09 7.11 -32.34
CA GLN A 282 26.90 8.12 -33.01
C GLN A 282 26.15 8.55 -34.26
N GLU A 283 26.75 9.48 -35.01
CA GLU A 283 26.14 9.93 -36.25
C GLU A 283 26.24 8.86 -37.34
N CYS A 284 25.46 9.04 -38.39
CA CYS A 284 25.46 8.17 -39.55
C CYS A 284 25.70 9.02 -40.79
N LYS A 285 26.57 8.53 -41.68
CA LYS A 285 27.13 9.33 -42.76
C LYS A 285 26.07 9.63 -43.81
N HIS A 286 25.57 10.86 -43.79
CA HIS A 286 24.48 11.40 -44.60
C HIS A 286 25.00 12.10 -45.84
N PRO A 287 24.34 11.90 -46.98
CA PRO A 287 24.55 12.78 -48.15
C PRO A 287 23.68 14.03 -48.16
N SER A 288 23.01 14.35 -47.06
CA SER A 288 22.09 15.47 -47.00
C SER A 288 22.85 16.76 -46.67
N VAL A 289 22.11 17.87 -46.58
CA VAL A 289 22.70 19.19 -46.45
C VAL A 289 21.79 20.03 -45.55
N PHE A 290 22.40 21.04 -44.91
CA PHE A 290 21.74 22.03 -44.05
C PHE A 290 21.05 21.38 -42.85
N GLN A 291 21.87 20.76 -41.99
CA GLN A 291 21.38 20.30 -40.70
C GLN A 291 21.43 21.41 -39.66
N HIS A 292 22.38 22.35 -39.80
CA HIS A 292 22.67 23.34 -38.77
C HIS A 292 21.76 24.56 -38.82
N GLY A 293 20.59 24.46 -39.45
CA GLY A 293 19.61 25.53 -39.35
C GLY A 293 18.86 25.51 -38.04
N ASP A 294 18.59 24.32 -37.50
CA ASP A 294 17.97 24.17 -36.19
C ASP A 294 18.98 23.86 -35.09
N ASN A 295 20.22 23.51 -35.45
CA ASN A 295 21.26 23.26 -34.45
C ASN A 295 21.75 24.55 -33.81
N SER A 296 21.52 25.70 -34.45
CA SER A 296 21.95 26.99 -33.93
C SER A 296 20.99 27.57 -32.88
N PHE A 297 20.07 26.77 -32.34
CA PHE A 297 19.14 27.22 -31.31
C PHE A 297 19.40 26.58 -29.96
N ARG A 298 20.43 25.73 -29.85
CA ARG A 298 20.69 24.99 -28.62
C ARG A 298 22.13 25.04 -28.14
N LEU A 299 23.10 25.32 -29.02
CA LEU A 299 24.49 25.37 -28.58
C LEU A 299 24.91 26.76 -28.16
N LEU A 300 24.30 27.80 -28.73
CA LEU A 300 24.56 29.16 -28.29
C LEU A 300 23.94 29.44 -26.93
N PHE A 301 22.92 28.67 -26.52
CA PHE A 301 22.30 28.83 -25.22
C PHE A 301 23.07 28.16 -24.10
N ASP A 302 23.91 27.17 -24.42
CA ASP A 302 24.66 26.45 -23.41
C ASP A 302 25.97 27.12 -23.03
N VAL A 303 26.55 27.94 -23.91
CA VAL A 303 27.74 28.70 -23.56
C VAL A 303 27.42 29.93 -22.72
N VAL A 304 26.13 30.31 -22.64
CA VAL A 304 25.73 31.38 -21.74
C VAL A 304 25.82 30.92 -20.30
N VAL A 305 25.51 29.64 -20.04
CA VAL A 305 25.62 29.07 -18.71
C VAL A 305 27.09 28.99 -18.29
N ILE A 306 27.98 28.73 -19.26
CA ILE A 306 29.42 28.75 -18.98
C ILE A 306 29.88 30.16 -18.65
N LEU A 307 29.23 31.17 -19.23
CA LEU A 307 29.57 32.56 -18.90
C LEU A 307 28.93 32.99 -17.59
N THR A 308 27.59 32.93 -17.51
CA THR A 308 26.86 33.56 -16.41
C THR A 308 27.06 32.87 -15.07
N CYS A 309 27.38 31.57 -15.06
CA CYS A 309 27.73 30.94 -13.79
C CYS A 309 29.18 31.23 -13.40
N SER A 310 30.05 31.44 -14.37
CA SER A 310 31.42 31.82 -14.07
C SER A 310 31.56 33.32 -13.84
N LEU A 311 30.71 34.12 -14.48
CA LEU A 311 30.69 35.56 -14.16
C LEU A 311 30.12 35.79 -12.77
N SER A 312 29.23 34.90 -12.31
CA SER A 312 28.82 34.89 -10.91
C SER A 312 29.83 34.19 -10.01
N PHE A 313 30.79 33.47 -10.57
CA PHE A 313 31.90 32.94 -9.79
C PHE A 313 32.98 33.98 -9.56
N LEU A 314 33.05 35.00 -10.42
CA LEU A 314 33.99 36.09 -10.20
C LEU A 314 33.54 36.99 -9.04
N LEU A 315 32.24 37.28 -8.96
CA LEU A 315 31.75 38.25 -7.98
C LEU A 315 31.53 37.62 -6.61
N CYS A 316 31.08 36.35 -6.55
CA CYS A 316 30.81 35.73 -5.27
C CYS A 316 32.09 35.31 -4.56
N ALA A 317 33.10 34.89 -5.31
CA ALA A 317 34.38 34.53 -4.70
C ALA A 317 35.13 35.77 -4.24
N ARG A 318 34.99 36.88 -4.97
CA ARG A 318 35.62 38.13 -4.55
C ARG A 318 34.99 38.66 -3.27
N SER A 319 33.70 38.37 -3.06
CA SER A 319 33.07 38.71 -1.79
C SER A 319 33.59 37.83 -0.66
N LEU A 320 34.16 36.67 -0.99
CA LEU A 320 34.78 35.83 0.03
C LEU A 320 36.21 36.27 0.29
N LEU A 321 36.86 36.90 -0.70
CA LEU A 321 38.15 37.53 -0.45
C LEU A 321 37.99 38.77 0.42
N ARG A 322 36.93 39.56 0.18
CA ARG A 322 36.72 40.78 0.95
C ARG A 322 36.34 40.47 2.39
N GLY A 323 35.73 39.30 2.62
CA GLY A 323 35.43 38.91 3.99
C GLY A 323 36.65 38.41 4.75
N PHE A 324 37.73 38.13 4.03
CA PHE A 324 38.93 37.62 4.69
C PHE A 324 39.91 38.74 5.01
N LEU A 325 39.90 39.81 4.21
CA LEU A 325 40.74 40.96 4.51
C LEU A 325 40.22 41.73 5.72
N LEU A 326 38.90 41.73 5.92
CA LEU A 326 38.34 42.39 7.10
C LEU A 326 38.51 41.56 8.37
N GLN A 327 38.97 40.32 8.26
CA GLN A 327 39.38 39.58 9.44
C GLN A 327 40.68 40.13 10.00
N ASN A 328 41.58 40.60 9.11
CA ASN A 328 42.82 41.22 9.56
C ASN A 328 42.56 42.59 10.18
N GLU A 329 41.59 43.34 9.62
CA GLU A 329 41.29 44.67 10.14
C GLU A 329 40.59 44.62 11.50
N PHE A 330 39.89 43.53 11.80
CA PHE A 330 39.14 43.45 13.04
C PHE A 330 40.03 43.02 14.21
N VAL A 331 40.63 41.84 14.11
CA VAL A 331 41.44 41.32 15.21
C VAL A 331 42.82 41.99 15.24
N GLY A 332 43.23 42.66 14.16
CA GLY A 332 44.53 43.31 14.15
C GLY A 332 44.57 44.53 15.06
N PHE A 333 43.55 45.37 14.98
CA PHE A 333 43.46 46.53 15.86
C PHE A 333 42.90 46.17 17.24
N MET A 334 42.42 44.95 17.43
CA MET A 334 42.11 44.44 18.76
C MET A 334 43.32 43.66 19.27
N TRP A 335 44.31 44.43 19.73
CA TRP A 335 45.66 43.93 20.03
C TRP A 335 45.66 43.20 21.38
N ARG A 336 44.98 42.05 21.39
CA ARG A 336 44.76 41.20 22.57
C ARG A 336 44.21 42.00 23.75
N GLN A 337 43.17 42.79 23.46
CA GLN A 337 42.63 43.71 24.46
C GLN A 337 41.78 42.98 25.49
N ARG A 338 40.85 42.15 25.02
CA ARG A 338 40.05 41.31 25.92
C ARG A 338 40.69 39.90 26.01
N GLY A 339 41.96 39.91 26.38
CA GLY A 339 42.65 38.70 26.81
C GLY A 339 42.99 37.74 25.69
N ARG A 340 41.98 37.04 25.19
CA ARG A 340 42.09 36.04 24.14
C ARG A 340 40.88 36.16 23.24
N VAL A 341 41.11 36.33 21.94
CA VAL A 341 40.06 36.68 20.99
C VAL A 341 39.67 35.48 20.13
N ILE A 342 40.62 34.90 19.40
CA ILE A 342 40.34 33.86 18.42
C ILE A 342 40.39 32.50 19.11
N SER A 343 39.27 31.77 19.05
CA SER A 343 39.17 30.42 19.57
C SER A 343 38.52 29.49 18.54
N LEU A 344 38.81 29.74 17.26
CA LEU A 344 38.29 28.99 16.10
C LEU A 344 36.76 29.02 16.03
N TRP A 345 36.15 30.11 16.53
CA TRP A 345 34.73 30.34 16.32
C TRP A 345 34.49 31.76 15.85
N GLU A 346 35.37 32.69 16.25
CA GLU A 346 35.25 34.08 15.85
C GLU A 346 35.84 34.35 14.48
N ARG A 347 36.60 33.40 13.92
CA ARG A 347 37.11 33.57 12.56
C ARG A 347 36.03 33.27 11.53
N LEU A 348 35.16 32.30 11.81
CA LEU A 348 34.11 31.91 10.87
C LEU A 348 32.88 32.80 10.93
N GLU A 349 32.92 33.89 11.71
CA GLU A 349 31.83 34.86 11.67
C GLU A 349 31.80 35.62 10.35
N PHE A 350 32.98 35.90 9.78
CA PHE A 350 33.03 36.53 8.47
C PHE A 350 32.59 35.58 7.38
N VAL A 351 32.83 34.28 7.54
CA VAL A 351 32.45 33.28 6.55
C VAL A 351 30.96 33.01 6.72
N ASN A 352 30.15 33.49 5.79
CA ASN A 352 28.71 33.27 5.81
C ASN A 352 28.35 32.09 4.90
N GLY A 353 27.36 31.31 5.33
CA GLY A 353 27.04 30.04 4.71
C GLY A 353 26.34 30.09 3.38
N TRP A 354 26.09 31.27 2.81
CA TRP A 354 25.43 31.36 1.52
C TRP A 354 26.38 31.54 0.36
N TYR A 355 27.49 32.27 0.55
CA TYR A 355 28.49 32.40 -0.50
C TYR A 355 29.34 31.15 -0.66
N ILE A 356 29.46 30.33 0.39
CA ILE A 356 30.15 29.05 0.25
C ILE A 356 29.27 28.06 -0.52
N LEU A 357 27.97 28.31 -0.60
CA LEU A 357 27.04 27.44 -1.33
C LEU A 357 26.99 27.77 -2.81
N LEU A 358 27.01 29.06 -3.17
CA LEU A 358 26.93 29.44 -4.58
C LEU A 358 28.25 29.25 -5.31
N VAL A 359 29.38 29.32 -4.59
CA VAL A 359 30.67 29.01 -5.20
C VAL A 359 30.75 27.53 -5.56
N THR A 360 30.29 26.66 -4.65
CA THR A 360 30.27 25.23 -4.93
C THR A 360 29.25 24.89 -6.02
N SER A 361 28.10 25.59 -6.02
CA SER A 361 27.09 25.36 -7.05
C SER A 361 27.51 25.87 -8.42
N ASP A 362 28.52 26.75 -8.49
CA ASP A 362 29.07 27.16 -9.78
C ASP A 362 30.09 26.16 -10.30
N VAL A 363 30.79 25.45 -9.40
CA VAL A 363 31.72 24.42 -9.82
C VAL A 363 30.97 23.21 -10.34
N LEU A 364 29.89 22.83 -9.66
CA LEU A 364 29.07 21.70 -10.10
C LEU A 364 28.36 21.99 -11.43
N THR A 365 28.04 23.25 -11.70
CA THR A 365 27.37 23.59 -12.95
C THR A 365 28.36 23.62 -14.11
N ILE A 366 29.54 24.21 -13.90
CA ILE A 366 30.53 24.32 -14.98
C ILE A 366 31.15 22.98 -15.32
N SER A 367 31.11 22.01 -14.40
CA SER A 367 31.56 20.66 -14.68
C SER A 367 30.49 19.81 -15.37
N GLY A 368 29.26 20.31 -15.47
CA GLY A 368 28.21 19.59 -16.15
C GLY A 368 27.90 20.15 -17.52
N THR A 369 28.22 21.42 -17.73
CA THR A 369 28.01 22.03 -19.04
C THR A 369 29.06 21.60 -20.04
N ILE A 370 30.29 21.34 -19.59
CA ILE A 370 31.33 20.86 -20.48
C ILE A 370 31.02 19.45 -20.96
N MET A 371 30.47 18.61 -20.08
CA MET A 371 30.15 17.23 -20.44
C MET A 371 28.96 17.17 -21.39
N LYS A 372 28.01 18.11 -21.28
CA LYS A 372 26.84 18.09 -22.14
C LYS A 372 27.16 18.52 -23.57
N ILE A 373 28.30 19.20 -23.78
CA ILE A 373 28.75 19.54 -25.13
C ILE A 373 29.10 18.28 -25.92
N GLY A 374 29.45 17.20 -25.23
CA GLY A 374 29.63 15.91 -25.86
C GLY A 374 28.36 15.22 -26.32
N ILE A 375 27.58 15.92 -27.14
CA ILE A 375 26.42 15.35 -27.82
C ILE A 375 26.40 15.72 -29.30
N GLU A 376 27.15 16.74 -29.72
CA GLU A 376 27.30 17.15 -31.11
C GLU A 376 27.97 16.08 -31.96
N ALA A 377 29.24 15.81 -31.68
CA ALA A 377 29.98 14.77 -32.40
C ALA A 377 30.92 13.97 -31.51
N LYS A 378 31.03 14.28 -30.23
CA LYS A 378 31.99 13.61 -29.36
C LYS A 378 31.51 12.19 -29.04
N ASN A 379 32.46 11.29 -28.84
CA ASN A 379 32.19 9.87 -28.65
C ASN A 379 32.15 9.48 -27.18
N LEU A 380 31.65 10.36 -26.31
CA LEU A 380 31.45 10.01 -24.92
C LEU A 380 30.04 9.46 -24.73
N ALA A 381 29.92 8.38 -23.96
CA ALA A 381 28.62 7.81 -23.60
C ALA A 381 28.62 7.62 -22.09
N SER A 382 28.29 8.69 -21.37
CA SER A 382 28.18 8.64 -19.91
C SER A 382 27.16 9.70 -19.49
N TYR A 383 25.90 9.27 -19.35
CA TYR A 383 24.84 10.15 -18.89
C TYR A 383 24.61 10.05 -17.39
N ASP A 384 25.23 9.08 -16.72
CA ASP A 384 25.06 8.94 -15.29
C ASP A 384 25.85 10.00 -14.53
N VAL A 385 26.99 10.42 -15.08
CA VAL A 385 27.79 11.46 -14.45
C VAL A 385 27.26 12.84 -14.84
N CYS A 386 26.85 13.01 -16.09
CA CYS A 386 26.42 14.32 -16.59
C CYS A 386 25.10 14.76 -15.96
N SER A 387 24.23 13.83 -15.60
CA SER A 387 22.95 14.19 -15.03
C SER A 387 23.02 14.47 -13.53
N ILE A 388 23.98 13.88 -12.82
CA ILE A 388 24.13 14.19 -11.40
C ILE A 388 24.78 15.56 -11.22
N LEU A 389 25.77 15.89 -12.07
CA LEU A 389 26.43 17.18 -11.98
C LEU A 389 25.49 18.33 -12.34
N LEU A 390 24.50 18.08 -13.21
CA LEU A 390 23.48 19.09 -13.47
C LEU A 390 22.36 19.04 -12.44
N GLY A 391 22.04 17.84 -11.94
CA GLY A 391 20.89 17.72 -11.04
C GLY A 391 21.20 18.20 -9.63
N THR A 392 22.38 17.87 -9.11
CA THR A 392 22.73 18.30 -7.77
C THR A 392 23.03 19.80 -7.74
N SER A 393 23.50 20.35 -8.86
CA SER A 393 23.72 21.79 -8.93
C SER A 393 22.39 22.55 -8.96
N THR A 394 21.38 22.00 -9.64
CA THR A 394 20.08 22.64 -9.72
C THR A 394 19.35 22.56 -8.38
N LEU A 395 19.65 21.53 -7.58
CA LEU A 395 19.12 21.45 -6.23
C LEU A 395 19.66 22.57 -5.34
N LEU A 396 20.92 22.97 -5.56
CA LEU A 396 21.52 24.00 -4.73
C LEU A 396 21.21 25.40 -5.24
N VAL A 397 20.90 25.56 -6.52
CA VAL A 397 20.50 26.86 -7.06
C VAL A 397 19.14 27.27 -6.49
N TRP A 398 18.20 26.32 -6.41
CA TRP A 398 16.85 26.66 -5.96
C TRP A 398 16.78 26.95 -4.47
N VAL A 399 17.59 26.28 -3.64
CA VAL A 399 17.54 26.53 -2.20
C VAL A 399 18.20 27.85 -1.81
N GLY A 400 18.88 28.51 -2.75
CA GLY A 400 19.40 29.85 -2.49
C GLY A 400 18.35 30.94 -2.48
N VAL A 401 17.14 30.63 -2.94
CA VAL A 401 16.04 31.59 -2.93
C VAL A 401 15.54 31.83 -1.49
N ILE A 402 15.85 30.90 -0.58
CA ILE A 402 15.53 31.06 0.84
C ILE A 402 16.26 32.26 1.42
N ARG A 403 17.46 32.58 0.90
CA ARG A 403 18.17 33.79 1.28
C ARG A 403 17.41 35.05 0.87
N TYR A 404 16.71 34.99 -0.27
CA TYR A 404 15.86 36.12 -0.65
C TYR A 404 14.62 36.20 0.24
N LEU A 405 14.19 35.06 0.78
CA LEU A 405 13.08 35.07 1.73
C LEU A 405 13.59 35.27 3.16
N THR A 406 14.90 35.25 3.36
CA THR A 406 15.45 35.44 4.70
C THR A 406 15.33 36.88 5.16
N PHE A 407 15.55 37.84 4.25
CA PHE A 407 15.49 39.25 4.63
C PHE A 407 14.06 39.78 4.58
N PHE A 408 13.20 39.17 5.40
CA PHE A 408 11.86 39.67 5.70
C PHE A 408 11.56 39.36 7.15
N HIS A 409 10.88 40.30 7.82
CA HIS A 409 10.68 40.19 9.26
C HIS A 409 9.57 39.21 9.65
N ASN A 410 8.86 38.64 8.69
CA ASN A 410 7.84 37.63 8.98
C ASN A 410 8.22 36.23 8.52
N TYR A 411 9.17 36.09 7.60
CA TYR A 411 9.68 34.78 7.22
C TYR A 411 10.88 34.37 8.03
N ASN A 412 11.52 35.30 8.74
CA ASN A 412 12.75 35.00 9.47
C ASN A 412 12.47 34.12 10.70
N ILE A 413 11.28 34.26 11.29
CA ILE A 413 10.91 33.42 12.43
C ILE A 413 10.74 31.98 11.99
N LEU A 414 10.19 31.77 10.80
CA LEU A 414 9.93 30.43 10.27
C LEU A 414 11.20 29.72 9.78
N ILE A 415 12.31 30.43 9.65
CA ILE A 415 13.55 29.87 9.15
C ILE A 415 14.60 29.75 10.24
N ALA A 416 14.71 30.75 11.11
CA ALA A 416 15.72 30.73 12.17
C ALA A 416 15.42 29.70 13.26
N THR A 417 14.20 29.15 13.32
CA THR A 417 13.97 27.99 14.17
C THR A 417 14.65 26.75 13.61
N LEU A 418 14.85 26.70 12.29
CA LEU A 418 15.58 25.60 11.67
C LEU A 418 17.08 25.79 11.73
N ARG A 419 17.58 26.83 12.40
CA ARG A 419 18.99 26.95 12.73
C ARG A 419 19.25 26.75 14.21
N VAL A 420 18.24 26.95 15.06
CA VAL A 420 18.37 26.66 16.48
C VAL A 420 18.14 25.19 16.75
N ALA A 421 17.13 24.59 16.12
CA ALA A 421 16.80 23.19 16.33
C ALA A 421 17.70 22.25 15.54
N LEU A 422 18.38 22.72 14.51
CA LEU A 422 19.26 21.91 13.67
C LEU A 422 20.43 21.28 14.42
N PRO A 423 21.04 21.90 15.44
CA PRO A 423 21.89 21.09 16.33
C PRO A 423 21.12 20.04 17.12
N SER A 424 20.02 20.41 17.78
CA SER A 424 19.33 19.50 18.68
C SER A 424 18.66 18.33 17.95
N VAL A 425 18.24 18.52 16.71
CA VAL A 425 17.71 17.42 15.92
C VAL A 425 18.83 16.48 15.49
N MET A 426 19.96 17.05 15.05
CA MET A 426 21.07 16.23 14.57
C MET A 426 21.81 15.54 15.72
N ARG A 427 21.77 16.13 16.92
CA ARG A 427 22.31 15.42 18.08
C ARG A 427 21.46 14.20 18.42
N PHE A 428 20.14 14.33 18.36
CA PHE A 428 19.24 13.23 18.67
C PHE A 428 19.24 12.17 17.59
N CYS A 429 19.59 12.52 16.35
CA CYS A 429 19.69 11.55 15.27
C CYS A 429 20.88 10.61 15.46
N CYS A 430 21.87 11.00 16.26
CA CYS A 430 22.97 10.11 16.61
C CYS A 430 22.64 9.19 17.78
N CYS A 431 21.62 9.54 18.58
CA CYS A 431 21.15 8.64 19.63
C CYS A 431 20.12 7.65 19.14
N VAL A 432 19.68 7.77 17.88
CA VAL A 432 18.70 6.86 17.29
C VAL A 432 19.35 5.97 16.25
N ALA A 433 20.32 6.49 15.49
CA ALA A 433 21.05 5.69 14.51
C ALA A 433 22.00 4.70 15.16
N VAL A 434 22.16 4.73 16.48
CA VAL A 434 22.81 3.64 17.19
C VAL A 434 21.79 2.55 17.51
N ILE A 435 20.58 2.94 17.88
CA ILE A 435 19.50 1.98 18.10
C ILE A 435 19.03 1.38 16.78
N TYR A 436 18.96 2.21 15.73
CA TYR A 436 18.46 1.77 14.43
C TYR A 436 19.39 0.77 13.76
N LEU A 437 20.70 0.90 13.98
CA LEU A 437 21.64 -0.12 13.51
C LEU A 437 21.62 -1.37 14.38
N GLY A 438 21.01 -1.31 15.56
CA GLY A 438 20.88 -2.50 16.38
C GLY A 438 19.87 -3.49 15.82
N TYR A 439 18.71 -2.97 15.40
CA TYR A 439 17.65 -3.81 14.87
C TYR A 439 17.91 -4.30 13.45
N CYS A 440 18.91 -3.76 12.76
CA CYS A 440 19.23 -4.25 11.43
C CYS A 440 19.98 -5.57 11.47
N PHE A 441 20.92 -5.73 12.41
CA PHE A 441 21.66 -6.98 12.50
C PHE A 441 20.85 -8.09 13.17
N CYS A 442 19.93 -7.73 14.06
CA CYS A 442 19.10 -8.75 14.71
C CYS A 442 18.06 -9.31 13.77
N GLY A 443 17.55 -8.49 12.84
CA GLY A 443 16.55 -8.97 11.91
C GLY A 443 17.10 -9.67 10.69
N TRP A 444 18.37 -9.43 10.36
CA TRP A 444 18.95 -9.97 9.13
C TRP A 444 19.34 -11.43 9.26
N ILE A 445 19.68 -11.90 10.45
CA ILE A 445 20.10 -13.28 10.63
C ILE A 445 19.01 -14.20 11.16
N VAL A 446 18.01 -13.65 11.86
CA VAL A 446 16.92 -14.48 12.37
C VAL A 446 15.81 -14.61 11.34
N LEU A 447 15.35 -13.48 10.78
CA LEU A 447 14.35 -13.47 9.74
C LEU A 447 14.97 -13.50 8.34
N GLY A 448 16.17 -14.03 8.21
CA GLY A 448 16.91 -14.05 6.98
C GLY A 448 16.61 -15.20 6.04
N PRO A 449 16.79 -16.44 6.49
CA PRO A 449 16.47 -17.60 5.62
C PRO A 449 14.99 -17.73 5.27
N TYR A 450 14.09 -17.28 6.14
CA TYR A 450 12.67 -17.57 5.95
C TYR A 450 11.94 -16.55 5.09
N HIS A 451 12.48 -15.33 4.93
CA HIS A 451 11.75 -14.26 4.29
C HIS A 451 12.64 -13.58 3.25
N VAL A 452 11.99 -12.91 2.30
CA VAL A 452 12.66 -12.34 1.14
C VAL A 452 12.98 -10.87 1.38
N LYS A 453 12.10 -10.20 2.12
CA LYS A 453 12.31 -8.77 2.41
C LYS A 453 13.51 -8.56 3.32
N PHE A 454 13.74 -9.48 4.25
CA PHE A 454 14.89 -9.40 5.15
C PHE A 454 16.00 -10.33 4.65
N ARG A 455 16.71 -9.86 3.64
CA ARG A 455 17.75 -10.67 3.01
C ARG A 455 19.13 -10.03 3.06
N SER A 456 19.23 -8.71 2.90
CA SER A 456 20.50 -8.03 2.96
C SER A 456 20.30 -6.67 3.63
N LEU A 457 21.40 -6.11 4.15
CA LEU A 457 21.33 -4.83 4.86
C LEU A 457 21.02 -3.65 3.94
N SER A 458 21.17 -3.82 2.63
CA SER A 458 20.64 -2.83 1.70
C SER A 458 19.13 -2.93 1.57
N MET A 459 18.53 -4.03 2.02
CA MET A 459 17.09 -4.23 1.94
C MET A 459 16.42 -4.27 3.31
N VAL A 460 17.15 -4.67 4.36
CA VAL A 460 16.61 -4.64 5.71
C VAL A 460 16.44 -3.20 6.18
N SER A 461 17.43 -2.34 5.88
CA SER A 461 17.37 -0.93 6.25
C SER A 461 16.41 -0.12 5.39
N GLU A 462 15.81 -0.73 4.36
CA GLU A 462 14.73 -0.11 3.60
C GLU A 462 13.37 -0.60 4.06
N CYS A 463 13.29 -1.82 4.59
CA CYS A 463 12.03 -2.37 5.06
C CYS A 463 11.77 -2.03 6.53
N LEU A 464 12.82 -1.74 7.30
CA LEU A 464 12.63 -1.26 8.66
C LEU A 464 12.39 0.24 8.72
N PHE A 465 12.85 0.99 7.71
CA PHE A 465 12.65 2.43 7.69
C PHE A 465 11.32 2.82 7.08
N SER A 466 10.81 2.03 6.13
CA SER A 466 9.47 2.26 5.60
C SER A 466 8.38 1.77 6.53
N LEU A 467 8.72 0.99 7.54
CA LEU A 467 7.74 0.45 8.48
C LEU A 467 7.49 1.38 9.66
N ILE A 468 8.41 2.30 9.96
CA ILE A 468 8.18 3.29 11.00
C ILE A 468 7.50 4.54 10.47
N ASN A 469 7.33 4.66 9.15
CA ASN A 469 6.60 5.77 8.56
C ASN A 469 5.21 5.36 8.07
N GLY A 470 4.87 4.07 8.17
CA GLY A 470 3.54 3.61 7.84
C GLY A 470 3.34 3.14 6.41
N ASP A 471 4.16 2.20 5.94
CA ASP A 471 3.98 1.64 4.61
C ASP A 471 4.57 0.23 4.57
N ASP A 472 3.86 -0.67 3.89
CA ASP A 472 4.17 -2.11 3.80
C ASP A 472 4.37 -2.71 5.19
N MET A 473 3.36 -2.50 6.02
CA MET A 473 3.35 -2.92 7.41
C MET A 473 2.61 -4.23 7.61
N PHE A 474 1.34 -4.30 7.19
CA PHE A 474 0.58 -5.54 7.27
C PHE A 474 1.08 -6.58 6.27
N VAL A 475 1.79 -6.16 5.22
CA VAL A 475 2.39 -7.11 4.30
C VAL A 475 3.51 -7.88 4.99
N THR A 476 4.27 -7.21 5.87
CA THR A 476 5.31 -7.89 6.63
C THR A 476 4.75 -8.75 7.76
N PHE A 477 3.62 -8.36 8.35
CA PHE A 477 3.01 -9.22 9.37
C PHE A 477 2.39 -10.46 8.75
N ALA A 478 1.72 -10.32 7.60
CA ALA A 478 1.10 -11.46 6.95
C ALA A 478 2.11 -12.40 6.33
N ALA A 479 3.32 -11.93 6.05
CA ALA A 479 4.37 -12.81 5.53
C ALA A 479 5.02 -13.65 6.62
N MET A 480 4.91 -13.22 7.88
CA MET A 480 5.46 -14.04 8.97
C MET A 480 4.62 -15.29 9.21
N GLN A 481 3.30 -15.19 9.03
CA GLN A 481 2.40 -16.30 9.34
C GLN A 481 2.38 -17.39 8.29
N ALA A 482 3.10 -17.22 7.17
CA ALA A 482 3.31 -18.33 6.26
C ALA A 482 4.33 -19.34 6.78
N GLN A 483 5.07 -18.98 7.83
CA GLN A 483 5.99 -19.86 8.53
C GLN A 483 5.53 -20.06 9.97
N GLN A 484 4.22 -20.18 10.18
CA GLN A 484 3.70 -20.34 11.53
C GLN A 484 3.87 -21.77 12.02
N GLY A 485 3.37 -22.76 11.27
CA GLY A 485 3.59 -24.15 11.64
C GLY A 485 5.03 -24.57 11.43
N ARG A 486 5.67 -24.04 10.39
CA ARG A 486 7.07 -24.34 10.10
C ARG A 486 7.95 -23.59 11.09
N SER A 487 8.47 -24.31 12.09
CA SER A 487 9.42 -23.82 13.10
C SER A 487 8.83 -22.63 13.87
N SER A 488 7.79 -22.94 14.67
CA SER A 488 6.94 -21.98 15.38
C SER A 488 7.67 -21.15 16.45
N LEU A 489 8.97 -21.27 16.70
CA LEU A 489 9.65 -20.39 17.63
C LEU A 489 10.17 -19.13 16.94
N VAL A 490 10.41 -19.20 15.63
CA VAL A 490 10.80 -18.02 14.87
C VAL A 490 9.61 -17.07 14.74
N TRP A 491 8.40 -17.63 14.60
CA TRP A 491 7.19 -16.82 14.51
C TRP A 491 6.90 -16.08 15.82
N LEU A 492 7.26 -16.68 16.96
CA LEU A 492 7.08 -16.01 18.24
C LEU A 492 8.08 -14.89 18.43
N PHE A 493 9.31 -15.06 17.91
CA PHE A 493 10.29 -13.98 17.99
C PHE A 493 9.97 -12.86 17.00
N SER A 494 9.34 -13.19 15.87
CA SER A 494 8.98 -12.17 14.89
C SER A 494 7.80 -11.33 15.33
N GLN A 495 7.07 -11.74 16.36
CA GLN A 495 6.05 -10.88 16.95
C GLN A 495 6.64 -9.97 18.02
N LEU A 496 7.66 -10.43 18.76
CA LEU A 496 8.35 -9.56 19.68
C LEU A 496 9.24 -8.56 18.96
N TYR A 497 9.73 -8.91 17.77
CA TYR A 497 10.61 -8.02 17.02
C TYR A 497 9.82 -6.95 16.28
N LEU A 498 8.67 -7.31 15.70
CA LEU A 498 7.89 -6.37 14.90
C LEU A 498 6.79 -5.67 15.68
N TYR A 499 6.74 -5.84 17.00
CA TYR A 499 5.88 -5.00 17.84
C TYR A 499 6.66 -4.01 18.68
N SER A 500 7.91 -4.34 19.05
CA SER A 500 8.73 -3.44 19.86
C SER A 500 9.48 -2.43 19.01
N PHE A 501 9.89 -2.80 17.81
CA PHE A 501 10.54 -1.86 16.91
C PHE A 501 9.57 -0.81 16.39
N ILE A 502 8.31 -1.18 16.20
CA ILE A 502 7.32 -0.27 15.63
C ILE A 502 6.70 0.65 16.68
N SER A 503 6.75 0.28 17.96
CA SER A 503 6.18 1.09 19.02
C SER A 503 7.25 1.84 19.79
N LEU A 504 8.48 1.84 19.27
CA LEU A 504 9.57 2.64 19.81
C LEU A 504 9.85 3.87 18.95
N PHE A 505 9.82 3.72 17.63
CA PHE A 505 10.16 4.79 16.71
C PHE A 505 8.94 5.55 16.18
N ILE A 506 7.74 5.20 16.63
CA ILE A 506 6.53 5.93 16.27
C ILE A 506 5.91 6.62 17.48
N TYR A 507 5.84 5.93 18.62
CA TYR A 507 5.14 6.45 19.78
C TYR A 507 6.03 7.30 20.69
N MET A 508 7.34 7.08 20.70
CA MET A 508 8.24 7.89 21.50
C MET A 508 9.26 8.66 20.68
N VAL A 509 10.03 7.98 19.82
CA VAL A 509 11.14 8.63 19.12
C VAL A 509 10.62 9.60 18.07
N LEU A 510 9.52 9.25 17.39
CA LEU A 510 8.89 10.21 16.49
C LEU A 510 8.27 11.37 17.25
N SER A 511 7.92 11.16 18.52
CA SER A 511 7.37 12.22 19.35
C SER A 511 8.44 13.10 20.00
N LEU A 512 9.72 12.75 19.86
CA LEU A 512 10.77 13.69 20.27
C LEU A 512 10.96 14.80 19.24
N PHE A 513 10.89 14.47 17.95
CA PHE A 513 11.09 15.45 16.90
C PHE A 513 9.98 16.51 16.85
N ILE A 514 8.80 16.20 17.40
CA ILE A 514 7.77 17.22 17.55
C ILE A 514 8.08 18.12 18.75
N ALA A 515 8.61 17.54 19.83
CA ALA A 515 8.91 18.31 21.03
C ALA A 515 10.18 19.13 20.92
N LEU A 516 11.08 18.78 19.99
CA LEU A 516 12.29 19.58 19.82
C LEU A 516 12.05 20.83 18.97
N ILE A 517 11.12 20.76 18.02
CA ILE A 517 10.80 21.93 17.20
C ILE A 517 9.97 22.93 18.01
N THR A 518 8.99 22.43 18.76
CA THR A 518 8.16 23.30 19.60
C THR A 518 8.99 23.91 20.74
N GLY A 519 9.93 23.13 21.29
CA GLY A 519 10.84 23.66 22.30
C GLY A 519 11.84 24.66 21.75
N ALA A 520 12.09 24.63 20.44
CA ALA A 520 12.93 25.62 19.79
C ALA A 520 12.12 26.67 19.04
N TYR A 521 10.80 26.66 19.19
CA TYR A 521 9.94 27.70 18.63
C TYR A 521 9.48 28.69 19.69
N ASP A 522 9.39 28.26 20.95
CA ASP A 522 9.11 29.19 22.03
C ASP A 522 10.31 30.05 22.37
N THR A 523 11.52 29.62 22.01
CA THR A 523 12.74 30.35 22.32
C THR A 523 13.16 31.30 21.20
N ILE A 524 12.20 31.79 20.40
CA ILE A 524 12.51 32.77 19.37
C ILE A 524 11.57 33.96 19.54
N LYS A 525 10.53 33.78 20.38
CA LYS A 525 9.59 34.87 20.64
C LYS A 525 9.18 34.99 22.09
N HIS A 526 9.74 34.19 23.00
CA HIS A 526 9.45 34.32 24.42
C HIS A 526 10.74 34.29 25.22
N GLU B 38 27.19 11.04 55.81
CA GLU B 38 28.40 11.17 55.01
C GLU B 38 29.58 11.54 55.90
N GLU B 39 29.90 10.68 56.87
CA GLU B 39 30.94 10.99 57.83
C GLU B 39 32.33 10.65 57.29
N ASP B 40 32.56 9.37 57.00
CA ASP B 40 33.92 8.85 56.81
C ASP B 40 34.31 8.66 55.36
N LEU B 41 33.37 8.36 54.47
CA LEU B 41 33.69 7.82 53.16
C LEU B 41 33.42 8.80 52.02
N ARG B 42 33.77 10.08 52.21
CA ARG B 42 33.66 11.03 51.11
C ARG B 42 34.69 10.73 50.02
N ARG B 43 35.84 10.18 50.41
CA ARG B 43 36.84 9.76 49.42
C ARG B 43 36.39 8.52 48.65
N ARG B 44 35.58 7.66 49.26
CA ARG B 44 35.23 6.37 48.67
C ARG B 44 33.82 6.28 48.12
N LEU B 45 32.81 6.78 48.86
CA LEU B 45 31.43 6.68 48.37
C LEU B 45 31.17 7.66 47.24
N LYS B 46 31.85 8.79 47.23
CA LYS B 46 31.76 9.75 46.13
C LYS B 46 32.84 9.53 45.08
N TYR B 47 33.55 8.40 45.17
CA TYR B 47 34.33 7.88 44.06
C TYR B 47 33.57 6.82 43.27
N PHE B 48 32.56 6.20 43.90
CA PHE B 48 31.70 5.28 43.18
C PHE B 48 30.78 6.04 42.21
N PHE B 49 30.02 6.99 42.73
CA PHE B 49 29.26 7.91 41.88
C PHE B 49 30.24 8.86 41.22
N MET B 50 30.46 8.71 39.92
CA MET B 50 31.62 9.31 39.27
C MET B 50 31.44 9.30 37.76
N SER B 51 31.71 10.43 37.12
CA SER B 51 31.81 10.47 35.68
C SER B 51 33.17 9.91 35.25
N PRO B 52 33.23 9.10 34.20
CA PRO B 52 34.51 8.46 33.82
C PRO B 52 35.55 9.42 33.27
N CYS B 53 35.18 10.64 32.89
CA CYS B 53 36.16 11.62 32.47
C CYS B 53 36.86 12.29 33.64
N ASP B 54 36.30 12.18 34.85
CA ASP B 54 36.94 12.68 36.06
C ASP B 54 37.78 11.62 36.76
N LYS B 55 38.01 10.47 36.11
CA LYS B 55 38.86 9.44 36.70
C LYS B 55 40.33 9.84 36.66
N PHE B 56 40.72 10.64 35.67
CA PHE B 56 42.11 11.01 35.50
C PHE B 56 42.56 12.05 36.53
N ARG B 57 41.63 12.88 37.00
CA ARG B 57 41.99 14.00 37.86
C ARG B 57 42.24 13.55 39.30
N ALA B 58 41.44 12.62 39.81
CA ALA B 58 41.55 12.23 41.22
C ALA B 58 42.78 11.34 41.46
N LYS B 59 42.82 10.16 40.84
CA LYS B 59 43.95 9.26 40.98
C LYS B 59 44.67 9.03 39.65
N GLY B 60 43.96 8.58 38.63
CA GLY B 60 44.56 8.45 37.31
C GLY B 60 45.08 7.07 36.95
N ARG B 61 44.38 6.40 36.03
CA ARG B 61 44.86 5.19 35.40
C ARG B 61 44.23 5.13 34.01
N LYS B 62 44.98 4.56 33.06
CA LYS B 62 44.52 4.51 31.67
C LYS B 62 43.29 3.62 31.55
N PRO B 63 42.34 3.95 30.64
CA PRO B 63 41.07 3.19 30.57
C PRO B 63 41.22 1.85 29.88
N CYS B 64 41.86 0.90 30.57
CA CYS B 64 41.82 -0.49 30.12
C CYS B 64 40.53 -1.17 30.55
N LYS B 65 39.78 -0.56 31.46
CA LYS B 65 38.46 -1.06 31.82
C LYS B 65 37.42 -0.60 30.82
N LEU B 66 37.57 0.62 30.29
CA LEU B 66 36.54 1.23 29.45
C LEU B 66 36.64 0.75 28.01
N MET B 67 37.85 0.73 27.45
CA MET B 67 38.05 0.45 26.04
C MET B 67 37.97 -1.04 25.72
N LEU B 68 37.85 -1.89 26.74
CA LEU B 68 37.57 -3.30 26.50
C LEU B 68 36.18 -3.48 25.89
N GLN B 69 35.21 -2.68 26.31
CA GLN B 69 33.87 -2.73 25.73
C GLN B 69 33.85 -2.19 24.32
N VAL B 70 34.79 -1.29 23.99
CA VAL B 70 34.88 -0.76 22.62
C VAL B 70 35.40 -1.84 21.67
N VAL B 71 36.24 -2.74 22.17
CA VAL B 71 36.68 -3.88 21.38
C VAL B 71 35.52 -4.83 21.10
N LYS B 72 34.61 -4.97 22.07
CA LYS B 72 33.43 -5.84 21.91
C LYS B 72 32.50 -5.35 20.81
N ILE B 73 32.52 -4.05 20.48
CA ILE B 73 31.78 -3.55 19.33
C ILE B 73 32.35 -4.12 18.05
N LEU B 74 33.67 -4.13 17.92
CA LEU B 74 34.34 -4.53 16.69
C LEU B 74 34.65 -6.01 16.61
N VAL B 75 34.30 -6.81 17.62
CA VAL B 75 34.53 -8.25 17.60
C VAL B 75 33.24 -9.02 17.39
N VAL B 76 32.16 -8.60 18.04
CA VAL B 76 30.88 -9.30 17.92
C VAL B 76 30.22 -9.01 16.57
N THR B 77 30.32 -7.76 16.10
CA THR B 77 29.68 -7.37 14.84
C THR B 77 30.34 -8.06 13.65
N VAL B 78 31.67 -8.15 13.64
CA VAL B 78 32.39 -8.78 12.54
C VAL B 78 32.17 -10.30 12.55
N GLN B 79 31.91 -10.87 13.74
CA GLN B 79 31.53 -12.29 13.83
C GLN B 79 30.19 -12.54 13.15
N LEU B 80 29.26 -11.61 13.28
CA LEU B 80 27.92 -11.80 12.73
C LEU B 80 27.90 -11.63 11.21
N ILE B 81 28.74 -10.74 10.67
CA ILE B 81 28.74 -10.51 9.23
C ILE B 81 29.42 -11.67 8.51
N LEU B 82 30.47 -12.24 9.08
CA LEU B 82 31.12 -13.38 8.46
C LEU B 82 30.28 -14.64 8.59
N PHE B 83 29.43 -14.72 9.61
CA PHE B 83 28.50 -15.83 9.72
C PHE B 83 27.21 -15.60 8.93
N GLY B 84 26.75 -14.35 8.86
CA GLY B 84 25.52 -14.07 8.13
C GLY B 84 25.66 -14.19 6.63
N LEU B 85 26.87 -13.98 6.11
CA LEU B 85 27.10 -14.14 4.68
C LEU B 85 27.41 -15.57 4.28
N SER B 86 27.67 -16.45 5.25
CA SER B 86 27.75 -17.88 4.98
C SER B 86 26.41 -18.57 5.13
N ASN B 87 25.48 -17.96 5.88
CA ASN B 87 24.12 -18.47 5.95
C ASN B 87 23.30 -18.01 4.76
N GLN B 88 23.61 -16.84 4.21
CA GLN B 88 22.89 -16.34 3.04
C GLN B 88 23.17 -17.19 1.81
N LEU B 89 24.39 -17.72 1.70
CA LEU B 89 24.75 -18.53 0.54
C LEU B 89 24.09 -19.90 0.60
N ALA B 90 23.95 -20.47 1.79
CA ALA B 90 23.40 -21.82 1.94
C ALA B 90 21.88 -21.85 2.00
N VAL B 91 21.21 -20.72 1.86
CA VAL B 91 19.76 -20.70 1.78
C VAL B 91 19.29 -20.42 0.35
N THR B 92 19.97 -19.51 -0.35
CA THR B 92 19.67 -19.24 -1.75
C THR B 92 19.97 -20.42 -2.67
N PHE B 93 20.76 -21.40 -2.21
CA PHE B 93 20.82 -22.69 -2.87
C PHE B 93 19.71 -23.62 -2.40
N ARG B 94 19.28 -23.50 -1.15
CA ARG B 94 18.26 -24.40 -0.62
C ARG B 94 16.88 -24.06 -1.15
N GLU B 95 16.55 -22.76 -1.22
CA GLU B 95 15.22 -22.35 -1.66
C GLU B 95 15.10 -22.27 -3.18
N GLU B 96 16.18 -22.47 -3.92
CA GLU B 96 16.12 -22.54 -5.39
C GLU B 96 16.23 -23.96 -5.92
N ASN B 97 16.33 -24.95 -5.04
CA ASN B 97 16.04 -26.32 -5.42
C ASN B 97 14.59 -26.69 -5.15
N THR B 98 13.94 -26.02 -4.20
CA THR B 98 12.53 -26.27 -3.94
C THR B 98 11.66 -25.73 -5.06
N ILE B 99 12.04 -24.58 -5.63
CA ILE B 99 11.34 -24.05 -6.79
C ILE B 99 11.56 -24.96 -8.00
N ALA B 100 12.78 -25.48 -8.16
CA ALA B 100 13.06 -26.42 -9.24
C ALA B 100 12.41 -27.78 -9.02
N PHE B 101 12.06 -28.12 -7.77
CA PHE B 101 11.33 -29.36 -7.52
C PHE B 101 9.83 -29.21 -7.73
N ARG B 102 9.29 -28.00 -7.61
CA ARG B 102 7.85 -27.83 -7.81
C ARG B 102 7.48 -27.83 -9.28
N HIS B 103 8.40 -27.46 -10.17
CA HIS B 103 8.11 -27.50 -11.60
C HIS B 103 8.33 -28.87 -12.21
N LEU B 104 9.23 -29.67 -11.66
CA LEU B 104 9.51 -31.00 -12.19
C LEU B 104 8.56 -32.08 -11.69
N PHE B 105 7.92 -31.86 -10.54
CA PHE B 105 7.18 -32.93 -9.86
C PHE B 105 5.69 -32.65 -9.71
N LEU B 106 5.24 -31.43 -9.96
CA LEU B 106 3.83 -31.08 -9.86
C LEU B 106 3.29 -30.75 -11.24
N LEU B 107 2.06 -31.20 -11.51
CA LEU B 107 1.46 -31.02 -12.82
C LEU B 107 0.79 -29.65 -12.91
N GLY B 108 1.21 -28.85 -13.89
CA GLY B 108 0.59 -27.55 -14.12
C GLY B 108 0.90 -26.51 -13.07
N TYR B 109 2.15 -26.42 -12.62
CA TYR B 109 2.53 -25.47 -11.58
C TYR B 109 3.05 -24.19 -12.23
N SER B 110 2.31 -23.10 -12.04
CA SER B 110 2.75 -21.77 -12.39
C SER B 110 3.12 -21.00 -11.13
N ASP B 111 3.98 -20.00 -11.30
CA ASP B 111 4.50 -19.26 -10.17
C ASP B 111 3.42 -18.38 -9.53
N GLY B 112 3.60 -18.09 -8.24
CA GLY B 112 2.67 -17.29 -7.48
C GLY B 112 1.54 -18.06 -6.82
N ALA B 113 1.26 -19.27 -7.27
CA ALA B 113 0.18 -20.08 -6.71
C ALA B 113 0.79 -21.17 -5.84
N ASP B 114 0.85 -20.91 -4.53
CA ASP B 114 1.29 -21.89 -3.57
C ASP B 114 0.22 -22.22 -2.53
N ASP B 115 -0.95 -21.59 -2.62
CA ASP B 115 -2.07 -21.87 -1.72
C ASP B 115 -3.34 -22.17 -2.50
N THR B 116 -3.44 -21.61 -3.70
CA THR B 116 -4.59 -21.84 -4.58
C THR B 116 -4.38 -23.02 -5.50
N PHE B 117 -3.27 -23.74 -5.38
CA PHE B 117 -3.00 -24.91 -6.21
C PHE B 117 -3.64 -26.13 -5.56
N ALA B 118 -4.57 -26.76 -6.27
CA ALA B 118 -5.31 -27.89 -5.72
C ALA B 118 -5.73 -28.82 -6.85
N ALA B 119 -6.63 -29.75 -6.53
CA ALA B 119 -7.16 -30.70 -7.51
C ALA B 119 -8.61 -30.95 -7.15
N TYR B 120 -9.52 -30.74 -8.11
CA TYR B 120 -10.95 -30.68 -7.82
C TYR B 120 -11.75 -31.84 -8.41
N THR B 121 -11.22 -32.55 -9.39
CA THR B 121 -11.91 -33.70 -9.96
C THR B 121 -11.19 -34.99 -9.58
N ARG B 122 -11.85 -36.11 -9.84
CA ARG B 122 -11.27 -37.41 -9.51
C ARG B 122 -10.23 -37.87 -10.52
N GLU B 123 -10.20 -37.28 -11.71
CA GLU B 123 -9.19 -37.64 -12.69
C GLU B 123 -7.94 -36.76 -12.62
N GLN B 124 -8.04 -35.55 -12.05
CA GLN B 124 -6.86 -34.73 -11.86
C GLN B 124 -5.99 -35.22 -10.71
N LEU B 125 -6.55 -35.97 -9.77
CA LEU B 125 -5.74 -36.53 -8.70
C LEU B 125 -4.99 -37.78 -9.16
N TYR B 126 -5.54 -38.51 -10.14
CA TYR B 126 -4.79 -39.60 -10.75
C TYR B 126 -3.64 -39.07 -11.60
N GLN B 127 -3.88 -37.98 -12.34
CA GLN B 127 -2.85 -37.40 -13.19
C GLN B 127 -1.80 -36.62 -12.42
N ALA B 128 -2.06 -36.27 -11.16
CA ALA B 128 -1.05 -35.58 -10.36
C ALA B 128 -0.15 -36.54 -9.61
N ILE B 129 -0.66 -37.71 -9.23
CA ILE B 129 0.17 -38.72 -8.57
C ILE B 129 1.06 -39.40 -9.61
N PHE B 130 0.51 -39.72 -10.79
CA PHE B 130 1.27 -40.43 -11.80
C PHE B 130 2.33 -39.56 -12.44
N HIS B 131 2.11 -38.25 -12.53
CA HIS B 131 3.12 -37.36 -13.07
C HIS B 131 4.27 -37.15 -12.08
N ALA B 132 3.98 -37.26 -10.78
CA ALA B 132 5.04 -37.13 -9.77
C ALA B 132 5.91 -38.36 -9.68
N VAL B 133 5.47 -39.50 -10.21
CA VAL B 133 6.24 -40.73 -10.20
C VAL B 133 6.96 -40.95 -11.53
N ASP B 134 6.29 -40.62 -12.64
CA ASP B 134 6.91 -40.76 -13.97
C ASP B 134 8.08 -39.78 -14.15
N GLN B 135 8.04 -38.63 -13.49
CA GLN B 135 9.19 -37.74 -13.48
C GLN B 135 10.23 -38.14 -12.45
N TYR B 136 9.90 -39.08 -11.56
CA TYR B 136 10.90 -39.61 -10.65
C TYR B 136 11.64 -40.80 -11.28
N LEU B 137 10.92 -41.65 -12.01
CA LEU B 137 11.53 -42.78 -12.70
C LEU B 137 12.27 -42.38 -13.97
N ALA B 138 12.16 -41.12 -14.39
CA ALA B 138 12.91 -40.58 -15.52
C ALA B 138 13.59 -39.28 -15.13
N LEU B 139 14.07 -39.19 -13.89
CA LEU B 139 14.68 -37.94 -13.40
C LEU B 139 16.02 -37.61 -14.03
N PRO B 140 17.03 -38.49 -14.14
CA PRO B 140 18.31 -38.06 -14.71
C PRO B 140 18.34 -37.97 -16.22
N ASP B 141 17.19 -38.04 -16.91
CA ASP B 141 17.13 -37.84 -18.34
C ASP B 141 16.41 -36.57 -18.75
N VAL B 142 15.67 -35.94 -17.85
CA VAL B 142 15.01 -34.66 -18.16
C VAL B 142 15.49 -33.52 -17.28
N SER B 143 16.09 -33.78 -16.12
CA SER B 143 16.47 -32.73 -15.19
C SER B 143 17.95 -32.44 -15.28
N LEU B 144 18.31 -31.17 -15.13
CA LEU B 144 19.70 -30.73 -15.11
C LEU B 144 20.13 -30.42 -13.69
N GLY B 145 21.31 -30.88 -13.31
CA GLY B 145 21.81 -30.65 -11.97
C GLY B 145 22.55 -31.84 -11.39
N ARG B 146 22.37 -33.01 -12.02
CA ARG B 146 22.99 -34.28 -11.64
C ARG B 146 22.60 -34.67 -10.21
N TYR B 147 21.31 -34.95 -10.05
CA TYR B 147 20.80 -35.56 -8.84
C TYR B 147 20.97 -37.07 -8.90
N ALA B 148 21.03 -37.70 -7.73
CA ALA B 148 21.18 -39.14 -7.65
C ALA B 148 20.26 -39.68 -6.56
N TYR B 149 19.89 -40.96 -6.71
CA TYR B 149 18.94 -41.58 -5.82
C TYR B 149 19.60 -41.97 -4.51
N VAL B 150 18.81 -42.55 -3.59
CA VAL B 150 19.29 -42.81 -2.25
C VAL B 150 19.47 -44.31 -1.96
N ARG B 151 18.63 -45.18 -2.51
CA ARG B 151 18.48 -46.58 -2.10
C ARG B 151 18.29 -46.65 -0.58
N GLY B 152 17.14 -46.11 -0.16
CA GLY B 152 16.94 -45.77 1.23
C GLY B 152 16.72 -46.97 2.13
N GLY B 153 17.14 -46.83 3.38
CA GLY B 153 16.96 -47.85 4.39
C GLY B 153 16.36 -47.29 5.67
N GLY B 154 15.44 -46.34 5.54
CA GLY B 154 14.84 -45.69 6.67
C GLY B 154 13.57 -46.38 7.13
N ASP B 155 12.77 -45.65 7.92
CA ASP B 155 11.58 -46.24 8.49
C ASP B 155 10.39 -46.32 7.52
N PRO B 156 10.01 -45.25 6.69
CA PRO B 156 8.98 -45.45 5.66
C PRO B 156 9.53 -45.95 4.34
N TRP B 157 10.41 -46.96 4.40
CA TRP B 157 10.96 -47.59 3.22
C TRP B 157 11.21 -49.06 3.49
N THR B 158 11.54 -49.80 2.44
CA THR B 158 11.92 -51.20 2.55
C THR B 158 13.40 -51.35 2.18
N ASN B 159 13.85 -52.60 2.10
CA ASN B 159 15.25 -52.89 1.82
C ASN B 159 15.44 -52.97 0.30
N GLY B 160 15.57 -51.80 -0.31
CA GLY B 160 15.78 -51.71 -1.74
C GLY B 160 14.82 -50.79 -2.46
N SER B 161 14.17 -49.89 -1.72
CA SER B 161 13.22 -48.95 -2.28
C SER B 161 13.77 -47.53 -2.21
N GLY B 162 13.27 -46.68 -3.10
CA GLY B 162 13.64 -45.29 -3.12
C GLY B 162 12.45 -44.36 -3.11
N LEU B 163 11.28 -44.88 -3.45
CA LEU B 163 10.05 -44.11 -3.50
C LEU B 163 8.95 -44.87 -2.76
N ALA B 164 8.17 -44.15 -1.97
CA ALA B 164 7.12 -44.77 -1.16
C ALA B 164 5.91 -43.84 -1.12
N LEU B 165 4.92 -44.12 -1.96
CA LEU B 165 3.63 -43.45 -1.90
C LEU B 165 2.69 -44.27 -1.02
N CYS B 166 1.98 -43.60 -0.11
CA CYS B 166 1.21 -44.28 0.90
C CYS B 166 -0.17 -43.65 1.00
N GLN B 167 -1.12 -44.42 1.54
CA GLN B 167 -2.47 -43.94 1.77
C GLN B 167 -2.78 -43.96 3.27
N ARG B 168 -3.73 -43.11 3.66
CA ARG B 168 -4.33 -43.17 4.98
C ARG B 168 -5.84 -43.02 4.81
N TYR B 169 -6.60 -43.88 5.45
CA TYR B 169 -8.05 -43.84 5.36
C TYR B 169 -8.64 -44.49 6.60
N TYR B 170 -9.94 -44.26 6.79
CA TYR B 170 -10.64 -44.79 7.95
C TYR B 170 -10.85 -46.30 7.77
N HIS B 171 -10.68 -47.05 8.87
CA HIS B 171 -10.71 -48.51 8.75
C HIS B 171 -12.12 -49.04 8.53
N ARG B 172 -13.13 -48.35 9.04
CA ARG B 172 -14.52 -48.81 8.89
C ARG B 172 -15.39 -47.58 8.78
N GLY B 173 -15.95 -47.36 7.59
CA GLY B 173 -16.81 -46.21 7.37
C GLY B 173 -17.75 -46.39 6.20
N HIS B 174 -19.00 -45.98 6.38
CA HIS B 174 -19.98 -46.01 5.29
C HIS B 174 -20.95 -44.85 5.53
N VAL B 175 -20.69 -43.72 4.88
CA VAL B 175 -21.49 -42.52 5.06
C VAL B 175 -22.42 -42.35 3.86
N ASP B 176 -23.62 -41.83 4.13
CA ASP B 176 -24.60 -41.55 3.08
C ASP B 176 -25.57 -40.49 3.58
N PRO B 177 -25.61 -39.32 2.94
CA PRO B 177 -26.68 -38.37 3.25
C PRO B 177 -28.01 -38.84 2.71
N ALA B 178 -29.08 -38.42 3.40
CA ALA B 178 -30.50 -38.77 3.23
C ALA B 178 -30.83 -40.21 3.56
N ASN B 179 -29.85 -41.06 3.87
CA ASN B 179 -30.04 -42.35 4.51
C ASN B 179 -28.97 -42.39 5.61
N ASP B 180 -29.31 -41.83 6.76
CA ASP B 180 -28.31 -41.27 7.67
C ASP B 180 -27.81 -42.30 8.70
N THR B 181 -27.29 -43.42 8.22
CA THR B 181 -26.65 -44.42 9.06
C THR B 181 -25.15 -44.35 8.75
N PHE B 182 -24.44 -43.51 9.50
CA PHE B 182 -23.00 -43.36 9.35
C PHE B 182 -22.29 -43.93 10.57
N ASP B 183 -21.21 -44.67 10.32
CA ASP B 183 -20.42 -45.30 11.37
C ASP B 183 -18.95 -44.95 11.19
N ILE B 184 -18.34 -44.38 12.24
CA ILE B 184 -16.98 -43.88 12.17
C ILE B 184 -16.15 -44.54 13.27
N ASP B 185 -15.05 -45.17 12.87
CA ASP B 185 -14.05 -45.71 13.80
C ASP B 185 -12.69 -45.22 13.32
N PRO B 186 -12.19 -44.11 13.88
CA PRO B 186 -10.97 -43.50 13.37
C PRO B 186 -9.71 -44.31 13.65
N MET B 187 -9.19 -44.96 12.61
CA MET B 187 -7.94 -45.71 12.70
C MET B 187 -7.30 -45.70 11.33
N VAL B 188 -6.10 -45.11 11.22
CA VAL B 188 -5.47 -44.94 9.93
C VAL B 188 -4.89 -46.26 9.44
N VAL B 189 -5.11 -46.57 8.18
CA VAL B 189 -4.57 -47.75 7.52
C VAL B 189 -3.53 -47.29 6.52
N THR B 190 -2.31 -47.80 6.67
CA THR B 190 -1.15 -47.30 5.92
C THR B 190 -0.80 -48.34 4.85
N ASP B 191 -1.35 -48.14 3.65
CA ASP B 191 -1.13 -49.04 2.52
C ASP B 191 -0.08 -48.42 1.59
N CYS B 192 1.18 -48.58 1.95
CA CYS B 192 2.27 -48.03 1.16
C CYS B 192 2.55 -48.86 -0.08
N ILE B 193 2.99 -48.19 -1.14
CA ILE B 193 3.41 -48.82 -2.38
C ILE B 193 4.88 -48.48 -2.59
N GLN B 194 5.69 -49.50 -2.88
CA GLN B 194 7.14 -49.37 -2.95
C GLN B 194 7.60 -49.57 -4.38
N VAL B 195 8.48 -48.70 -4.86
CA VAL B 195 9.05 -48.83 -6.20
C VAL B 195 10.49 -48.31 -6.15
N ASP B 196 11.36 -48.93 -6.95
CA ASP B 196 12.79 -48.64 -7.01
C ASP B 196 13.17 -47.94 -8.31
N PRO B 197 14.19 -47.08 -8.27
CA PRO B 197 14.60 -46.37 -9.50
C PRO B 197 15.59 -47.18 -10.31
N PRO B 198 15.33 -47.38 -11.61
CA PRO B 198 16.33 -47.98 -12.49
C PRO B 198 17.21 -46.92 -13.15
N GLU B 199 18.50 -47.23 -13.26
CA GLU B 199 19.44 -46.31 -13.88
C GLU B 199 20.12 -46.87 -15.12
N ARG B 200 20.73 -48.05 -15.02
CA ARG B 200 21.48 -48.62 -16.14
C ARG B 200 20.59 -49.60 -16.89
N PRO B 201 20.27 -49.34 -18.16
CA PRO B 201 19.44 -50.26 -18.95
C PRO B 201 20.22 -51.51 -19.39
N SER B 216 5.57 -50.70 -12.00
CA SER B 216 4.53 -51.48 -12.67
C SER B 216 3.39 -51.80 -11.72
N SER B 217 3.73 -52.08 -10.47
CA SER B 217 2.74 -52.42 -9.45
C SER B 217 2.19 -51.19 -8.73
N TYR B 218 2.48 -49.98 -9.24
CA TYR B 218 1.91 -48.77 -8.66
C TYR B 218 0.76 -48.22 -9.50
N LYS B 219 0.65 -48.62 -10.77
CA LYS B 219 -0.46 -48.20 -11.61
C LYS B 219 -1.79 -48.80 -11.15
N ASN B 220 -1.76 -49.94 -10.46
CA ASN B 220 -2.97 -50.55 -9.91
C ASN B 220 -3.28 -49.97 -8.52
N LEU B 221 -3.60 -48.69 -8.51
CA LEU B 221 -3.84 -47.96 -7.27
C LEU B 221 -5.30 -47.55 -7.18
N THR B 222 -5.91 -47.82 -6.03
CA THR B 222 -7.27 -47.40 -5.73
C THR B 222 -7.26 -46.61 -4.43
N LEU B 223 -8.03 -45.52 -4.39
CA LEU B 223 -7.92 -44.56 -3.31
C LEU B 223 -9.08 -44.54 -2.34
N LYS B 224 -10.28 -44.98 -2.77
CA LYS B 224 -11.51 -45.01 -1.96
C LYS B 224 -11.86 -43.61 -1.44
N PHE B 225 -12.26 -42.77 -2.40
CA PHE B 225 -12.35 -41.32 -2.20
C PHE B 225 -13.38 -40.89 -1.16
N HIS B 226 -14.36 -41.74 -0.84
CA HIS B 226 -15.30 -41.46 0.23
C HIS B 226 -14.79 -41.92 1.60
N LYS B 227 -13.52 -42.30 1.68
CA LYS B 227 -12.92 -42.82 2.90
C LYS B 227 -11.53 -42.25 3.15
N LEU B 228 -10.92 -41.59 2.16
CA LEU B 228 -9.51 -41.21 2.20
C LEU B 228 -9.25 -40.08 3.19
N VAL B 229 -8.02 -40.03 3.71
CA VAL B 229 -7.55 -38.94 4.55
C VAL B 229 -6.48 -38.12 3.82
N ASN B 230 -5.33 -38.73 3.53
CA ASN B 230 -4.28 -38.04 2.78
C ASN B 230 -3.37 -39.06 2.10
N VAL B 231 -2.73 -38.61 1.03
CA VAL B 231 -1.77 -39.42 0.27
C VAL B 231 -0.46 -38.65 0.24
N THR B 232 0.60 -39.26 0.79
CA THR B 232 1.91 -38.65 0.85
C THR B 232 2.89 -39.39 -0.07
N ILE B 233 4.02 -38.75 -0.32
CA ILE B 233 5.07 -39.27 -1.20
C ILE B 233 6.42 -38.94 -0.55
N HIS B 234 7.22 -39.96 -0.31
CA HIS B 234 8.53 -39.83 0.33
C HIS B 234 9.62 -40.30 -0.61
N PHE B 235 10.60 -39.43 -0.87
CA PHE B 235 11.85 -39.83 -1.50
C PHE B 235 12.93 -38.83 -1.12
N ARG B 236 14.17 -39.18 -1.45
CA ARG B 236 15.33 -38.37 -1.10
C ARG B 236 16.26 -38.28 -2.29
N LEU B 237 16.97 -37.15 -2.37
CA LEU B 237 17.92 -36.92 -3.45
C LEU B 237 19.19 -36.32 -2.87
N LYS B 238 20.34 -36.70 -3.44
CA LYS B 238 21.63 -36.17 -3.04
C LYS B 238 22.23 -35.36 -4.16
N THR B 239 22.81 -34.22 -3.82
CA THR B 239 23.44 -33.33 -4.80
C THR B 239 24.72 -32.77 -4.22
N ILE B 240 25.52 -32.15 -5.08
CA ILE B 240 26.81 -31.59 -4.71
C ILE B 240 26.72 -30.08 -4.87
N ASN B 241 26.93 -29.35 -3.77
CA ASN B 241 26.92 -27.89 -3.80
C ASN B 241 28.16 -27.40 -4.53
N LEU B 242 27.98 -26.88 -5.74
CA LEU B 242 29.09 -26.49 -6.60
C LEU B 242 29.31 -24.97 -6.55
N GLN B 243 29.14 -24.39 -5.37
CA GLN B 243 29.29 -22.95 -5.16
C GLN B 243 30.63 -22.62 -4.48
N SER B 244 31.70 -23.29 -4.90
CA SER B 244 33.01 -23.19 -4.28
C SER B 244 33.83 -21.97 -4.72
N LEU B 245 33.19 -20.92 -5.23
CA LEU B 245 33.91 -19.72 -5.64
C LEU B 245 34.46 -18.96 -4.44
N ILE B 246 33.67 -18.85 -3.37
CA ILE B 246 34.11 -18.10 -2.20
C ILE B 246 34.91 -19.00 -1.24
N ASN B 247 34.69 -20.32 -1.29
CA ASN B 247 35.36 -21.21 -0.35
C ASN B 247 36.77 -21.55 -0.80
N ASN B 248 36.92 -21.89 -2.10
CA ASN B 248 38.17 -22.35 -2.73
C ASN B 248 38.71 -23.63 -2.09
N GLU B 249 37.85 -24.39 -1.40
CA GLU B 249 38.22 -25.65 -0.76
C GLU B 249 37.04 -26.61 -0.97
N ILE B 250 37.02 -27.68 -0.18
CA ILE B 250 35.97 -28.71 -0.25
C ILE B 250 34.62 -28.13 0.14
N PRO B 251 33.62 -28.18 -0.75
CA PRO B 251 32.29 -27.68 -0.38
C PRO B 251 31.45 -28.75 0.32
N ASP B 252 30.20 -28.43 0.60
CA ASP B 252 29.32 -29.35 1.30
C ASP B 252 28.70 -30.34 0.32
N CYS B 253 28.05 -31.36 0.88
CA CYS B 253 27.35 -32.38 0.09
C CYS B 253 26.00 -32.61 0.75
N TYR B 254 24.93 -32.24 0.05
CA TYR B 254 23.59 -32.18 0.63
C TYR B 254 22.81 -33.46 0.36
N THR B 255 21.71 -33.61 1.11
CA THR B 255 20.78 -34.73 0.93
C THR B 255 19.39 -34.21 1.27
N PHE B 256 18.56 -34.03 0.24
CA PHE B 256 17.23 -33.47 0.44
C PHE B 256 16.25 -34.55 0.90
N SER B 257 15.00 -34.14 1.13
CA SER B 257 13.92 -35.05 1.48
C SER B 257 12.61 -34.39 1.04
N VAL B 258 12.10 -34.81 -0.11
CA VAL B 258 10.94 -34.18 -0.73
C VAL B 258 9.67 -34.87 -0.24
N LEU B 259 8.70 -34.08 0.22
CA LEU B 259 7.43 -34.59 0.72
C LEU B 259 6.29 -33.90 -0.02
N ILE B 260 5.64 -34.62 -0.92
CA ILE B 260 4.46 -34.13 -1.63
C ILE B 260 3.24 -34.64 -0.88
N THR B 261 2.35 -33.73 -0.51
CA THR B 261 1.23 -34.05 0.39
C THR B 261 -0.10 -33.74 -0.30
N PHE B 262 -0.86 -34.79 -0.59
CA PHE B 262 -2.21 -34.65 -1.14
C PHE B 262 -3.23 -34.70 0.00
N ASP B 263 -3.16 -33.68 0.85
CA ASP B 263 -3.92 -33.66 2.10
C ASP B 263 -5.40 -33.36 1.84
N ASN B 264 -6.28 -34.19 2.41
CA ASN B 264 -7.73 -33.99 2.36
C ASN B 264 -8.29 -34.16 3.77
N LYS B 265 -8.21 -33.10 4.58
CA LYS B 265 -8.78 -33.16 5.93
C LYS B 265 -10.12 -32.45 6.05
N ALA B 266 -10.39 -31.48 5.18
CA ALA B 266 -11.66 -30.77 5.24
C ALA B 266 -12.81 -31.61 4.73
N HIS B 267 -12.53 -32.60 3.86
CA HIS B 267 -13.53 -33.44 3.19
C HIS B 267 -14.55 -32.60 2.43
N SER B 268 -14.06 -31.55 1.77
CA SER B 268 -14.92 -30.54 1.16
C SER B 268 -14.75 -30.46 -0.35
N GLY B 269 -14.26 -31.53 -0.98
CA GLY B 269 -14.08 -31.50 -2.41
C GLY B 269 -12.91 -30.69 -2.89
N ARG B 270 -11.92 -30.45 -2.03
CA ARG B 270 -10.75 -29.66 -2.39
C ARG B 270 -9.53 -30.28 -1.71
N ILE B 271 -8.54 -30.68 -2.50
CA ILE B 271 -7.33 -31.29 -1.98
C ILE B 271 -6.13 -30.39 -2.29
N PRO B 272 -5.60 -29.68 -1.31
CA PRO B 272 -4.40 -28.87 -1.56
C PRO B 272 -3.16 -29.73 -1.75
N ILE B 273 -2.29 -29.29 -2.65
CA ILE B 273 -1.05 -29.99 -2.98
C ILE B 273 0.12 -29.08 -2.60
N SER B 274 1.12 -29.66 -1.94
CA SER B 274 2.26 -28.88 -1.44
C SER B 274 3.53 -29.71 -1.60
N LEU B 275 4.65 -29.12 -1.19
CA LEU B 275 5.95 -29.77 -1.27
C LEU B 275 6.84 -29.21 -0.17
N GLU B 276 7.55 -30.10 0.51
CA GLU B 276 8.40 -29.74 1.64
C GLU B 276 9.77 -30.36 1.48
N THR B 277 10.79 -29.68 2.01
CA THR B 277 12.16 -30.19 2.03
C THR B 277 12.79 -29.99 3.40
N GLN B 278 13.67 -30.91 3.77
CA GLN B 278 14.54 -30.78 4.94
C GLN B 278 15.95 -31.12 4.49
N ALA B 279 16.74 -30.09 4.21
CA ALA B 279 18.08 -30.27 3.64
C ALA B 279 19.03 -30.76 4.73
N HIS B 280 19.21 -32.08 4.81
CA HIS B 280 20.12 -32.67 5.78
C HIS B 280 21.55 -32.51 5.30
N ILE B 281 22.40 -31.94 6.16
CA ILE B 281 23.73 -31.50 5.77
C ILE B 281 24.77 -32.18 6.65
N GLN B 282 25.74 -32.83 6.02
CA GLN B 282 26.96 -33.27 6.68
C GLN B 282 28.07 -33.34 5.64
N GLU B 283 29.27 -33.74 6.07
CA GLU B 283 30.38 -33.87 5.15
C GLU B 283 30.19 -35.09 4.25
N CYS B 284 30.98 -35.12 3.18
CA CYS B 284 31.01 -36.24 2.24
C CYS B 284 32.44 -36.73 2.12
N LYS B 285 32.60 -38.06 2.14
CA LYS B 285 33.91 -38.69 2.32
C LYS B 285 34.78 -38.48 1.09
N HIS B 286 35.74 -37.57 1.20
CA HIS B 286 36.64 -37.09 0.16
C HIS B 286 37.97 -37.85 0.19
N PRO B 287 38.50 -38.19 -0.99
CA PRO B 287 39.91 -38.61 -1.07
C PRO B 287 40.90 -37.47 -1.26
N SER B 288 40.47 -36.22 -1.07
CA SER B 288 41.31 -35.06 -1.30
C SER B 288 42.13 -34.75 -0.06
N VAL B 289 42.94 -33.68 -0.14
CA VAL B 289 43.92 -33.36 0.90
C VAL B 289 44.01 -31.84 1.00
N PHE B 290 44.42 -31.36 2.19
CA PHE B 290 44.67 -29.95 2.51
C PHE B 290 43.41 -29.10 2.35
N GLN B 291 42.41 -29.42 3.16
CA GLN B 291 41.24 -28.54 3.28
C GLN B 291 41.49 -27.42 4.29
N HIS B 292 42.31 -27.67 5.31
CA HIS B 292 42.47 -26.78 6.45
C HIS B 292 43.46 -25.64 6.20
N GLY B 293 43.77 -25.31 4.94
CA GLY B 293 44.52 -24.11 4.67
C GLY B 293 43.70 -22.85 4.77
N ASP B 294 42.42 -22.92 4.37
CA ASP B 294 41.49 -21.81 4.52
C ASP B 294 40.59 -21.95 5.73
N ASN B 295 40.54 -23.13 6.35
CA ASN B 295 39.75 -23.32 7.56
C ASN B 295 40.36 -22.64 8.77
N SER B 296 41.66 -22.32 8.71
CA SER B 296 42.37 -21.68 9.81
C SER B 296 42.17 -20.16 9.85
N PHE B 297 41.19 -19.63 9.11
CA PHE B 297 40.91 -18.20 9.10
C PHE B 297 39.58 -17.87 9.75
N ARG B 298 38.86 -18.87 10.26
CA ARG B 298 37.52 -18.64 10.80
C ARG B 298 37.28 -19.26 12.16
N LEU B 299 38.04 -20.28 12.57
CA LEU B 299 37.83 -20.91 13.87
C LEU B 299 38.68 -20.26 14.96
N LEU B 300 39.84 -19.71 14.59
CA LEU B 300 40.64 -18.97 15.56
C LEU B 300 40.02 -17.61 15.89
N PHE B 301 39.16 -17.09 15.03
CA PHE B 301 38.49 -15.82 15.27
C PHE B 301 37.27 -15.97 16.19
N ASP B 302 36.70 -17.18 16.28
CA ASP B 302 35.51 -17.39 17.09
C ASP B 302 35.82 -17.69 18.55
N VAL B 303 37.01 -18.22 18.85
CA VAL B 303 37.41 -18.41 20.23
C VAL B 303 37.86 -17.12 20.89
N VAL B 304 38.09 -16.07 20.12
CA VAL B 304 38.39 -14.75 20.69
C VAL B 304 37.13 -14.16 21.32
N VAL B 305 35.97 -14.42 20.71
CA VAL B 305 34.70 -13.97 21.26
C VAL B 305 34.39 -14.71 22.56
N ILE B 306 34.79 -15.98 22.65
CA ILE B 306 34.65 -16.74 23.89
C ILE B 306 35.56 -16.17 24.96
N LEU B 307 36.72 -15.62 24.57
CA LEU B 307 37.60 -14.98 25.54
C LEU B 307 37.14 -13.57 25.90
N THR B 308 37.03 -12.70 24.89
CA THR B 308 36.84 -11.27 25.15
C THR B 308 35.47 -10.92 25.71
N CYS B 309 34.45 -11.73 25.46
CA CYS B 309 33.18 -11.49 26.13
C CYS B 309 33.17 -12.06 27.55
N SER B 310 33.94 -13.11 27.80
CA SER B 310 34.08 -13.63 29.16
C SER B 310 35.13 -12.89 29.96
N LEU B 311 36.15 -12.33 29.29
CA LEU B 311 37.08 -11.45 30.00
C LEU B 311 36.40 -10.14 30.37
N SER B 312 35.40 -9.71 29.59
CA SER B 312 34.54 -8.61 29.98
C SER B 312 33.44 -9.05 30.94
N PHE B 313 33.23 -10.36 31.11
CA PHE B 313 32.34 -10.85 32.15
C PHE B 313 33.03 -10.92 33.50
N LEU B 314 34.36 -10.99 33.52
CA LEU B 314 35.10 -10.94 34.78
C LEU B 314 35.08 -9.55 35.37
N LEU B 315 35.26 -8.52 34.53
CA LEU B 315 35.42 -7.17 35.05
C LEU B 315 34.07 -6.49 35.33
N CYS B 316 33.05 -6.77 34.53
CA CYS B 316 31.76 -6.12 34.74
C CYS B 316 31.00 -6.72 35.92
N ALA B 317 31.14 -8.03 36.14
CA ALA B 317 30.48 -8.65 37.29
C ALA B 317 31.19 -8.28 38.59
N ARG B 318 32.51 -8.09 38.53
CA ARG B 318 33.26 -7.66 39.71
C ARG B 318 32.88 -6.24 40.10
N SER B 319 32.51 -5.42 39.12
CA SER B 319 31.99 -4.09 39.42
C SER B 319 30.60 -4.17 40.06
N LEU B 320 29.90 -5.28 39.87
CA LEU B 320 28.61 -5.47 40.54
C LEU B 320 28.82 -6.03 41.94
N LEU B 321 29.92 -6.74 42.17
CA LEU B 321 30.29 -7.13 43.53
C LEU B 321 30.73 -5.91 44.34
N ARG B 322 31.49 -5.00 43.71
CA ARG B 322 31.98 -3.82 44.42
C ARG B 322 30.84 -2.86 44.75
N GLY B 323 29.77 -2.89 43.96
CA GLY B 323 28.62 -2.05 44.27
C GLY B 323 27.77 -2.62 45.39
N PHE B 324 28.00 -3.89 45.75
CA PHE B 324 27.20 -4.51 46.80
C PHE B 324 27.91 -4.43 48.15
N LEU B 325 29.24 -4.39 48.15
CA LEU B 325 29.98 -4.21 49.40
C LEU B 325 29.84 -2.79 49.93
N LEU B 326 29.69 -1.81 49.02
CA LEU B 326 29.48 -0.43 49.46
C LEU B 326 28.06 -0.17 49.91
N GLN B 327 27.15 -1.12 49.72
CA GLN B 327 25.84 -1.04 50.35
C GLN B 327 25.95 -1.28 51.85
N ASN B 328 26.87 -2.16 52.26
CA ASN B 328 27.09 -2.40 53.68
C ASN B 328 27.80 -1.22 54.33
N GLU B 329 28.71 -0.57 53.61
CA GLU B 329 29.45 0.56 54.17
C GLU B 329 28.57 1.81 54.31
N PHE B 330 27.52 1.92 53.50
CA PHE B 330 26.68 3.11 53.54
C PHE B 330 25.64 3.04 54.64
N VAL B 331 24.77 2.02 54.59
CA VAL B 331 23.70 1.91 55.58
C VAL B 331 24.21 1.36 56.90
N GLY B 332 25.41 0.76 56.92
CA GLY B 332 25.95 0.22 58.16
C GLY B 332 26.35 1.32 59.13
N PHE B 333 27.06 2.33 58.65
CA PHE B 333 27.41 3.47 59.49
C PHE B 333 26.29 4.48 59.63
N MET B 334 25.20 4.32 58.88
CA MET B 334 23.97 5.08 59.13
C MET B 334 23.07 4.23 60.01
N TRP B 335 23.40 4.24 61.31
CA TRP B 335 22.83 3.31 62.29
C TRP B 335 21.43 3.77 62.70
N ARG B 336 20.51 3.67 61.74
CA ARG B 336 19.11 4.11 61.84
C ARG B 336 19.01 5.55 62.34
N GLN B 337 19.80 6.43 61.71
CA GLN B 337 19.92 7.81 62.18
C GLN B 337 18.70 8.63 61.76
N ARG B 338 18.31 8.56 60.49
CA ARG B 338 17.10 9.21 60.02
C ARG B 338 15.94 8.19 60.01
N GLY B 339 15.72 7.59 61.17
CA GLY B 339 14.51 6.84 61.44
C GLY B 339 14.45 5.49 60.75
N ARG B 340 14.19 5.52 59.45
CA ARG B 340 14.05 4.34 58.61
C ARG B 340 14.69 4.64 57.26
N VAL B 341 15.62 3.79 56.83
CA VAL B 341 16.47 4.06 55.67
C VAL B 341 16.04 3.23 54.47
N ILE B 342 16.05 1.91 54.60
CA ILE B 342 15.83 1.02 53.47
C ILE B 342 14.33 0.74 53.33
N SER B 343 13.79 1.10 52.16
CA SER B 343 12.39 0.83 51.82
C SER B 343 12.29 0.19 50.44
N LEU B 344 13.27 -0.66 50.10
CA LEU B 344 13.38 -1.36 48.80
C LEU B 344 13.45 -0.39 47.62
N TRP B 345 13.99 0.80 47.83
CA TRP B 345 14.28 1.72 46.74
C TRP B 345 15.69 2.26 46.87
N GLU B 346 16.17 2.37 48.11
CA GLU B 346 17.52 2.87 48.36
C GLU B 346 18.59 1.79 48.20
N ARG B 347 18.19 0.51 48.12
CA ARG B 347 19.15 -0.55 47.87
C ARG B 347 19.55 -0.61 46.41
N LEU B 348 18.60 -0.34 45.50
CA LEU B 348 18.86 -0.41 44.08
C LEU B 348 19.51 0.85 43.51
N GLU B 349 19.91 1.80 44.37
CA GLU B 349 20.67 2.95 43.89
C GLU B 349 22.08 2.53 43.49
N PHE B 350 22.67 1.57 44.20
CA PHE B 350 23.98 1.05 43.82
C PHE B 350 23.89 0.22 42.54
N VAL B 351 22.76 -0.45 42.31
CA VAL B 351 22.58 -1.26 41.11
C VAL B 351 22.24 -0.33 39.96
N ASN B 352 23.19 -0.14 39.05
CA ASN B 352 22.99 0.69 37.88
C ASN B 352 22.61 -0.17 36.67
N GLY B 353 21.73 0.36 35.83
CA GLY B 353 21.10 -0.41 34.77
C GLY B 353 21.95 -0.73 33.57
N TRP B 354 23.22 -0.36 33.56
CA TRP B 354 24.09 -0.65 32.42
C TRP B 354 24.96 -1.88 32.62
N TYR B 355 25.41 -2.14 33.85
CA TYR B 355 26.18 -3.34 34.13
C TYR B 355 25.29 -4.59 34.21
N ILE B 356 24.00 -4.42 34.51
CA ILE B 356 23.08 -5.55 34.46
C ILE B 356 22.77 -5.92 33.01
N LEU B 357 23.01 -5.01 32.07
CA LEU B 357 22.76 -5.26 30.65
C LEU B 357 23.92 -5.96 29.98
N LEU B 358 25.16 -5.57 30.31
CA LEU B 358 26.33 -6.17 29.68
C LEU B 358 26.64 -7.56 30.23
N VAL B 359 26.26 -7.83 31.49
CA VAL B 359 26.41 -9.18 32.04
C VAL B 359 25.46 -10.15 31.34
N THR B 360 24.22 -9.71 31.12
CA THR B 360 23.26 -10.54 30.39
C THR B 360 23.65 -10.69 28.92
N SER B 361 24.18 -9.62 28.32
CA SER B 361 24.63 -9.69 26.93
C SER B 361 25.88 -10.55 26.75
N ASP B 362 26.62 -10.83 27.82
CA ASP B 362 27.74 -11.76 27.74
C ASP B 362 27.29 -13.20 27.86
N VAL B 363 26.18 -13.45 28.58
CA VAL B 363 25.63 -14.79 28.68
C VAL B 363 24.98 -15.20 27.35
N LEU B 364 24.27 -14.27 26.73
CA LEU B 364 23.64 -14.54 25.43
C LEU B 364 24.67 -14.74 24.33
N THR B 365 25.83 -14.09 24.44
CA THR B 365 26.87 -14.25 23.42
C THR B 365 27.61 -15.57 23.59
N ILE B 366 27.95 -15.93 24.82
CA ILE B 366 28.72 -17.15 25.07
C ILE B 366 27.86 -18.40 24.85
N SER B 367 26.54 -18.28 24.90
CA SER B 367 25.64 -19.38 24.57
C SER B 367 25.39 -19.51 23.08
N GLY B 368 25.83 -18.54 22.28
CA GLY B 368 25.67 -18.60 20.84
C GLY B 368 26.95 -18.95 20.12
N THR B 369 28.09 -18.68 20.75
CA THR B 369 29.37 -19.04 20.15
C THR B 369 29.65 -20.53 20.28
N ILE B 370 29.19 -21.17 21.35
CA ILE B 370 29.37 -22.62 21.50
C ILE B 370 28.55 -23.36 20.45
N MET B 371 27.34 -22.87 20.17
CA MET B 371 26.47 -23.53 19.19
C MET B 371 26.99 -23.36 17.77
N LYS B 372 27.66 -22.24 17.48
CA LYS B 372 28.15 -22.00 16.13
C LYS B 372 29.38 -22.87 15.81
N ILE B 373 30.05 -23.40 16.83
CA ILE B 373 31.16 -24.34 16.62
C ILE B 373 30.65 -25.63 15.99
N GLY B 374 29.37 -25.96 16.19
CA GLY B 374 28.75 -27.08 15.50
C GLY B 374 28.48 -26.86 14.02
N ILE B 375 29.52 -26.50 13.27
CA ILE B 375 29.49 -26.44 11.82
C ILE B 375 30.68 -27.14 11.19
N GLU B 376 31.75 -27.39 11.95
CA GLU B 376 32.93 -28.12 11.49
C GLU B 376 32.61 -29.57 11.15
N ALA B 377 32.24 -30.36 12.17
CA ALA B 377 31.87 -31.75 11.95
C ALA B 377 30.71 -32.21 12.81
N LYS B 378 30.16 -31.36 13.68
CA LYS B 378 29.10 -31.77 14.59
C LYS B 378 27.79 -31.95 13.84
N ASN B 379 26.96 -32.87 14.32
CA ASN B 379 25.72 -33.26 13.65
C ASN B 379 24.51 -32.54 14.23
N LEU B 380 24.66 -31.28 14.64
CA LEU B 380 23.53 -30.48 15.07
C LEU B 380 22.97 -29.71 13.87
N ALA B 381 21.65 -29.69 13.74
CA ALA B 381 20.96 -28.91 12.72
C ALA B 381 19.88 -28.08 13.42
N SER B 382 20.29 -26.93 13.95
CA SER B 382 19.35 -26.01 14.61
C SER B 382 19.91 -24.60 14.45
N TYR B 383 19.47 -23.91 13.41
CA TYR B 383 19.88 -22.54 13.19
C TYR B 383 18.87 -21.53 13.74
N ASP B 384 17.70 -21.99 14.16
CA ASP B 384 16.70 -21.09 14.73
C ASP B 384 17.09 -20.65 16.13
N VAL B 385 17.77 -21.52 16.88
CA VAL B 385 18.21 -21.16 18.22
C VAL B 385 19.53 -20.40 18.16
N CYS B 386 20.43 -20.80 17.27
CA CYS B 386 21.76 -20.20 17.19
C CYS B 386 21.72 -18.76 16.68
N SER B 387 20.75 -18.43 15.84
CA SER B 387 20.67 -17.08 15.29
C SER B 387 19.98 -16.10 16.23
N ILE B 388 19.09 -16.57 17.09
CA ILE B 388 18.46 -15.68 18.07
C ILE B 388 19.43 -15.34 19.20
N LEU B 389 20.23 -16.33 19.63
CA LEU B 389 21.20 -16.10 20.69
C LEU B 389 22.31 -15.15 20.24
N LEU B 390 22.64 -15.16 18.94
CA LEU B 390 23.59 -14.18 18.42
C LEU B 390 22.90 -12.86 18.08
N GLY B 391 21.66 -12.92 17.62
CA GLY B 391 20.99 -11.71 17.17
C GLY B 391 20.51 -10.82 18.30
N THR B 392 19.94 -11.43 19.34
CA THR B 392 19.45 -10.65 20.48
C THR B 392 20.63 -10.12 21.29
N SER B 393 21.75 -10.83 21.30
CA SER B 393 22.95 -10.33 21.99
C SER B 393 23.54 -9.14 21.26
N THR B 394 23.51 -9.15 19.92
CA THR B 394 24.04 -8.05 19.14
C THR B 394 23.15 -6.82 19.24
N LEU B 395 21.86 -7.02 19.48
CA LEU B 395 20.95 -5.90 19.74
C LEU B 395 21.30 -5.20 21.05
N LEU B 396 21.77 -5.95 22.05
CA LEU B 396 22.08 -5.36 23.35
C LEU B 396 23.50 -4.80 23.40
N VAL B 397 24.40 -5.29 22.55
CA VAL B 397 25.74 -4.73 22.47
C VAL B 397 25.71 -3.32 21.89
N TRP B 398 24.91 -3.11 20.85
CA TRP B 398 24.88 -1.81 20.18
C TRP B 398 24.20 -0.73 21.01
N VAL B 399 23.17 -1.08 21.79
CA VAL B 399 22.49 -0.06 22.59
C VAL B 399 23.30 0.36 23.81
N GLY B 400 24.39 -0.33 24.11
CA GLY B 400 25.29 0.12 25.16
C GLY B 400 26.13 1.33 24.79
N VAL B 401 26.17 1.69 23.50
CA VAL B 401 26.91 2.86 23.05
C VAL B 401 26.20 4.15 23.50
N ILE B 402 24.92 4.06 23.85
CA ILE B 402 24.17 5.20 24.40
C ILE B 402 24.77 5.65 25.73
N ARG B 403 25.35 4.70 26.49
CA ARG B 403 26.08 5.05 27.71
C ARG B 403 27.32 5.89 27.40
N TYR B 404 27.97 5.63 26.27
CA TYR B 404 29.08 6.48 25.85
C TYR B 404 28.59 7.85 25.41
N LEU B 405 27.35 7.92 24.90
CA LEU B 405 26.76 9.21 24.56
C LEU B 405 26.05 9.83 25.74
N THR B 406 25.92 9.09 26.85
CA THR B 406 25.25 9.63 28.03
C THR B 406 26.11 10.67 28.73
N PHE B 407 27.42 10.44 28.82
CA PHE B 407 28.31 11.36 29.51
C PHE B 407 28.74 12.51 28.60
N PHE B 408 27.75 13.28 28.14
CA PHE B 408 27.94 14.55 27.46
C PHE B 408 26.80 15.48 27.86
N HIS B 409 27.12 16.75 28.04
CA HIS B 409 26.15 17.69 28.59
C HIS B 409 25.13 18.18 27.57
N ASN B 410 25.26 17.79 26.30
CA ASN B 410 24.28 18.15 25.29
C ASN B 410 23.45 16.96 24.79
N TYR B 411 23.92 15.74 24.99
CA TYR B 411 23.14 14.55 24.67
C TYR B 411 22.31 14.06 25.84
N ASN B 412 22.62 14.52 27.06
CA ASN B 412 21.94 14.03 28.26
C ASN B 412 20.50 14.53 28.33
N ILE B 413 20.23 15.71 27.78
CA ILE B 413 18.87 16.24 27.76
C ILE B 413 18.00 15.39 26.84
N LEU B 414 18.56 14.94 25.71
CA LEU B 414 17.83 14.16 24.73
C LEU B 414 17.57 12.72 25.17
N ILE B 415 18.23 12.26 26.23
CA ILE B 415 18.11 10.88 26.69
C ILE B 415 17.35 10.80 28.01
N ALA B 416 17.60 11.72 28.94
CA ALA B 416 16.94 11.70 30.24
C ALA B 416 15.47 12.05 30.17
N THR B 417 14.99 12.62 29.06
CA THR B 417 13.54 12.73 28.86
C THR B 417 12.91 11.37 28.61
N LEU B 418 13.68 10.42 28.06
CA LEU B 418 13.20 9.06 27.87
C LEU B 418 13.33 8.21 29.12
N ARG B 419 13.76 8.78 30.25
CA ARG B 419 13.66 8.13 31.55
C ARG B 419 12.59 8.75 32.43
N VAL B 420 12.22 10.01 32.17
CA VAL B 420 11.12 10.64 32.90
C VAL B 420 9.78 10.25 32.28
N ALA B 421 9.71 10.24 30.95
CA ALA B 421 8.46 9.92 30.27
C ALA B 421 8.20 8.42 30.17
N LEU B 422 9.23 7.58 30.35
CA LEU B 422 9.10 6.12 30.26
C LEU B 422 8.16 5.52 31.30
N PRO B 423 8.03 6.04 32.53
CA PRO B 423 6.85 5.64 33.33
C PRO B 423 5.52 6.10 32.73
N SER B 424 5.41 7.38 32.36
CA SER B 424 4.12 7.94 31.95
C SER B 424 3.64 7.38 30.62
N VAL B 425 4.56 7.01 29.73
CA VAL B 425 4.16 6.35 28.47
C VAL B 425 3.69 4.92 28.76
N MET B 426 4.42 4.20 29.61
CA MET B 426 4.08 2.80 29.89
C MET B 426 2.85 2.69 30.77
N ARG B 427 2.57 3.70 31.59
CA ARG B 427 1.31 3.73 32.33
C ARG B 427 0.12 3.90 31.38
N PHE B 428 0.26 4.79 30.39
CA PHE B 428 -0.82 5.02 29.44
C PHE B 428 -0.99 3.86 28.46
N CYS B 429 0.06 3.08 28.23
CA CYS B 429 -0.05 1.91 27.37
C CYS B 429 -0.90 0.80 28.01
N CYS B 430 -1.07 0.82 29.33
CA CYS B 430 -1.97 -0.09 30.00
C CYS B 430 -3.43 0.38 29.98
N CYS B 431 -3.65 1.68 29.76
CA CYS B 431 -5.00 2.20 29.59
C CYS B 431 -5.50 2.09 28.16
N VAL B 432 -4.64 1.68 27.22
CA VAL B 432 -5.00 1.53 25.83
C VAL B 432 -5.06 0.06 25.42
N ALA B 433 -4.16 -0.77 25.98
CA ALA B 433 -4.20 -2.21 25.72
C ALA B 433 -5.37 -2.91 26.39
N VAL B 434 -6.15 -2.21 27.21
CA VAL B 434 -7.45 -2.71 27.65
C VAL B 434 -8.52 -2.38 26.61
N ILE B 435 -8.44 -1.18 26.02
CA ILE B 435 -9.35 -0.82 24.94
C ILE B 435 -9.01 -1.59 23.67
N TYR B 436 -7.70 -1.77 23.40
CA TYR B 436 -7.27 -2.44 22.16
C TYR B 436 -7.63 -3.92 22.15
N LEU B 437 -7.64 -4.58 23.31
CA LEU B 437 -8.16 -5.94 23.38
C LEU B 437 -9.68 -6.00 23.32
N GLY B 438 -10.36 -4.87 23.49
CA GLY B 438 -11.80 -4.87 23.36
C GLY B 438 -12.24 -5.00 21.91
N TYR B 439 -11.59 -4.27 21.01
CA TYR B 439 -11.95 -4.29 19.59
C TYR B 439 -11.46 -5.55 18.87
N CYS B 440 -10.60 -6.36 19.49
CA CYS B 440 -10.16 -7.59 18.86
C CYS B 440 -11.23 -8.67 18.94
N PHE B 441 -11.92 -8.78 20.08
CA PHE B 441 -12.95 -9.81 20.21
C PHE B 441 -14.23 -9.41 19.50
N CYS B 442 -14.53 -8.11 19.39
CA CYS B 442 -15.73 -7.67 18.70
C CYS B 442 -15.61 -7.83 17.19
N GLY B 443 -14.40 -7.66 16.65
CA GLY B 443 -14.20 -7.80 15.22
C GLY B 443 -14.01 -9.23 14.74
N TRP B 444 -13.60 -10.12 15.63
CA TRP B 444 -13.27 -11.48 15.22
C TRP B 444 -14.50 -12.35 15.01
N ILE B 445 -15.60 -12.08 15.71
CA ILE B 445 -16.79 -12.91 15.59
C ILE B 445 -17.85 -12.31 14.67
N VAL B 446 -17.87 -11.00 14.48
CA VAL B 446 -18.83 -10.38 13.58
C VAL B 446 -18.32 -10.34 12.16
N LEU B 447 -17.09 -9.84 11.96
CA LEU B 447 -16.45 -9.81 10.66
C LEU B 447 -15.60 -11.06 10.41
N GLY B 448 -15.94 -12.17 11.05
CA GLY B 448 -15.18 -13.40 10.97
C GLY B 448 -15.52 -14.31 9.80
N PRO B 449 -16.78 -14.74 9.69
CA PRO B 449 -17.16 -15.59 8.55
C PRO B 449 -17.05 -14.92 7.18
N TYR B 450 -17.25 -13.60 7.12
CA TYR B 450 -17.37 -12.94 5.83
C TYR B 450 -16.05 -12.50 5.23
N HIS B 451 -14.99 -12.36 6.03
CA HIS B 451 -13.75 -11.77 5.57
C HIS B 451 -12.57 -12.64 5.97
N VAL B 452 -11.45 -12.47 5.27
CA VAL B 452 -10.29 -13.34 5.39
C VAL B 452 -9.28 -12.70 6.32
N LYS B 453 -9.20 -11.36 6.31
CA LYS B 453 -8.26 -10.65 7.17
C LYS B 453 -8.64 -10.78 8.64
N PHE B 454 -9.93 -10.82 8.94
CA PHE B 454 -10.42 -10.98 10.31
C PHE B 454 -10.82 -12.43 10.54
N ARG B 455 -9.83 -13.28 10.74
CA ARG B 455 -10.07 -14.71 10.89
C ARG B 455 -9.59 -15.27 12.22
N SER B 456 -8.45 -14.80 12.73
CA SER B 456 -7.93 -15.26 14.01
C SER B 456 -7.27 -14.10 14.72
N LEU B 457 -7.14 -14.22 16.05
CA LEU B 457 -6.57 -13.15 16.86
C LEU B 457 -5.08 -12.95 16.62
N SER B 458 -4.40 -13.90 15.98
CA SER B 458 -3.06 -13.65 15.49
C SER B 458 -3.07 -12.79 14.23
N MET B 459 -4.23 -12.66 13.57
CA MET B 459 -4.34 -11.87 12.35
C MET B 459 -5.22 -10.64 12.54
N VAL B 460 -6.18 -10.67 13.47
CA VAL B 460 -6.98 -9.49 13.77
C VAL B 460 -6.13 -8.42 14.45
N SER B 461 -5.27 -8.84 15.37
CA SER B 461 -4.39 -7.91 16.07
C SER B 461 -3.22 -7.42 15.21
N GLU B 462 -3.07 -7.94 14.00
CA GLU B 462 -2.14 -7.40 13.02
C GLU B 462 -2.82 -6.48 12.02
N CYS B 463 -4.10 -6.69 11.76
CA CYS B 463 -4.85 -5.85 10.83
C CYS B 463 -5.48 -4.65 11.51
N LEU B 464 -5.71 -4.73 12.82
CA LEU B 464 -6.17 -3.55 13.56
C LEU B 464 -5.01 -2.67 14.00
N PHE B 465 -3.81 -3.21 14.13
CA PHE B 465 -2.66 -2.40 14.54
C PHE B 465 -1.99 -1.73 13.35
N SER B 466 -2.04 -2.34 12.17
CA SER B 466 -1.54 -1.68 10.96
C SER B 466 -2.51 -0.66 10.42
N LEU B 467 -3.75 -0.64 10.90
CA LEU B 467 -4.76 0.30 10.42
C LEU B 467 -4.75 1.61 11.20
N ILE B 468 -4.19 1.63 12.41
CA ILE B 468 -4.06 2.87 13.16
C ILE B 468 -2.75 3.58 12.86
N ASN B 469 -1.85 2.96 12.10
CA ASN B 469 -0.62 3.61 11.67
C ASN B 469 -0.66 4.01 10.19
N GLY B 470 -1.73 3.68 9.48
CA GLY B 470 -1.91 4.12 8.11
C GLY B 470 -1.40 3.18 7.05
N ASP B 471 -1.85 1.93 7.06
CA ASP B 471 -1.49 0.98 6.02
C ASP B 471 -2.56 -0.10 5.90
N ASP B 472 -2.86 -0.47 4.65
CA ASP B 472 -3.93 -1.41 4.29
C ASP B 472 -5.25 -0.99 4.91
N MET B 473 -5.61 0.26 4.65
CA MET B 473 -6.80 0.90 5.19
C MET B 473 -7.98 0.87 4.22
N PHE B 474 -7.78 1.40 3.02
CA PHE B 474 -8.81 1.37 1.99
C PHE B 474 -9.02 -0.04 1.45
N VAL B 475 -8.03 -0.93 1.61
CA VAL B 475 -8.20 -2.33 1.23
C VAL B 475 -9.23 -3.00 2.14
N THR B 476 -9.24 -2.64 3.43
CA THR B 476 -10.22 -3.19 4.35
C THR B 476 -11.59 -2.55 4.16
N PHE B 477 -11.67 -1.28 3.75
CA PHE B 477 -12.98 -0.69 3.48
C PHE B 477 -13.58 -1.25 2.21
N ALA B 478 -12.78 -1.44 1.17
CA ALA B 478 -13.28 -1.96 -0.09
C ALA B 478 -13.63 -3.44 -0.01
N ALA B 479 -13.07 -4.17 0.95
CA ALA B 479 -13.43 -5.57 1.13
C ALA B 479 -14.76 -5.73 1.87
N MET B 480 -15.21 -4.71 2.60
CA MET B 480 -16.50 -4.79 3.27
C MET B 480 -17.65 -4.70 2.26
N GLN B 481 -17.48 -3.91 1.19
CA GLN B 481 -18.55 -3.66 0.24
C GLN B 481 -18.76 -4.80 -0.75
N ALA B 482 -17.95 -5.85 -0.71
CA ALA B 482 -18.26 -7.06 -1.46
C ALA B 482 -19.36 -7.88 -0.79
N GLN B 483 -19.72 -7.57 0.45
CA GLN B 483 -20.83 -8.16 1.16
C GLN B 483 -21.88 -7.10 1.48
N GLN B 484 -22.11 -6.18 0.54
CA GLN B 484 -23.08 -5.12 0.77
C GLN B 484 -24.51 -5.61 0.60
N GLY B 485 -24.82 -6.20 -0.56
CA GLY B 485 -26.14 -6.78 -0.74
C GLY B 485 -26.34 -8.04 0.08
N ARG B 486 -25.28 -8.82 0.24
CA ARG B 486 -25.32 -10.04 1.05
C ARG B 486 -25.33 -9.66 2.52
N SER B 487 -26.51 -9.74 3.15
CA SER B 487 -26.73 -9.51 4.58
C SER B 487 -26.27 -8.11 5.00
N SER B 488 -27.01 -7.12 4.49
CA SER B 488 -26.70 -5.68 4.59
C SER B 488 -26.70 -5.12 6.01
N LEU B 489 -26.93 -5.87 7.09
CA LEU B 489 -26.80 -5.33 8.44
C LEU B 489 -25.38 -5.48 8.96
N VAL B 490 -24.63 -6.46 8.46
CA VAL B 490 -23.22 -6.61 8.81
C VAL B 490 -22.41 -5.46 8.21
N TRP B 491 -22.77 -5.03 7.00
CA TRP B 491 -22.09 -3.91 6.35
C TRP B 491 -22.32 -2.60 7.10
N LEU B 492 -23.48 -2.44 7.71
CA LEU B 492 -23.74 -1.23 8.50
C LEU B 492 -22.97 -1.24 9.80
N PHE B 493 -22.77 -2.42 10.40
CA PHE B 493 -21.96 -2.50 11.61
C PHE B 493 -20.48 -2.35 11.30
N SER B 494 -20.05 -2.77 10.11
CA SER B 494 -18.64 -2.65 9.73
C SER B 494 -18.25 -1.22 9.37
N GLN B 495 -19.22 -0.33 9.19
CA GLN B 495 -18.92 1.09 9.06
C GLN B 495 -18.84 1.79 10.41
N LEU B 496 -19.65 1.35 11.38
CA LEU B 496 -19.53 1.86 12.74
C LEU B 496 -18.28 1.34 13.42
N TYR B 497 -17.83 0.14 13.06
CA TYR B 497 -16.65 -0.45 13.68
C TYR B 497 -15.36 0.13 13.11
N LEU B 498 -15.31 0.34 11.80
CA LEU B 498 -14.08 0.81 11.16
C LEU B 498 -14.02 2.33 11.00
N TYR B 499 -14.96 3.08 11.58
CA TYR B 499 -14.83 4.52 11.69
C TYR B 499 -14.55 5.00 13.10
N SER B 500 -15.02 4.26 14.11
CA SER B 500 -14.81 4.63 15.50
C SER B 500 -13.48 4.12 16.05
N PHE B 501 -13.03 2.96 15.58
CA PHE B 501 -11.73 2.45 15.99
C PHE B 501 -10.59 3.25 15.39
N ILE B 502 -10.78 3.79 14.18
CA ILE B 502 -9.71 4.50 13.49
C ILE B 502 -9.64 5.97 13.92
N SER B 503 -10.72 6.53 14.46
CA SER B 503 -10.74 7.93 14.90
C SER B 503 -10.61 8.04 16.40
N LEU B 504 -10.28 6.94 17.07
CA LEU B 504 -9.96 6.94 18.49
C LEU B 504 -8.47 6.82 18.75
N PHE B 505 -7.77 5.97 17.98
CA PHE B 505 -6.36 5.72 18.19
C PHE B 505 -5.46 6.55 17.29
N ILE B 506 -6.01 7.43 16.47
CA ILE B 506 -5.23 8.34 15.65
C ILE B 506 -5.43 9.80 16.07
N TYR B 507 -6.67 10.19 16.33
CA TYR B 507 -6.98 11.58 16.60
C TYR B 507 -6.88 11.95 18.07
N MET B 508 -7.03 11.00 18.99
CA MET B 508 -6.88 11.30 20.41
C MET B 508 -5.75 10.51 21.06
N VAL B 509 -5.76 9.17 20.93
CA VAL B 509 -4.81 8.34 21.68
C VAL B 509 -3.39 8.50 21.12
N LEU B 510 -3.26 8.65 19.80
CA LEU B 510 -1.95 8.97 19.22
C LEU B 510 -1.52 10.39 19.60
N SER B 511 -2.47 11.28 19.90
CA SER B 511 -2.14 12.63 20.33
C SER B 511 -1.83 12.73 21.82
N LEU B 512 -2.01 11.66 22.59
CA LEU B 512 -1.52 11.66 23.96
C LEU B 512 -0.01 11.46 24.03
N PHE B 513 0.52 10.57 23.17
CA PHE B 513 1.95 10.29 23.16
C PHE B 513 2.80 11.47 22.72
N ILE B 514 2.20 12.41 21.98
CA ILE B 514 2.90 13.66 21.66
C ILE B 514 2.88 14.59 22.86
N ALA B 515 1.77 14.62 23.60
CA ALA B 515 1.64 15.51 24.74
C ALA B 515 2.37 15.01 25.98
N LEU B 516 2.68 13.72 26.05
CA LEU B 516 3.42 13.21 27.20
C LEU B 516 4.93 13.45 27.07
N ILE B 517 5.45 13.44 25.84
CA ILE B 517 6.87 13.72 25.64
C ILE B 517 7.15 15.21 25.82
N THR B 518 6.29 16.06 25.25
CA THR B 518 6.44 17.51 25.40
C THR B 518 6.24 17.94 26.84
N GLY B 519 5.30 17.30 27.54
CA GLY B 519 5.11 17.57 28.96
C GLY B 519 6.23 17.05 29.83
N ALA B 520 7.03 16.11 29.34
CA ALA B 520 8.22 15.64 30.04
C ALA B 520 9.49 16.21 29.44
N TYR B 521 9.38 17.14 28.50
CA TYR B 521 10.53 17.87 27.97
C TYR B 521 10.67 19.26 28.55
N ASP B 522 9.55 19.88 28.96
CA ASP B 522 9.62 21.15 29.66
C ASP B 522 10.11 20.97 31.10
N THR B 523 9.99 19.77 31.67
CA THR B 523 10.39 19.51 33.04
C THR B 523 11.83 19.02 33.15
N ILE B 524 12.70 19.39 32.21
CA ILE B 524 14.11 19.04 32.30
C ILE B 524 14.92 20.32 32.12
N LYS B 525 14.27 21.41 31.70
CA LYS B 525 14.96 22.68 31.54
C LYS B 525 14.15 23.88 32.01
N HIS B 526 12.97 23.68 32.60
CA HIS B 526 12.20 24.78 33.16
C HIS B 526 11.69 24.41 34.55
N GLU C 38 -25.37 20.96 53.87
CA GLU C 38 -24.76 19.76 54.43
C GLU C 38 -25.00 19.70 55.94
N GLU C 39 -26.27 19.67 56.34
CA GLU C 39 -26.61 19.71 57.75
C GLU C 39 -26.54 18.33 58.40
N ASP C 40 -27.35 17.39 57.92
CA ASP C 40 -27.64 16.16 58.66
C ASP C 40 -26.88 14.95 58.14
N LEU C 41 -26.58 14.89 56.84
CA LEU C 41 -26.20 13.64 56.20
C LEU C 41 -24.73 13.60 55.79
N ARG C 42 -23.84 14.10 56.65
CA ARG C 42 -22.41 13.96 56.38
C ARG C 42 -21.97 12.50 56.47
N ARG C 43 -22.63 11.73 57.34
CA ARG C 43 -22.33 10.30 57.44
C ARG C 43 -22.84 9.54 56.21
N ARG C 44 -23.90 10.02 55.57
CA ARG C 44 -24.56 9.28 54.49
C ARG C 44 -24.30 9.83 53.10
N LEU C 45 -24.38 11.15 52.91
CA LEU C 45 -24.18 11.70 51.56
C LEU C 45 -22.72 11.66 51.16
N LYS C 46 -21.80 11.76 52.11
CA LYS C 46 -20.38 11.62 51.85
C LYS C 46 -19.90 10.19 52.06
N TYR C 47 -20.82 9.24 52.20
CA TYR C 47 -20.55 7.82 52.02
C TYR C 47 -20.91 7.36 50.62
N PHE C 48 -21.78 8.08 49.93
CA PHE C 48 -22.09 7.78 48.53
C PHE C 48 -20.91 8.14 47.64
N PHE C 49 -20.48 9.41 47.69
CA PHE C 49 -19.24 9.82 47.04
C PHE C 49 -18.06 9.26 47.83
N MET C 50 -17.39 8.26 47.26
CA MET C 50 -16.49 7.42 48.04
C MET C 50 -15.58 6.63 47.12
N SER C 51 -14.29 6.61 47.44
CA SER C 51 -13.37 5.69 46.79
C SER C 51 -13.54 4.31 47.38
N PRO C 52 -13.53 3.24 46.56
CA PRO C 52 -13.79 1.89 47.10
C PRO C 52 -12.68 1.34 47.98
N CYS C 53 -11.49 1.94 47.98
CA CYS C 53 -10.44 1.52 48.90
C CYS C 53 -10.62 2.08 50.30
N ASP C 54 -11.46 3.10 50.46
CA ASP C 54 -11.81 3.65 51.76
C ASP C 54 -13.06 3.03 52.34
N LYS C 55 -13.57 1.94 51.74
CA LYS C 55 -14.73 1.26 52.29
C LYS C 55 -14.37 0.47 53.54
N PHE C 56 -13.13 0.01 53.63
CA PHE C 56 -12.72 -0.82 54.76
C PHE C 56 -12.53 0.00 56.03
N ARG C 57 -12.18 1.28 55.90
CA ARG C 57 -11.83 2.08 57.06
C ARG C 57 -13.05 2.56 57.82
N ALA C 58 -14.11 2.94 57.11
CA ALA C 58 -15.28 3.52 57.75
C ALA C 58 -16.12 2.46 58.47
N LYS C 59 -16.65 1.50 57.72
CA LYS C 59 -17.45 0.42 58.30
C LYS C 59 -16.80 -0.94 58.07
N GLY C 60 -16.54 -1.31 56.83
CA GLY C 60 -15.82 -2.54 56.55
C GLY C 60 -16.68 -3.75 56.22
N ARG C 61 -16.66 -4.16 54.96
CA ARG C 61 -17.21 -5.43 54.53
C ARG C 61 -16.42 -5.88 53.31
N LYS C 62 -16.26 -7.20 53.16
CA LYS C 62 -15.46 -7.76 52.08
C LYS C 62 -16.10 -7.45 50.71
N PRO C 63 -15.29 -7.22 49.66
CA PRO C 63 -15.85 -6.80 48.36
C PRO C 63 -16.49 -7.94 47.59
N CYS C 64 -17.65 -8.40 48.06
CA CYS C 64 -18.47 -9.30 47.26
C CYS C 64 -19.29 -8.54 46.23
N LYS C 65 -19.38 -7.21 46.36
CA LYS C 65 -20.01 -6.39 45.34
C LYS C 65 -19.04 -6.08 44.22
N LEU C 66 -17.76 -5.92 44.54
CA LEU C 66 -16.77 -5.47 43.56
C LEU C 66 -16.26 -6.62 42.71
N MET C 67 -15.91 -7.74 43.33
CA MET C 67 -15.26 -8.84 42.65
C MET C 67 -16.24 -9.69 41.83
N LEU C 68 -17.54 -9.42 41.94
CA LEU C 68 -18.51 -10.04 41.05
C LEU C 68 -18.30 -9.60 39.60
N GLN C 69 -17.92 -8.33 39.41
CA GLN C 69 -17.63 -7.83 38.07
C GLN C 69 -16.32 -8.41 37.53
N VAL C 70 -15.40 -8.79 38.42
CA VAL C 70 -14.15 -9.41 38.00
C VAL C 70 -14.40 -10.82 37.48
N VAL C 71 -15.42 -11.50 38.03
CA VAL C 71 -15.82 -12.80 37.51
C VAL C 71 -16.41 -12.66 36.11
N LYS C 72 -17.13 -11.57 35.85
CA LYS C 72 -17.72 -11.30 34.54
C LYS C 72 -16.67 -11.12 33.45
N ILE C 73 -15.45 -10.71 33.81
CA ILE C 73 -14.36 -10.68 32.84
C ILE C 73 -14.00 -12.09 32.39
N LEU C 74 -13.93 -13.03 33.33
CA LEU C 74 -13.47 -14.38 33.05
C LEU C 74 -14.59 -15.34 32.66
N VAL C 75 -15.84 -14.89 32.61
CA VAL C 75 -16.96 -15.73 32.21
C VAL C 75 -17.45 -15.39 30.81
N VAL C 76 -17.54 -14.09 30.49
CA VAL C 76 -18.03 -13.67 29.18
C VAL C 76 -16.97 -13.91 28.10
N THR C 77 -15.69 -13.67 28.42
CA THR C 77 -14.63 -13.82 27.43
C THR C 77 -14.43 -15.28 27.05
N VAL C 78 -14.48 -16.19 28.03
CA VAL C 78 -14.29 -17.61 27.75
C VAL C 78 -15.50 -18.18 27.01
N GLN C 79 -16.69 -17.58 27.19
CA GLN C 79 -17.85 -17.96 26.39
C GLN C 79 -17.66 -17.62 24.93
N LEU C 80 -17.02 -16.48 24.65
CA LEU C 80 -16.83 -16.04 23.26
C LEU C 80 -15.77 -16.86 22.54
N ILE C 81 -14.72 -17.29 23.26
CA ILE C 81 -13.65 -18.04 22.61
C ILE C 81 -14.11 -19.47 22.29
N LEU C 82 -14.91 -20.07 23.17
CA LEU C 82 -15.42 -21.41 22.89
C LEU C 82 -16.50 -21.39 21.82
N PHE C 83 -17.19 -20.27 21.66
CA PHE C 83 -18.16 -20.12 20.57
C PHE C 83 -17.50 -19.65 19.28
N GLY C 84 -16.48 -18.80 19.38
CA GLY C 84 -15.82 -18.30 18.18
C GLY C 84 -15.00 -19.35 17.47
N LEU C 85 -14.49 -20.34 18.19
CA LEU C 85 -13.73 -21.42 17.58
C LEU C 85 -14.62 -22.54 17.05
N SER C 86 -15.90 -22.54 17.40
CA SER C 86 -16.86 -23.44 16.77
C SER C 86 -17.51 -22.81 15.55
N ASN C 87 -17.50 -21.47 15.46
CA ASN C 87 -17.96 -20.79 14.26
C ASN C 87 -16.89 -20.75 13.20
N GLN C 88 -15.60 -20.72 13.62
CA GLN C 88 -14.51 -20.71 12.65
C GLN C 88 -14.42 -22.04 11.91
N LEU C 89 -14.75 -23.14 12.57
CA LEU C 89 -14.67 -24.45 11.93
C LEU C 89 -15.79 -24.64 10.93
N ALA C 90 -16.98 -24.10 11.21
CA ALA C 90 -18.14 -24.30 10.34
C ALA C 90 -18.22 -23.30 9.20
N VAL C 91 -17.25 -22.42 9.06
CA VAL C 91 -17.19 -21.50 7.92
C VAL C 91 -16.11 -21.92 6.94
N THR C 92 -14.95 -22.35 7.45
CA THR C 92 -13.87 -22.87 6.60
C THR C 92 -14.24 -24.17 5.90
N PHE C 93 -15.28 -24.86 6.34
CA PHE C 93 -15.89 -25.91 5.54
C PHE C 93 -16.93 -25.36 4.58
N ARG C 94 -17.61 -24.27 4.95
CA ARG C 94 -18.65 -23.73 4.09
C ARG C 94 -18.07 -22.99 2.90
N GLU C 95 -17.01 -22.20 3.12
CA GLU C 95 -16.43 -21.41 2.04
C GLU C 95 -15.44 -22.19 1.20
N GLU C 96 -15.13 -23.44 1.55
CA GLU C 96 -14.29 -24.29 0.73
C GLU C 96 -15.07 -25.35 -0.02
N ASN C 97 -16.40 -25.38 0.12
CA ASN C 97 -17.25 -26.06 -0.84
C ASN C 97 -17.71 -25.14 -1.95
N THR C 98 -17.78 -23.84 -1.68
CA THR C 98 -18.16 -22.89 -2.73
C THR C 98 -17.04 -22.73 -3.75
N ILE C 99 -15.79 -22.77 -3.31
CA ILE C 99 -14.66 -22.77 -4.23
C ILE C 99 -14.63 -24.05 -5.04
N ALA C 100 -14.94 -25.18 -4.39
CA ALA C 100 -15.00 -26.46 -5.10
C ALA C 100 -16.21 -26.55 -6.02
N PHE C 101 -17.26 -25.75 -5.79
CA PHE C 101 -18.40 -25.71 -6.69
C PHE C 101 -18.17 -24.79 -7.88
N ARG C 102 -17.30 -23.80 -7.77
CA ARG C 102 -17.05 -22.91 -8.89
C ARG C 102 -16.16 -23.54 -9.94
N HIS C 103 -15.29 -24.49 -9.55
CA HIS C 103 -14.45 -25.17 -10.52
C HIS C 103 -15.16 -26.34 -11.21
N LEU C 104 -16.12 -26.97 -10.55
CA LEU C 104 -16.83 -28.09 -11.14
C LEU C 104 -18.00 -27.69 -12.01
N PHE C 105 -18.55 -26.49 -11.83
CA PHE C 105 -19.81 -26.11 -12.45
C PHE C 105 -19.71 -24.92 -13.40
N LEU C 106 -18.60 -24.20 -13.40
CA LEU C 106 -18.41 -23.06 -14.29
C LEU C 106 -17.30 -23.38 -15.29
N LEU C 107 -17.49 -22.96 -16.54
CA LEU C 107 -16.55 -23.27 -17.60
C LEU C 107 -15.43 -22.24 -17.61
N GLY C 108 -14.19 -22.71 -17.48
CA GLY C 108 -13.03 -21.83 -17.57
C GLY C 108 -12.86 -20.90 -16.39
N TYR C 109 -13.05 -21.40 -15.17
CA TYR C 109 -12.94 -20.59 -13.97
C TYR C 109 -11.53 -20.69 -13.41
N SER C 110 -10.79 -19.59 -13.45
CA SER C 110 -9.51 -19.46 -12.77
C SER C 110 -9.68 -18.57 -11.54
N ASP C 111 -8.78 -18.75 -10.58
CA ASP C 111 -8.89 -18.06 -9.31
C ASP C 111 -8.60 -16.57 -9.46
N GLY C 112 -9.16 -15.78 -8.54
CA GLY C 112 -9.01 -14.34 -8.55
C GLY C 112 -10.04 -13.59 -9.36
N ALA C 113 -10.72 -14.25 -10.29
CA ALA C 113 -11.71 -13.60 -11.14
C ALA C 113 -13.10 -13.99 -10.65
N ASP C 114 -13.70 -13.13 -9.83
CA ASP C 114 -15.06 -13.30 -9.38
C ASP C 114 -15.96 -12.15 -9.79
N ASP C 115 -15.43 -11.15 -10.49
CA ASP C 115 -16.22 -10.02 -10.97
C ASP C 115 -15.99 -9.81 -12.46
N THR C 116 -14.82 -10.19 -12.95
CA THR C 116 -14.47 -10.07 -14.36
C THR C 116 -14.82 -11.32 -15.15
N PHE C 117 -15.45 -12.31 -14.53
CA PHE C 117 -15.86 -13.54 -15.20
C PHE C 117 -17.23 -13.31 -15.83
N ALA C 118 -17.31 -13.43 -17.15
CA ALA C 118 -18.54 -13.16 -17.87
C ALA C 118 -18.59 -14.01 -19.13
N ALA C 119 -19.51 -13.68 -20.02
CA ALA C 119 -19.67 -14.36 -21.30
C ALA C 119 -20.11 -13.33 -22.33
N TYR C 120 -19.35 -13.22 -23.42
CA TYR C 120 -19.52 -12.10 -24.34
C TYR C 120 -20.07 -12.47 -25.72
N THR C 121 -20.03 -13.74 -26.09
CA THR C 121 -20.58 -14.17 -27.37
C THR C 121 -21.82 -15.02 -27.12
N ARG C 122 -22.55 -15.29 -28.21
CA ARG C 122 -23.78 -16.08 -28.10
C ARG C 122 -23.51 -17.57 -28.00
N GLU C 123 -22.31 -18.03 -28.36
CA GLU C 123 -21.98 -19.45 -28.23
C GLU C 123 -21.32 -19.78 -26.91
N GLN C 124 -20.72 -18.81 -26.23
CA GLN C 124 -20.17 -19.07 -24.90
C GLN C 124 -21.25 -19.18 -23.83
N LEU C 125 -22.42 -18.62 -24.07
CA LEU C 125 -23.52 -18.77 -23.11
C LEU C 125 -24.21 -20.12 -23.28
N TYR C 126 -24.19 -20.69 -24.48
CA TYR C 126 -24.67 -22.06 -24.65
C TYR C 126 -23.71 -23.06 -24.02
N GLN C 127 -22.40 -22.82 -24.14
CA GLN C 127 -21.41 -23.73 -23.58
C GLN C 127 -21.25 -23.58 -22.07
N ALA C 128 -21.76 -22.50 -21.48
CA ALA C 128 -21.69 -22.34 -20.04
C ALA C 128 -22.91 -22.93 -19.33
N ILE C 129 -24.07 -22.92 -19.98
CA ILE C 129 -25.25 -23.56 -19.41
C ILE C 129 -25.14 -25.08 -19.52
N PHE C 130 -24.67 -25.57 -20.68
CA PHE C 130 -24.61 -27.00 -20.91
C PHE C 130 -23.51 -27.67 -20.08
N HIS C 131 -22.43 -26.95 -19.79
CA HIS C 131 -21.38 -27.51 -18.94
C HIS C 131 -21.81 -27.56 -17.48
N ALA C 132 -22.70 -26.65 -17.06
CA ALA C 132 -23.20 -26.67 -15.70
C ALA C 132 -24.23 -27.77 -15.46
N VAL C 133 -24.80 -28.33 -16.52
CA VAL C 133 -25.77 -29.42 -16.41
C VAL C 133 -25.11 -30.77 -16.64
N ASP C 134 -24.17 -30.85 -17.59
CA ASP C 134 -23.46 -32.10 -17.85
C ASP C 134 -22.57 -32.51 -16.68
N GLN C 135 -22.07 -31.53 -15.91
CA GLN C 135 -21.35 -31.86 -14.69
C GLN C 135 -22.29 -32.10 -13.52
N TYR C 136 -23.58 -31.81 -13.68
CA TYR C 136 -24.56 -32.17 -12.65
C TYR C 136 -25.09 -33.59 -12.88
N LEU C 137 -25.32 -33.96 -14.13
CA LEU C 137 -25.78 -35.30 -14.46
C LEU C 137 -24.68 -36.35 -14.40
N ALA C 138 -23.42 -35.92 -14.21
CA ALA C 138 -22.30 -36.84 -14.01
C ALA C 138 -21.50 -36.42 -12.78
N LEU C 139 -22.20 -35.95 -11.74
CA LEU C 139 -21.51 -35.46 -10.54
C LEU C 139 -20.83 -36.55 -9.71
N PRO C 140 -21.46 -37.68 -9.34
CA PRO C 140 -20.75 -38.64 -8.49
C PRO C 140 -19.74 -39.52 -9.21
N ASP C 141 -19.39 -39.22 -10.47
CA ASP C 141 -18.35 -39.95 -11.18
C ASP C 141 -17.10 -39.12 -11.43
N VAL C 142 -17.16 -37.80 -11.28
CA VAL C 142 -16.00 -36.95 -11.45
C VAL C 142 -15.61 -36.20 -10.19
N SER C 143 -16.53 -36.02 -9.24
CA SER C 143 -16.28 -35.21 -8.06
C SER C 143 -15.98 -36.09 -6.85
N LEU C 144 -15.07 -35.63 -6.01
CA LEU C 144 -14.71 -36.31 -4.78
C LEU C 144 -15.34 -35.58 -3.58
N GLY C 145 -15.91 -36.35 -2.67
CA GLY C 145 -16.55 -35.76 -1.51
C GLY C 145 -17.84 -36.46 -1.10
N ARG C 146 -18.37 -37.27 -2.02
CA ARG C 146 -19.61 -38.05 -1.86
C ARG C 146 -20.80 -37.12 -1.56
N TYR C 147 -21.13 -36.34 -2.59
CA TYR C 147 -22.37 -35.57 -2.58
C TYR C 147 -23.51 -36.44 -3.07
N ALA C 148 -24.72 -36.07 -2.67
CA ALA C 148 -25.92 -36.80 -3.08
C ALA C 148 -27.02 -35.82 -3.44
N TYR C 149 -27.93 -36.28 -4.28
CA TYR C 149 -28.99 -35.42 -4.81
C TYR C 149 -30.10 -35.26 -3.77
N VAL C 150 -31.12 -34.49 -4.13
CA VAL C 150 -32.15 -34.11 -3.18
C VAL C 150 -33.50 -34.76 -3.47
N ARG C 151 -33.87 -34.97 -4.75
CA ARG C 151 -35.22 -35.29 -5.19
C ARG C 151 -36.21 -34.29 -4.58
N GLY C 152 -36.06 -33.05 -5.03
CA GLY C 152 -36.65 -31.93 -4.33
C GLY C 152 -38.15 -31.82 -4.52
N GLY C 153 -38.80 -31.27 -3.49
CA GLY C 153 -40.24 -31.04 -3.50
C GLY C 153 -40.59 -29.63 -3.09
N GLY C 154 -39.77 -28.66 -3.48
CA GLY C 154 -39.95 -27.28 -3.10
C GLY C 154 -40.81 -26.51 -4.10
N ASP C 155 -40.71 -25.18 -4.02
CA ASP C 155 -41.55 -24.34 -4.86
C ASP C 155 -41.03 -24.19 -6.30
N PRO C 156 -39.68 -23.94 -6.59
CA PRO C 156 -39.22 -23.98 -7.98
C PRO C 156 -38.79 -25.37 -8.44
N TRP C 157 -39.62 -26.37 -8.14
CA TRP C 157 -39.37 -27.74 -8.58
C TRP C 157 -40.71 -28.42 -8.81
N THR C 158 -40.64 -29.62 -9.40
CA THR C 158 -41.80 -30.47 -9.61
C THR C 158 -41.67 -31.71 -8.73
N ASN C 159 -42.61 -32.65 -8.91
CA ASN C 159 -42.64 -33.87 -8.10
C ASN C 159 -41.77 -34.91 -8.78
N GLY C 160 -40.46 -34.81 -8.53
CA GLY C 160 -39.52 -35.77 -9.09
C GLY C 160 -38.36 -35.13 -9.82
N SER C 161 -38.11 -33.85 -9.58
CA SER C 161 -37.04 -33.12 -10.23
C SER C 161 -35.96 -32.75 -9.22
N GLY C 162 -34.75 -32.56 -9.72
CA GLY C 162 -33.63 -32.15 -8.89
C GLY C 162 -32.92 -30.93 -9.43
N LEU C 163 -33.14 -30.63 -10.72
CA LEU C 163 -32.51 -29.49 -11.37
C LEU C 163 -33.58 -28.71 -12.12
N ALA C 164 -33.51 -27.39 -12.03
CA ALA C 164 -34.50 -26.52 -12.66
C ALA C 164 -33.82 -25.26 -13.19
N LEU C 165 -33.53 -25.25 -14.49
CA LEU C 165 -33.05 -24.07 -15.18
C LEU C 165 -34.24 -23.33 -15.77
N CYS C 166 -34.29 -22.02 -15.57
CA CYS C 166 -35.46 -21.23 -15.91
C CYS C 166 -35.04 -19.98 -16.66
N GLN C 167 -35.98 -19.41 -17.41
CA GLN C 167 -35.77 -18.17 -18.13
C GLN C 167 -36.71 -17.09 -17.61
N ARG C 168 -36.29 -15.83 -17.79
CA ARG C 168 -37.15 -14.68 -17.58
C ARG C 168 -36.94 -13.74 -18.77
N TYR C 169 -38.04 -13.27 -19.36
CA TYR C 169 -37.96 -12.37 -20.49
C TYR C 169 -39.24 -11.56 -20.57
N TYR C 170 -39.20 -10.49 -21.36
CA TYR C 170 -40.34 -9.60 -21.51
C TYR C 170 -41.41 -10.28 -22.34
N HIS C 171 -42.67 -10.10 -21.96
CA HIS C 171 -43.75 -10.84 -22.59
C HIS C 171 -44.06 -10.31 -23.99
N ARG C 172 -43.85 -9.02 -24.23
CA ARG C 172 -44.12 -8.44 -25.54
C ARG C 172 -43.09 -7.34 -25.80
N GLY C 173 -42.19 -7.59 -26.74
CA GLY C 173 -41.17 -6.62 -27.06
C GLY C 173 -40.60 -6.80 -28.45
N HIS C 174 -40.39 -5.69 -29.16
CA HIS C 174 -39.76 -5.72 -30.47
C HIS C 174 -39.01 -4.40 -30.63
N VAL C 175 -37.71 -4.41 -30.32
CA VAL C 175 -36.89 -3.21 -30.38
C VAL C 175 -36.03 -3.25 -31.63
N ASP C 176 -35.79 -2.07 -32.20
CA ASP C 176 -34.95 -1.93 -33.38
C ASP C 176 -34.43 -0.50 -33.45
N PRO C 177 -33.11 -0.29 -33.35
CA PRO C 177 -32.56 1.03 -33.63
C PRO C 177 -32.62 1.35 -35.11
N ALA C 178 -32.74 2.65 -35.40
CA ALA C 178 -32.91 3.31 -36.71
C ALA C 178 -34.26 3.04 -37.36
N ASN C 179 -35.10 2.18 -36.77
CA ASN C 179 -36.53 2.08 -37.11
C ASN C 179 -37.21 2.01 -35.74
N ASP C 180 -37.48 3.19 -35.18
CA ASP C 180 -37.60 3.36 -33.73
C ASP C 180 -39.03 3.16 -33.24
N THR C 181 -39.61 1.99 -33.52
CA THR C 181 -40.90 1.59 -32.99
C THR C 181 -40.65 0.49 -31.97
N PHE C 182 -40.44 0.87 -30.72
CA PHE C 182 -40.21 -0.08 -29.64
C PHE C 182 -41.40 -0.08 -28.68
N ASP C 183 -41.82 -1.29 -28.29
CA ASP C 183 -42.95 -1.47 -27.39
C ASP C 183 -42.55 -2.36 -26.22
N ILE C 184 -42.74 -1.87 -25.01
CA ILE C 184 -42.29 -2.55 -23.80
C ILE C 184 -43.47 -2.74 -22.87
N ASP C 185 -43.72 -3.99 -22.47
CA ASP C 185 -44.70 -4.34 -21.45
C ASP C 185 -44.00 -5.27 -20.46
N PRO C 186 -43.47 -4.73 -19.36
CA PRO C 186 -42.66 -5.55 -18.45
C PRO C 186 -43.45 -6.58 -17.66
N MET C 187 -43.32 -7.84 -18.06
CA MET C 187 -43.95 -8.96 -17.36
C MET C 187 -43.09 -10.18 -17.57
N VAL C 188 -42.54 -10.73 -16.48
CA VAL C 188 -41.61 -11.84 -16.60
C VAL C 188 -42.35 -13.13 -16.92
N VAL C 189 -41.81 -13.88 -17.88
CA VAL C 189 -42.33 -15.19 -18.27
C VAL C 189 -41.34 -16.24 -17.79
N THR C 190 -41.81 -17.19 -16.99
CA THR C 190 -40.96 -18.14 -16.30
C THR C 190 -41.11 -19.50 -16.99
N ASP C 191 -40.22 -19.77 -17.95
CA ASP C 191 -40.22 -21.01 -18.72
C ASP C 191 -39.15 -21.95 -18.16
N CYS C 192 -39.49 -22.63 -17.07
CA CYS C 192 -38.55 -23.54 -16.43
C CYS C 192 -38.45 -24.86 -17.18
N ILE C 193 -37.26 -25.45 -17.14
CA ILE C 193 -36.98 -26.77 -17.70
C ILE C 193 -36.58 -27.68 -16.56
N GLN C 194 -37.19 -28.86 -16.49
CA GLN C 194 -37.01 -29.77 -15.37
C GLN C 194 -36.29 -31.03 -15.84
N VAL C 195 -35.30 -31.47 -15.06
CA VAL C 195 -34.58 -32.69 -15.37
C VAL C 195 -34.17 -33.35 -14.05
N ASP C 196 -34.17 -34.69 -14.04
CA ASP C 196 -33.90 -35.51 -12.87
C ASP C 196 -32.53 -36.19 -12.97
N PRO C 197 -31.86 -36.43 -11.84
CA PRO C 197 -30.55 -37.08 -11.88
C PRO C 197 -30.67 -38.60 -11.87
N PRO C 198 -30.03 -39.29 -12.80
CA PRO C 198 -29.95 -40.76 -12.74
C PRO C 198 -28.70 -41.22 -12.00
N GLU C 199 -28.86 -42.27 -11.19
CA GLU C 199 -27.74 -42.81 -10.43
C GLU C 199 -27.42 -44.25 -10.78
N ARG C 200 -28.40 -45.14 -10.72
CA ARG C 200 -28.16 -46.57 -10.95
C ARG C 200 -28.47 -46.90 -12.39
N PRO C 201 -27.48 -47.34 -13.19
CA PRO C 201 -27.74 -47.71 -14.60
C PRO C 201 -28.44 -49.06 -14.71
N SER C 216 -32.52 -34.78 -21.75
CA SER C 216 -32.74 -34.88 -23.19
C SER C 216 -33.59 -33.73 -23.70
N SER C 217 -34.58 -33.34 -22.90
CA SER C 217 -35.47 -32.25 -23.26
C SER C 217 -34.95 -30.89 -22.83
N TYR C 218 -33.69 -30.80 -22.40
CA TYR C 218 -33.10 -29.51 -22.07
C TYR C 218 -32.16 -29.00 -23.15
N LYS C 219 -31.70 -29.88 -24.05
CA LYS C 219 -30.87 -29.45 -25.16
C LYS C 219 -31.64 -28.61 -26.18
N ASN C 220 -32.95 -28.76 -26.25
CA ASN C 220 -33.79 -27.94 -27.13
C ASN C 220 -34.20 -26.64 -26.42
N LEU C 221 -33.19 -25.81 -26.14
CA LEU C 221 -33.38 -24.57 -25.41
C LEU C 221 -33.14 -23.39 -26.32
N THR C 222 -34.06 -22.42 -26.29
CA THR C 222 -33.93 -21.17 -27.01
C THR C 222 -34.11 -20.02 -26.02
N LEU C 223 -33.28 -18.99 -26.16
CA LEU C 223 -33.19 -17.95 -25.13
C LEU C 223 -33.78 -16.61 -25.52
N LYS C 224 -33.88 -16.30 -26.83
CA LYS C 224 -34.42 -15.05 -27.36
C LYS C 224 -33.64 -13.85 -26.82
N PHE C 225 -32.39 -13.76 -27.28
CA PHE C 225 -31.36 -12.89 -26.69
C PHE C 225 -31.70 -11.40 -26.75
N HIS C 226 -32.56 -10.98 -27.68
CA HIS C 226 -33.01 -9.60 -27.73
C HIS C 226 -34.20 -9.33 -26.82
N LYS C 227 -34.54 -10.29 -25.96
CA LYS C 227 -35.70 -10.20 -25.07
C LYS C 227 -35.38 -10.68 -23.65
N LEU C 228 -34.25 -11.35 -23.44
CA LEU C 228 -33.95 -12.06 -22.20
C LEU C 228 -33.67 -11.10 -21.05
N VAL C 229 -33.95 -11.56 -19.83
CA VAL C 229 -33.59 -10.84 -18.62
C VAL C 229 -32.49 -11.58 -17.85
N ASN C 230 -32.77 -12.79 -17.36
CA ASN C 230 -31.76 -13.59 -16.68
C ASN C 230 -32.14 -15.07 -16.74
N VAL C 231 -31.12 -15.91 -16.62
CA VAL C 231 -31.27 -17.36 -16.60
C VAL C 231 -30.64 -17.86 -15.31
N THR C 232 -31.44 -18.52 -14.48
CA THR C 232 -30.98 -19.04 -13.19
C THR C 232 -30.99 -20.57 -13.21
N ILE C 233 -30.31 -21.14 -12.23
CA ILE C 233 -30.17 -22.59 -12.08
C ILE C 233 -30.30 -22.93 -10.59
N HIS C 234 -31.25 -23.80 -10.26
CA HIS C 234 -31.51 -24.19 -8.89
C HIS C 234 -31.29 -25.67 -8.72
N PHE C 235 -30.43 -26.06 -7.76
CA PHE C 235 -30.34 -27.43 -7.30
C PHE C 235 -29.78 -27.43 -5.88
N ARG C 236 -29.84 -28.60 -5.24
CA ARG C 236 -29.40 -28.75 -3.87
C ARG C 236 -28.59 -30.02 -3.73
N LEU C 237 -27.64 -30.00 -2.80
CA LEU C 237 -26.78 -31.14 -2.53
C LEU C 237 -26.65 -31.33 -1.02
N LYS C 238 -26.59 -32.59 -0.60
CA LYS C 238 -26.41 -32.95 0.80
C LYS C 238 -25.06 -33.62 1.00
N THR C 239 -24.36 -33.24 2.06
CA THR C 239 -23.07 -33.82 2.38
C THR C 239 -22.97 -34.03 3.88
N ILE C 240 -21.94 -34.77 4.28
CA ILE C 240 -21.70 -35.13 5.68
C ILE C 240 -20.42 -34.44 6.13
N ASN C 241 -20.52 -33.57 7.12
CA ASN C 241 -19.35 -32.89 7.67
C ASN C 241 -18.50 -33.89 8.45
N LEU C 242 -17.35 -34.24 7.88
CA LEU C 242 -16.49 -35.29 8.44
C LEU C 242 -15.33 -34.68 9.22
N GLN C 243 -15.60 -33.59 9.94
CA GLN C 243 -14.59 -32.88 10.73
C GLN C 243 -14.73 -33.19 12.22
N SER C 244 -14.99 -34.45 12.56
CA SER C 244 -15.29 -34.89 13.93
C SER C 244 -14.03 -35.09 14.79
N LEU C 245 -12.90 -34.48 14.45
CA LEU C 245 -11.69 -34.63 15.26
C LEU C 245 -11.84 -33.91 16.60
N ILE C 246 -12.42 -32.70 16.58
CA ILE C 246 -12.54 -31.94 17.82
C ILE C 246 -13.82 -32.31 18.56
N ASN C 247 -14.84 -32.83 17.86
CA ASN C 247 -16.12 -33.12 18.51
C ASN C 247 -16.09 -34.47 19.22
N ASN C 248 -15.57 -35.50 18.54
CA ASN C 248 -15.51 -36.91 18.98
C ASN C 248 -16.92 -37.48 19.21
N GLU C 249 -17.94 -36.87 18.63
CA GLU C 249 -19.33 -37.32 18.72
C GLU C 249 -19.97 -37.15 17.36
N ILE C 250 -21.30 -37.17 17.32
CA ILE C 250 -22.08 -37.02 16.09
C ILE C 250 -21.88 -35.64 15.49
N PRO C 251 -21.39 -35.54 14.25
CA PRO C 251 -21.23 -34.23 13.61
C PRO C 251 -22.51 -33.78 12.92
N ASP C 252 -22.45 -32.64 12.24
CA ASP C 252 -23.61 -32.10 11.56
C ASP C 252 -23.80 -32.75 10.20
N CYS C 253 -24.96 -32.48 9.59
CA CYS C 253 -25.28 -32.98 8.26
C CYS C 253 -25.88 -31.82 7.47
N TYR C 254 -25.18 -31.36 6.45
CA TYR C 254 -25.50 -30.12 5.75
C TYR C 254 -26.35 -30.39 4.51
N THR C 255 -26.93 -29.31 4.00
CA THR C 255 -27.72 -29.34 2.77
C THR C 255 -27.53 -27.99 2.08
N PHE C 256 -26.77 -27.98 0.99
CA PHE C 256 -26.48 -26.73 0.30
C PHE C 256 -27.61 -26.34 -0.64
N SER C 257 -27.44 -25.20 -1.31
CA SER C 257 -28.39 -24.73 -2.31
C SER C 257 -27.62 -23.83 -3.27
N VAL C 258 -27.25 -24.38 -4.43
CA VAL C 258 -26.39 -23.70 -5.38
C VAL C 258 -27.24 -22.91 -6.37
N LEU C 259 -26.91 -21.64 -6.56
CA LEU C 259 -27.65 -20.75 -7.47
C LEU C 259 -26.66 -20.12 -8.45
N ILE C 260 -26.67 -20.60 -9.69
CA ILE C 260 -25.86 -20.02 -10.76
C ILE C 260 -26.73 -19.02 -11.51
N THR C 261 -26.26 -17.78 -11.64
CA THR C 261 -27.07 -16.69 -12.14
C THR C 261 -26.42 -16.10 -13.39
N PHE C 262 -27.09 -16.27 -14.53
CA PHE C 262 -26.66 -15.65 -15.79
C PHE C 262 -27.39 -14.33 -16.01
N ASP C 263 -27.12 -13.39 -15.11
CA ASP C 263 -27.88 -12.14 -15.04
C ASP C 263 -27.51 -11.20 -16.17
N ASN C 264 -28.53 -10.69 -16.89
CA ASN C 264 -28.35 -9.69 -17.93
C ASN C 264 -29.36 -8.56 -17.70
N LYS C 265 -29.02 -7.62 -16.81
CA LYS C 265 -29.90 -6.48 -16.57
C LYS C 265 -29.43 -5.21 -17.25
N ALA C 266 -28.13 -5.08 -17.52
CA ALA C 266 -27.63 -3.89 -18.19
C ALA C 266 -27.99 -3.85 -19.67
N HIS C 267 -28.23 -5.02 -20.29
CA HIS C 267 -28.49 -5.18 -21.72
C HIS C 267 -27.37 -4.56 -22.55
N SER C 268 -26.13 -4.77 -22.11
CA SER C 268 -24.97 -4.10 -22.68
C SER C 268 -23.98 -5.07 -23.30
N GLY C 269 -24.43 -6.28 -23.67
CA GLY C 269 -23.52 -7.23 -24.26
C GLY C 269 -22.57 -7.89 -23.30
N ARG C 270 -22.91 -7.91 -22.01
CA ARG C 270 -22.05 -8.50 -20.99
C ARG C 270 -22.94 -9.17 -19.95
N ILE C 271 -22.75 -10.49 -19.76
CA ILE C 271 -23.55 -11.25 -18.81
C ILE C 271 -22.64 -11.78 -17.71
N PRO C 272 -22.67 -11.21 -16.51
CA PRO C 272 -21.86 -11.75 -15.42
C PRO C 272 -22.41 -13.06 -14.90
N ILE C 273 -21.49 -13.95 -14.53
CA ILE C 273 -21.83 -15.29 -14.04
C ILE C 273 -21.34 -15.38 -12.59
N SER C 274 -22.19 -15.91 -11.71
CA SER C 274 -21.86 -15.99 -10.29
C SER C 274 -22.41 -17.30 -9.72
N LEU C 275 -22.18 -17.49 -8.43
CA LEU C 275 -22.63 -18.69 -7.74
C LEU C 275 -22.85 -18.36 -6.27
N GLU C 276 -23.97 -18.82 -5.72
CA GLU C 276 -24.37 -18.53 -4.35
C GLU C 276 -24.74 -19.82 -3.64
N THR C 277 -24.53 -19.83 -2.32
CA THR C 277 -24.92 -20.95 -1.46
C THR C 277 -25.59 -20.44 -0.20
N GLN C 278 -26.54 -21.24 0.30
CA GLN C 278 -27.15 -21.03 1.61
C GLN C 278 -27.12 -22.38 2.33
N ALA C 279 -26.13 -22.58 3.20
CA ALA C 279 -25.91 -23.86 3.84
C ALA C 279 -26.95 -24.06 4.94
N HIS C 280 -28.04 -24.75 4.60
CA HIS C 280 -29.10 -25.04 5.56
C HIS C 280 -28.66 -26.18 6.48
N ILE C 281 -28.73 -25.95 7.79
CA ILE C 281 -28.12 -26.83 8.78
C ILE C 281 -29.20 -27.30 9.75
N GLN C 282 -29.29 -28.63 9.92
CA GLN C 282 -30.05 -29.23 11.01
C GLN C 282 -29.44 -30.60 11.29
N GLU C 283 -30.01 -31.30 12.27
CA GLU C 283 -29.53 -32.63 12.58
C GLU C 283 -29.95 -33.63 11.50
N CYS C 284 -29.30 -34.79 11.55
CA CYS C 284 -29.60 -35.90 10.64
C CYS C 284 -29.90 -37.13 11.48
N LYS C 285 -30.95 -37.86 11.09
CA LYS C 285 -31.55 -38.90 11.94
C LYS C 285 -30.62 -40.09 12.04
N HIS C 286 -29.94 -40.22 13.18
CA HIS C 286 -28.93 -41.19 13.53
C HIS C 286 -29.52 -42.39 14.25
N PRO C 287 -29.07 -43.60 13.93
CA PRO C 287 -29.33 -44.76 14.79
C PRO C 287 -28.30 -44.97 15.90
N SER C 288 -27.43 -43.99 16.15
CA SER C 288 -26.36 -44.12 17.13
C SER C 288 -26.88 -43.77 18.52
N VAL C 289 -25.98 -43.83 19.50
CA VAL C 289 -26.36 -43.69 20.91
C VAL C 289 -25.22 -42.96 21.63
N PHE C 290 -25.57 -42.31 22.75
CA PHE C 290 -24.66 -41.60 23.65
C PHE C 290 -23.90 -40.47 22.94
N GLN C 291 -24.66 -39.49 22.47
CA GLN C 291 -24.06 -38.25 21.99
C GLN C 291 -23.80 -37.28 23.14
N HIS C 292 -24.60 -37.33 24.19
CA HIS C 292 -24.61 -36.32 25.25
C HIS C 292 -23.54 -36.56 26.32
N GLY C 293 -22.51 -37.36 26.04
CA GLY C 293 -21.38 -37.44 26.94
C GLY C 293 -20.46 -36.25 26.86
N ASP C 294 -20.29 -35.70 25.66
CA ASP C 294 -19.51 -34.48 25.46
C ASP C 294 -20.37 -33.23 25.34
N ASN C 295 -21.69 -33.40 25.16
CA ASN C 295 -22.60 -32.25 25.09
C ASN C 295 -22.80 -31.62 26.46
N SER C 296 -22.50 -32.33 27.54
CA SER C 296 -22.65 -31.83 28.90
C SER C 296 -21.49 -30.96 29.36
N PHE C 297 -20.62 -30.52 28.45
CA PHE C 297 -19.50 -29.66 28.79
C PHE C 297 -19.65 -28.24 28.24
N ARG C 298 -20.75 -27.94 27.56
CA ARG C 298 -20.93 -26.65 26.91
C ARG C 298 -22.26 -25.99 27.19
N LEU C 299 -23.31 -26.72 27.58
CA LEU C 299 -24.60 -26.10 27.84
C LEU C 299 -24.75 -25.69 29.30
N LEU C 300 -24.08 -26.40 30.21
CA LEU C 300 -24.08 -26.00 31.61
C LEU C 300 -23.23 -24.75 31.84
N PHE C 301 -22.29 -24.46 30.95
CA PHE C 301 -21.46 -23.27 31.06
C PHE C 301 -22.15 -22.02 30.54
N ASP C 302 -23.16 -22.16 29.68
CA ASP C 302 -23.83 -21.01 29.11
C ASP C 302 -24.97 -20.48 29.98
N VAL C 303 -25.55 -21.32 30.84
CA VAL C 303 -26.56 -20.85 31.78
C VAL C 303 -25.95 -20.14 32.98
N VAL C 304 -24.63 -20.25 33.16
CA VAL C 304 -23.95 -19.48 34.19
C VAL C 304 -23.89 -18.01 33.78
N VAL C 305 -23.72 -17.75 32.49
CA VAL C 305 -23.72 -16.37 31.98
C VAL C 305 -25.10 -15.75 32.13
N ILE C 306 -26.16 -16.56 31.97
CA ILE C 306 -27.52 -16.10 32.22
C ILE C 306 -27.72 -15.77 33.70
N LEU C 307 -27.04 -16.49 34.58
CA LEU C 307 -27.11 -16.19 36.01
C LEU C 307 -26.23 -15.01 36.39
N THR C 308 -24.92 -15.11 36.13
CA THR C 308 -23.95 -14.17 36.67
C THR C 308 -24.05 -12.78 36.06
N CYS C 309 -24.55 -12.64 34.83
CA CYS C 309 -24.79 -11.31 34.30
C CYS C 309 -26.11 -10.73 34.81
N SER C 310 -27.08 -11.59 35.12
CA SER C 310 -28.33 -11.11 35.71
C SER C 310 -28.22 -10.96 37.22
N LEU C 311 -27.36 -11.74 37.87
CA LEU C 311 -27.09 -11.51 39.29
C LEU C 311 -26.29 -10.22 39.48
N SER C 312 -25.49 -9.84 38.49
CA SER C 312 -24.87 -8.53 38.46
C SER C 312 -25.82 -7.44 37.94
N PHE C 313 -26.96 -7.84 37.36
CA PHE C 313 -28.00 -6.88 37.02
C PHE C 313 -28.87 -6.56 38.22
N LEU C 314 -28.93 -7.44 39.21
CA LEU C 314 -29.66 -7.14 40.44
C LEU C 314 -28.92 -6.11 41.28
N LEU C 315 -27.60 -6.24 41.40
CA LEU C 315 -26.84 -5.39 42.30
C LEU C 315 -26.50 -4.03 41.70
N CYS C 316 -26.23 -3.98 40.38
CA CYS C 316 -25.87 -2.71 39.76
C CYS C 316 -27.08 -1.81 39.56
N ALA C 317 -28.24 -2.38 39.27
CA ALA C 317 -29.44 -1.57 39.12
C ALA C 317 -29.94 -1.07 40.47
N ARG C 318 -29.75 -1.88 41.52
CA ARG C 318 -30.13 -1.45 42.87
C ARG C 318 -29.25 -0.30 43.34
N SER C 319 -28.00 -0.25 42.87
CA SER C 319 -27.15 0.90 43.15
C SER C 319 -27.62 2.13 42.41
N LEU C 320 -28.39 1.94 41.32
CA LEU C 320 -28.96 3.08 40.62
C LEU C 320 -30.26 3.53 41.27
N LEU C 321 -30.95 2.60 41.95
CA LEU C 321 -32.09 3.00 42.79
C LEU C 321 -31.63 3.77 44.01
N ARG C 322 -30.52 3.34 44.62
CA ARG C 322 -30.02 4.01 45.82
C ARG C 322 -29.48 5.40 45.51
N GLY C 323 -29.02 5.60 44.27
CA GLY C 323 -28.57 6.93 43.88
C GLY C 323 -29.71 7.88 43.59
N PHE C 324 -30.93 7.34 43.45
CA PHE C 324 -32.08 8.19 43.14
C PHE C 324 -32.83 8.58 44.40
N LEU C 325 -32.79 7.73 45.44
CA LEU C 325 -33.40 8.09 46.72
C LEU C 325 -32.61 9.16 47.44
N LEU C 326 -31.29 9.19 47.25
CA LEU C 326 -30.47 10.24 47.85
C LEU C 326 -30.56 11.55 47.10
N GLN C 327 -31.20 11.58 45.93
CA GLN C 327 -31.54 12.84 45.30
C GLN C 327 -32.66 13.55 46.06
N ASN C 328 -33.59 12.78 46.62
CA ASN C 328 -34.65 13.37 47.43
C ASN C 328 -34.11 13.86 48.78
N GLU C 329 -33.14 13.14 49.35
CA GLU C 329 -32.59 13.54 50.64
C GLU C 329 -31.72 14.78 50.53
N PHE C 330 -31.14 15.04 49.36
CA PHE C 330 -30.22 16.16 49.21
C PHE C 330 -30.98 17.46 48.95
N VAL C 331 -31.76 17.52 47.87
CA VAL C 331 -32.46 18.74 47.52
C VAL C 331 -33.71 18.94 48.37
N GLY C 332 -34.18 17.89 49.06
CA GLY C 332 -35.35 18.03 49.90
C GLY C 332 -35.09 18.87 51.14
N PHE C 333 -33.98 18.60 51.82
CA PHE C 333 -33.60 19.40 52.97
C PHE C 333 -32.91 20.70 52.59
N MET C 334 -32.58 20.88 51.30
CA MET C 334 -32.15 22.19 50.80
C MET C 334 -33.37 22.90 50.24
N TRP C 335 -34.16 23.46 51.16
CA TRP C 335 -35.51 23.96 50.86
C TRP C 335 -35.41 25.34 50.19
N ARG C 336 -34.90 25.32 48.95
CA ARG C 336 -34.64 26.50 48.11
C ARG C 336 -33.81 27.54 48.86
N GLN C 337 -32.72 27.07 49.47
CA GLN C 337 -31.92 27.92 50.35
C GLN C 337 -31.03 28.86 49.53
N ARG C 338 -30.31 28.32 48.55
CA ARG C 338 -29.52 29.13 47.63
C ARG C 338 -30.33 29.39 46.34
N GLY C 339 -31.51 29.94 46.54
CA GLY C 339 -32.30 30.52 45.47
C GLY C 339 -32.94 29.51 44.54
N ARG C 340 -32.11 28.92 43.68
CA ARG C 340 -32.53 27.94 42.67
C ARG C 340 -31.46 26.88 42.59
N VAL C 341 -31.85 25.62 42.74
CA VAL C 341 -30.91 24.50 42.89
C VAL C 341 -30.83 23.66 41.63
N ILE C 342 -31.96 23.11 41.18
CA ILE C 342 -31.97 22.16 40.07
C ILE C 342 -32.10 22.91 38.76
N SER C 343 -31.12 22.74 37.88
CA SER C 343 -31.13 23.31 36.53
C SER C 343 -30.78 22.25 35.49
N LEU C 344 -31.23 21.00 35.74
CA LEU C 344 -30.99 19.83 34.89
C LEU C 344 -29.49 19.54 34.70
N TRP C 345 -28.68 19.89 35.68
CA TRP C 345 -27.27 19.48 35.71
C TRP C 345 -26.92 18.90 37.06
N GLU C 346 -27.59 19.37 38.11
CA GLU C 346 -27.33 18.89 39.46
C GLU C 346 -28.07 17.60 39.77
N ARG C 347 -29.03 17.20 38.92
CA ARG C 347 -29.71 15.92 39.12
C ARG C 347 -28.85 14.77 38.64
N LEU C 348 -28.10 14.97 37.56
CA LEU C 348 -27.26 13.92 36.99
C LEU C 348 -25.92 13.76 37.69
N GLU C 349 -25.69 14.47 38.80
CA GLU C 349 -24.49 14.24 39.59
C GLU C 349 -24.54 12.88 40.29
N PHE C 350 -25.74 12.47 40.73
CA PHE C 350 -25.90 11.14 41.32
C PHE C 350 -25.76 10.04 40.28
N VAL C 351 -26.16 10.32 39.04
CA VAL C 351 -26.07 9.34 37.96
C VAL C 351 -24.62 9.31 37.47
N ASN C 352 -23.90 8.24 37.81
CA ASN C 352 -22.53 8.08 37.36
C ASN C 352 -22.48 7.20 36.12
N GLY C 353 -21.55 7.51 35.22
CA GLY C 353 -21.51 6.92 33.90
C GLY C 353 -21.01 5.51 33.80
N TRP C 354 -20.69 4.85 34.91
CA TRP C 354 -20.22 3.47 34.86
C TRP C 354 -21.31 2.44 35.15
N TYR C 355 -22.25 2.76 36.04
CA TYR C 355 -23.36 1.85 36.28
C TYR C 355 -24.40 1.89 35.17
N ILE C 356 -24.48 2.98 34.41
CA ILE C 356 -25.35 3.01 33.23
C ILE C 356 -24.75 2.18 32.10
N LEU C 357 -23.45 1.89 32.16
CA LEU C 357 -22.78 1.10 31.14
C LEU C 357 -22.90 -0.40 31.41
N LEU C 358 -22.79 -0.82 32.67
CA LEU C 358 -22.86 -2.24 33.00
C LEU C 358 -24.29 -2.76 32.98
N VAL C 359 -25.27 -1.90 33.23
CA VAL C 359 -26.68 -2.31 33.10
C VAL C 359 -27.01 -2.58 31.64
N THR C 360 -26.55 -1.70 30.74
CA THR C 360 -26.77 -1.90 29.31
C THR C 360 -25.98 -3.10 28.79
N SER C 361 -24.76 -3.30 29.32
CA SER C 361 -23.95 -4.45 28.90
C SER C 361 -24.50 -5.77 29.43
N ASP C 362 -25.38 -5.74 30.45
CA ASP C 362 -26.04 -6.96 30.88
C ASP C 362 -27.26 -7.28 30.04
N VAL C 363 -27.91 -6.25 29.47
CA VAL C 363 -29.04 -6.48 28.58
C VAL C 363 -28.55 -7.04 27.24
N LEU C 364 -27.43 -6.50 26.73
CA LEU C 364 -26.86 -7.00 25.48
C LEU C 364 -26.33 -8.42 25.62
N THR C 365 -25.87 -8.79 26.82
CA THR C 365 -25.36 -10.14 27.02
C THR C 365 -26.49 -11.15 27.15
N ILE C 366 -27.54 -10.81 27.91
CA ILE C 366 -28.64 -11.74 28.14
C ILE C 366 -29.50 -11.92 26.89
N SER C 367 -29.45 -10.96 25.95
CA SER C 367 -30.13 -11.11 24.67
C SER C 367 -29.31 -11.89 23.65
N GLY C 368 -28.05 -12.20 23.97
CA GLY C 368 -27.22 -12.98 23.07
C GLY C 368 -27.03 -14.41 23.54
N THR C 369 -27.20 -14.64 24.84
CA THR C 369 -27.10 -15.99 25.37
C THR C 369 -28.34 -16.81 25.06
N ILE C 370 -29.51 -16.17 25.01
CA ILE C 370 -30.74 -16.89 24.66
C ILE C 370 -30.70 -17.33 23.20
N MET C 371 -30.15 -16.49 22.32
CA MET C 371 -30.08 -16.82 20.90
C MET C 371 -29.06 -17.92 20.63
N LYS C 372 -27.99 -18.00 21.43
CA LYS C 372 -26.96 -19.01 21.20
C LYS C 372 -27.44 -20.40 21.63
N ILE C 373 -28.48 -20.49 22.47
CA ILE C 373 -29.08 -21.78 22.83
C ILE C 373 -29.71 -22.43 21.61
N GLY C 374 -30.11 -21.64 20.61
CA GLY C 374 -30.57 -22.18 19.35
C GLY C 374 -29.49 -22.78 18.46
N ILE C 375 -28.74 -23.73 19.01
CA ILE C 375 -27.79 -24.55 18.25
C ILE C 375 -27.94 -26.04 18.57
N GLU C 376 -28.59 -26.40 19.68
CA GLU C 376 -28.88 -27.78 20.05
C GLU C 376 -29.82 -28.46 19.08
N ALA C 377 -31.06 -27.99 19.00
CA ALA C 377 -32.03 -28.53 18.06
C ALA C 377 -32.94 -27.48 17.43
N LYS C 378 -32.81 -26.21 17.81
CA LYS C 378 -33.71 -25.18 17.31
C LYS C 378 -33.40 -24.86 15.85
N ASN C 379 -34.42 -24.48 15.10
CA ASN C 379 -34.34 -24.26 13.65
C ASN C 379 -34.14 -22.79 13.31
N LEU C 380 -33.39 -22.05 14.14
CA LEU C 380 -33.04 -20.68 13.80
C LEU C 380 -31.71 -20.67 13.07
N ALA C 381 -31.63 -19.87 12.00
CA ALA C 381 -30.38 -19.66 11.26
C ALA C 381 -30.18 -18.16 11.11
N SER C 382 -29.60 -17.56 12.15
CA SER C 382 -29.29 -16.12 12.13
C SER C 382 -28.08 -15.91 13.04
N TYR C 383 -26.90 -15.92 12.43
CA TYR C 383 -25.66 -15.66 13.17
C TYR C 383 -25.23 -14.21 13.08
N ASP C 384 -25.87 -13.41 12.23
CA ASP C 384 -25.52 -12.01 12.11
C ASP C 384 -26.03 -11.21 13.30
N VAL C 385 -27.17 -11.61 13.87
CA VAL C 385 -27.70 -10.93 15.03
C VAL C 385 -27.05 -11.46 16.31
N CYS C 386 -26.81 -12.77 16.37
CA CYS C 386 -26.27 -13.38 17.58
C CYS C 386 -24.83 -12.98 17.85
N SER C 387 -24.06 -12.70 16.80
CA SER C 387 -22.66 -12.33 16.99
C SER C 387 -22.48 -10.86 17.34
N ILE C 388 -23.39 -9.98 16.91
CA ILE C 388 -23.30 -8.57 17.29
C ILE C 388 -23.71 -8.38 18.75
N LEU C 389 -24.75 -9.10 19.19
CA LEU C 389 -25.20 -8.99 20.57
C LEU C 389 -24.17 -9.54 21.56
N LEU C 390 -23.36 -10.51 21.14
CA LEU C 390 -22.27 -10.98 21.97
C LEU C 390 -21.02 -10.11 21.79
N GLY C 391 -20.80 -9.60 20.57
CA GLY C 391 -19.58 -8.87 20.30
C GLY C 391 -19.58 -7.46 20.87
N THR C 392 -20.71 -6.76 20.73
CA THR C 392 -20.80 -5.39 21.26
C THR C 392 -20.87 -5.41 22.79
N SER C 393 -21.43 -6.48 23.37
CA SER C 393 -21.44 -6.60 24.83
C SER C 393 -20.04 -6.86 25.37
N THR C 394 -19.23 -7.64 24.65
CA THR C 394 -17.88 -7.93 25.09
C THR C 394 -16.98 -6.71 24.95
N LEU C 395 -17.30 -5.82 24.01
CA LEU C 395 -16.58 -4.55 23.88
C LEU C 395 -16.83 -3.66 25.10
N LEU C 396 -18.03 -3.72 25.67
CA LEU C 396 -18.36 -2.88 26.81
C LEU C 396 -17.93 -3.49 28.14
N VAL C 397 -17.79 -4.81 28.20
CA VAL C 397 -17.29 -5.46 29.40
C VAL C 397 -15.82 -5.12 29.64
N TRP C 398 -15.02 -5.11 28.56
CA TRP C 398 -13.58 -4.89 28.70
C TRP C 398 -13.26 -3.43 29.05
N VAL C 399 -14.02 -2.48 28.51
CA VAL C 399 -13.72 -1.07 28.81
C VAL C 399 -14.12 -0.66 30.22
N GLY C 400 -14.84 -1.53 30.95
CA GLY C 400 -15.13 -1.26 32.35
C GLY C 400 -13.94 -1.46 33.27
N VAL C 401 -12.86 -2.07 32.77
CA VAL C 401 -11.65 -2.27 33.56
C VAL C 401 -10.93 -0.94 33.76
N ILE C 402 -11.22 0.07 32.93
CA ILE C 402 -10.67 1.42 33.09
C ILE C 402 -11.14 2.03 34.41
N ARG C 403 -12.34 1.66 34.86
CA ARG C 403 -12.80 2.08 36.19
C ARG C 403 -11.94 1.50 37.30
N TYR C 404 -11.44 0.28 37.11
CA TYR C 404 -10.50 -0.28 38.08
C TYR C 404 -9.15 0.42 38.01
N LEU C 405 -8.80 0.96 36.84
CA LEU C 405 -7.58 1.74 36.72
C LEU C 405 -7.82 3.21 37.03
N THR C 406 -9.09 3.59 37.21
CA THR C 406 -9.40 4.98 37.52
C THR C 406 -9.00 5.34 38.94
N PHE C 407 -9.22 4.43 39.89
CA PHE C 407 -8.91 4.71 41.30
C PHE C 407 -7.44 4.44 41.61
N PHE C 408 -6.57 5.17 40.91
CA PHE C 408 -5.15 5.25 41.21
C PHE C 408 -4.68 6.66 40.90
N HIS C 409 -3.78 7.17 41.74
CA HIS C 409 -3.38 8.57 41.65
C HIS C 409 -2.38 8.85 40.54
N ASN C 410 -1.91 7.83 39.83
CA ASN C 410 -1.02 8.03 38.69
C ASN C 410 -1.65 7.70 37.36
N TYR C 411 -2.74 6.93 37.34
CA TYR C 411 -3.47 6.69 36.10
C TYR C 411 -4.59 7.70 35.89
N ASN C 412 -4.98 8.44 36.93
CA ASN C 412 -6.11 9.36 36.83
C ASN C 412 -5.78 10.57 35.97
N ILE C 413 -4.51 10.98 35.95
CA ILE C 413 -4.10 12.10 35.10
C ILE C 413 -4.21 11.71 33.63
N LEU C 414 -3.87 10.46 33.30
CA LEU C 414 -3.89 9.98 31.93
C LEU C 414 -5.30 9.72 31.41
N ILE C 415 -6.31 9.70 32.27
CA ILE C 415 -7.67 9.40 31.88
C ILE C 415 -8.55 10.64 31.94
N ALA C 416 -8.40 11.47 32.98
CA ALA C 416 -9.23 12.66 33.14
C ALA C 416 -8.92 13.75 32.12
N THR C 417 -7.80 13.66 31.40
CA THR C 417 -7.61 14.54 30.24
C THR C 417 -8.53 14.14 29.09
N LEU C 418 -8.93 12.87 29.03
CA LEU C 418 -9.90 12.42 28.04
C LEU C 418 -11.34 12.69 28.45
N ARG C 419 -11.57 13.35 29.57
CA ARG C 419 -12.88 13.88 29.92
C ARG C 419 -12.95 15.39 29.79
N VAL C 420 -11.80 16.07 29.88
CA VAL C 420 -11.76 17.51 29.66
C VAL C 420 -11.70 17.83 28.16
N ALA C 421 -10.89 17.08 27.41
CA ALA C 421 -10.75 17.33 25.98
C ALA C 421 -11.87 16.72 25.15
N LEU C 422 -12.62 15.77 25.70
CA LEU C 422 -13.72 15.10 24.99
C LEU C 422 -14.85 16.05 24.56
N PRO C 423 -15.20 17.11 25.31
CA PRO C 423 -16.02 18.16 24.67
C PRO C 423 -15.30 18.88 23.53
N SER C 424 -14.07 19.35 23.75
CA SER C 424 -13.40 20.20 22.77
C SER C 424 -13.02 19.45 21.50
N VAL C 425 -12.75 18.14 21.59
CA VAL C 425 -12.50 17.35 20.39
C VAL C 425 -13.81 17.14 19.62
N MET C 426 -14.89 16.83 20.33
CA MET C 426 -16.16 16.56 19.67
C MET C 426 -16.82 17.83 19.14
N ARG C 427 -16.53 18.99 19.75
CA ARG C 427 -16.97 20.25 19.17
C ARG C 427 -16.27 20.53 17.84
N PHE C 428 -14.96 20.27 17.79
CA PHE C 428 -14.20 20.51 16.57
C PHE C 428 -14.51 19.50 15.49
N CYS C 429 -14.98 18.30 15.85
CA CYS C 429 -15.37 17.31 14.87
C CYS C 429 -16.65 17.71 14.12
N CYS C 430 -17.44 18.62 14.68
CA CYS C 430 -18.59 19.17 13.97
C CYS C 430 -18.21 20.32 13.05
N CYS C 431 -17.07 20.95 13.27
CA CYS C 431 -16.57 21.97 12.35
C CYS C 431 -15.77 21.39 11.19
N VAL C 432 -15.51 20.08 11.22
CA VAL C 432 -14.77 19.41 10.16
C VAL C 432 -15.69 18.51 9.33
N ALA C 433 -16.67 17.87 9.96
CA ALA C 433 -17.65 17.06 9.25
C ALA C 433 -18.63 17.88 8.43
N VAL C 434 -18.59 19.21 8.54
CA VAL C 434 -19.27 20.07 7.57
C VAL C 434 -18.38 20.30 6.35
N ILE C 435 -17.07 20.46 6.57
CA ILE C 435 -16.13 20.58 5.46
C ILE C 435 -15.95 19.24 4.77
N TYR C 436 -15.91 18.14 5.55
CA TYR C 436 -15.68 16.81 4.99
C TYR C 436 -16.83 16.34 4.11
N LEU C 437 -18.07 16.73 4.45
CA LEU C 437 -19.19 16.45 3.56
C LEU C 437 -19.22 17.37 2.35
N GLY C 438 -18.44 18.45 2.36
CA GLY C 438 -18.37 19.30 1.18
C GLY C 438 -17.60 18.67 0.05
N TYR C 439 -16.45 18.05 0.38
CA TYR C 439 -15.61 17.43 -0.64
C TYR C 439 -16.15 16.09 -1.12
N CYS C 440 -17.15 15.52 -0.46
CA CYS C 440 -17.73 14.26 -0.94
C CYS C 440 -18.65 14.49 -2.14
N PHE C 441 -19.45 15.56 -2.12
CA PHE C 441 -20.34 15.83 -3.24
C PHE C 441 -19.60 16.42 -4.43
N CYS C 442 -18.53 17.16 -4.19
CA CYS C 442 -17.76 17.74 -5.29
C CYS C 442 -16.95 16.69 -6.04
N GLY C 443 -16.48 15.66 -5.34
CA GLY C 443 -15.71 14.62 -5.99
C GLY C 443 -16.53 13.53 -6.64
N TRP C 444 -17.78 13.37 -6.22
CA TRP C 444 -18.60 12.27 -6.70
C TRP C 444 -19.17 12.52 -8.09
N ILE C 445 -19.40 13.78 -8.47
CA ILE C 445 -19.99 14.09 -9.77
C ILE C 445 -18.96 14.50 -10.81
N VAL C 446 -17.81 15.02 -10.41
CA VAL C 446 -16.78 15.42 -11.36
C VAL C 446 -15.86 14.25 -11.69
N LEU C 447 -15.35 13.58 -10.66
CA LEU C 447 -14.51 12.39 -10.83
C LEU C 447 -15.33 11.11 -10.80
N GLY C 448 -16.61 11.18 -11.16
CA GLY C 448 -17.51 10.06 -11.11
C GLY C 448 -17.51 9.15 -12.33
N PRO C 449 -17.80 9.69 -13.51
CA PRO C 449 -17.77 8.85 -14.72
C PRO C 449 -16.40 8.30 -15.09
N TYR C 450 -15.32 9.01 -14.75
CA TYR C 450 -14.00 8.64 -15.25
C TYR C 450 -13.28 7.63 -14.38
N HIS C 451 -13.65 7.49 -13.10
CA HIS C 451 -12.89 6.68 -12.16
C HIS C 451 -13.81 5.74 -11.40
N VAL C 452 -13.22 4.68 -10.85
CA VAL C 452 -13.98 3.59 -10.24
C VAL C 452 -14.04 3.80 -8.73
N LYS C 453 -12.97 4.38 -8.16
CA LYS C 453 -12.93 4.62 -6.72
C LYS C 453 -13.94 5.68 -6.30
N PHE C 454 -14.17 6.67 -7.15
CA PHE C 454 -15.13 7.73 -6.88
C PHE C 454 -16.43 7.44 -7.64
N ARG C 455 -17.21 6.51 -7.10
CA ARG C 455 -18.43 6.08 -7.77
C ARG C 455 -19.69 6.30 -6.94
N SER C 456 -19.62 6.08 -5.63
CA SER C 456 -20.76 6.28 -4.75
C SER C 456 -20.27 6.84 -3.42
N LEU C 457 -21.19 7.48 -2.69
CA LEU C 457 -20.84 8.10 -1.41
C LEU C 457 -20.52 7.10 -0.32
N SER C 458 -20.87 5.83 -0.50
CA SER C 458 -20.35 4.78 0.37
C SER C 458 -18.91 4.44 0.04
N MET C 459 -18.40 4.87 -1.13
CA MET C 459 -17.03 4.59 -1.53
C MET C 459 -16.18 5.85 -1.64
N VAL C 460 -16.80 7.01 -1.90
CA VAL C 460 -16.06 8.27 -1.89
C VAL C 460 -15.63 8.64 -0.47
N SER C 461 -16.51 8.43 0.50
CA SER C 461 -16.20 8.72 1.90
C SER C 461 -15.28 7.69 2.53
N GLU C 462 -14.94 6.62 1.81
CA GLU C 462 -13.90 5.69 2.24
C GLU C 462 -12.56 5.96 1.56
N CYS C 463 -12.58 6.54 0.37
CA CYS C 463 -11.36 6.87 -0.34
C CYS C 463 -10.84 8.25 -0.01
N LEU C 464 -11.71 9.15 0.46
CA LEU C 464 -11.24 10.44 0.95
C LEU C 464 -10.80 10.38 2.40
N PHE C 465 -11.30 9.42 3.18
CA PHE C 465 -10.90 9.30 4.57
C PHE C 465 -9.63 8.49 4.74
N SER C 466 -9.38 7.51 3.85
CA SER C 466 -8.12 6.79 3.88
C SER C 466 -6.98 7.58 3.25
N LEU C 467 -7.28 8.67 2.56
CA LEU C 467 -6.26 9.48 1.91
C LEU C 467 -5.71 10.57 2.83
N ILE C 468 -6.44 10.94 3.89
CA ILE C 468 -5.91 11.89 4.86
C ILE C 468 -5.16 11.21 5.99
N ASN C 469 -5.16 9.87 6.03
CA ASN C 469 -4.37 9.12 7.00
C ASN C 469 -3.15 8.46 6.37
N GLY C 470 -2.98 8.57 5.06
CA GLY C 470 -1.79 8.09 4.40
C GLY C 470 -1.87 6.67 3.86
N ASP C 471 -2.88 6.38 3.03
CA ASP C 471 -2.98 5.07 2.41
C ASP C 471 -3.76 5.19 1.10
N ASP C 472 -3.29 4.45 0.08
CA ASP C 472 -3.82 4.49 -1.28
C ASP C 472 -3.89 5.92 -1.81
N MET C 473 -2.74 6.59 -1.73
CA MET C 473 -2.59 7.99 -2.10
C MET C 473 -2.02 8.16 -3.50
N PHE C 474 -0.86 7.56 -3.77
CA PHE C 474 -0.27 7.59 -5.11
C PHE C 474 -1.05 6.73 -6.09
N VAL C 475 -1.84 5.77 -5.61
CA VAL C 475 -2.71 4.99 -6.48
C VAL C 475 -3.82 5.88 -7.05
N THR C 476 -4.32 6.82 -6.25
CA THR C 476 -5.33 7.75 -6.75
C THR C 476 -4.73 8.83 -7.65
N PHE C 477 -3.48 9.25 -7.40
CA PHE C 477 -2.86 10.21 -8.32
C PHE C 477 -2.52 9.58 -9.66
N ALA C 478 -2.02 8.34 -9.64
CA ALA C 478 -1.67 7.67 -10.89
C ALA C 478 -2.88 7.24 -11.69
N ALA C 479 -4.04 7.11 -11.05
CA ALA C 479 -5.27 6.79 -11.78
C ALA C 479 -5.87 8.00 -12.48
N MET C 480 -5.51 9.22 -12.04
CA MET C 480 -5.99 10.42 -12.72
C MET C 480 -5.33 10.60 -14.07
N GLN C 481 -4.05 10.22 -14.19
CA GLN C 481 -3.27 10.46 -15.40
C GLN C 481 -3.56 9.47 -16.52
N ALA C 482 -4.41 8.48 -16.28
CA ALA C 482 -4.90 7.66 -17.38
C ALA C 482 -5.97 8.37 -18.20
N GLN C 483 -6.49 9.50 -17.70
CA GLN C 483 -7.41 10.36 -18.42
C GLN C 483 -6.78 11.73 -18.63
N GLN C 484 -5.48 11.75 -18.94
CA GLN C 484 -4.79 13.03 -19.15
C GLN C 484 -5.09 13.61 -20.52
N GLY C 485 -4.85 12.85 -21.58
CA GLY C 485 -5.21 13.32 -22.91
C GLY C 485 -6.71 13.33 -23.13
N ARG C 486 -7.42 12.38 -22.54
CA ARG C 486 -8.88 12.30 -22.64
C ARG C 486 -9.48 13.37 -21.74
N SER C 487 -9.95 14.47 -22.34
CA SER C 487 -10.64 15.57 -21.68
C SER C 487 -9.79 16.19 -20.57
N SER C 488 -8.70 16.84 -21.00
CA SER C 488 -7.63 17.37 -20.16
C SER C 488 -8.08 18.50 -19.20
N LEU C 489 -9.33 18.93 -19.11
CA LEU C 489 -9.72 19.90 -18.11
C LEU C 489 -10.16 19.23 -16.81
N VAL C 490 -10.61 17.97 -16.89
CA VAL C 490 -10.92 17.20 -15.69
C VAL C 490 -9.64 16.87 -14.93
N TRP C 491 -8.55 16.59 -15.66
CA TRP C 491 -7.27 16.28 -15.04
C TRP C 491 -6.70 17.49 -14.32
N LEU C 492 -6.97 18.70 -14.83
CA LEU C 492 -6.49 19.90 -14.14
C LEU C 492 -7.30 20.18 -12.88
N PHE C 493 -8.59 19.85 -12.88
CA PHE C 493 -9.39 20.01 -11.67
C PHE C 493 -9.07 18.93 -10.65
N SER C 494 -8.66 17.75 -11.10
CA SER C 494 -8.31 16.66 -10.19
C SER C 494 -6.96 16.88 -9.50
N GLN C 495 -6.16 17.82 -9.99
CA GLN C 495 -4.96 18.22 -9.27
C GLN C 495 -5.24 19.31 -8.25
N LEU C 496 -6.19 20.20 -8.53
CA LEU C 496 -6.62 21.18 -7.53
C LEU C 496 -7.45 20.53 -6.44
N TYR C 497 -8.16 19.44 -6.76
CA TYR C 497 -8.99 18.77 -5.76
C TYR C 497 -8.17 17.87 -4.84
N LEU C 498 -7.20 17.16 -5.39
CA LEU C 498 -6.42 16.22 -4.61
C LEU C 498 -5.13 16.80 -4.04
N TYR C 499 -4.91 18.10 -4.17
CA TYR C 499 -3.82 18.77 -3.45
C TYR C 499 -4.33 19.65 -2.33
N SER C 500 -5.54 20.21 -2.45
CA SER C 500 -6.09 21.08 -1.43
C SER C 500 -6.81 20.30 -0.34
N PHE C 501 -7.44 19.18 -0.69
CA PHE C 501 -8.08 18.34 0.31
C PHE C 501 -7.06 17.63 1.19
N ILE C 502 -5.90 17.28 0.63
CA ILE C 502 -4.89 16.53 1.37
C ILE C 502 -4.00 17.43 2.22
N SER C 503 -3.90 18.72 1.89
CA SER C 503 -3.08 19.65 2.65
C SER C 503 -3.91 20.53 3.57
N LEU C 504 -5.18 20.19 3.73
CA LEU C 504 -6.05 20.82 4.71
C LEU C 504 -6.29 19.95 5.93
N PHE C 505 -6.47 18.65 5.74
CA PHE C 505 -6.78 17.73 6.83
C PHE C 505 -5.57 17.00 7.38
N ILE C 506 -4.37 17.29 6.87
CA ILE C 506 -3.14 16.73 7.40
C ILE C 506 -2.27 17.79 8.03
N TYR C 507 -2.12 18.95 7.38
CA TYR C 507 -1.19 19.97 7.82
C TYR C 507 -1.80 20.96 8.81
N MET C 508 -3.12 21.15 8.79
CA MET C 508 -3.77 22.04 9.75
C MET C 508 -4.78 21.32 10.64
N VAL C 509 -5.75 20.62 10.05
CA VAL C 509 -6.85 20.05 10.83
C VAL C 509 -6.37 18.88 11.69
N LEU C 510 -5.43 18.08 11.17
CA LEU C 510 -4.81 17.05 11.98
C LEU C 510 -3.93 17.66 13.07
N SER C 511 -3.43 18.87 12.85
CA SER C 511 -2.62 19.56 13.85
C SER C 511 -3.45 20.30 14.89
N LEU C 512 -4.77 20.36 14.74
CA LEU C 512 -5.60 20.87 15.82
C LEU C 512 -5.79 19.83 16.92
N PHE C 513 -5.95 18.55 16.53
CA PHE C 513 -6.16 17.48 17.51
C PHE C 513 -4.94 17.24 18.38
N ILE C 514 -3.74 17.62 17.93
CA ILE C 514 -2.56 17.57 18.78
C ILE C 514 -2.57 18.75 19.76
N ALA C 515 -3.01 19.92 19.30
CA ALA C 515 -3.02 21.11 20.13
C ALA C 515 -4.17 21.14 21.12
N LEU C 516 -5.23 20.37 20.90
CA LEU C 516 -6.33 20.32 21.86
C LEU C 516 -6.04 19.39 23.03
N ILE C 517 -5.28 18.32 22.79
CA ILE C 517 -4.92 17.41 23.88
C ILE C 517 -3.85 18.04 24.76
N THR C 518 -2.84 18.66 24.16
CA THR C 518 -1.78 19.34 24.92
C THR C 518 -2.35 20.54 25.67
N GLY C 519 -3.29 21.26 25.06
CA GLY C 519 -3.96 22.35 25.75
C GLY C 519 -4.87 21.90 26.86
N ALA C 520 -5.32 20.65 26.84
CA ALA C 520 -6.10 20.07 27.92
C ALA C 520 -5.26 19.16 28.81
N TYR C 521 -3.96 19.11 28.61
CA TYR C 521 -3.05 18.39 29.49
C TYR C 521 -2.30 19.32 30.45
N ASP C 522 -2.09 20.57 30.05
CA ASP C 522 -1.52 21.55 30.96
C ASP C 522 -2.53 22.01 32.00
N THR C 523 -3.82 21.85 31.73
CA THR C 523 -4.87 22.29 32.66
C THR C 523 -5.31 21.19 33.61
N ILE C 524 -4.42 20.25 33.94
CA ILE C 524 -4.73 19.21 34.91
C ILE C 524 -3.62 19.20 35.95
N LYS C 525 -2.51 19.88 35.66
CA LYS C 525 -1.40 19.94 36.60
C LYS C 525 -0.76 21.32 36.70
N HIS C 526 -1.29 22.33 36.02
CA HIS C 526 -0.77 23.70 36.15
C HIS C 526 -1.93 24.68 36.34
N GLU D 38 -16.76 58.48 16.66
CA GLU D 38 -18.04 57.86 16.94
C GLU D 38 -19.02 58.89 17.52
N GLU D 39 -19.29 59.93 16.75
CA GLU D 39 -20.14 61.02 17.24
C GLU D 39 -21.62 60.71 17.08
N ASP D 40 -22.08 60.51 15.84
CA ASP D 40 -23.49 60.55 15.53
C ASP D 40 -24.14 59.18 15.36
N LEU D 41 -23.38 58.17 14.89
CA LEU D 41 -23.97 56.96 14.36
C LEU D 41 -23.73 55.74 15.26
N ARG D 42 -23.86 55.90 16.58
CA ARG D 42 -23.80 54.75 17.47
C ARG D 42 -25.00 53.84 17.29
N ARG D 43 -26.14 54.42 16.93
CA ARG D 43 -27.33 53.61 16.64
C ARG D 43 -27.18 52.85 15.32
N ARG D 44 -26.41 53.38 14.37
CA ARG D 44 -26.35 52.81 13.03
C ARG D 44 -25.05 52.08 12.71
N LEU D 45 -23.89 52.63 13.08
CA LEU D 45 -22.63 51.96 12.74
C LEU D 45 -22.40 50.75 13.65
N LYS D 46 -22.91 50.78 14.87
CA LYS D 46 -22.84 49.63 15.76
C LYS D 46 -24.09 48.76 15.67
N TYR D 47 -24.93 49.01 14.67
CA TYR D 47 -25.94 48.04 14.24
C TYR D 47 -25.46 47.21 13.06
N PHE D 48 -24.46 47.72 12.31
CA PHE D 48 -23.85 46.94 11.25
C PHE D 48 -23.00 45.81 11.83
N PHE D 49 -22.03 46.16 12.68
CA PHE D 49 -21.29 45.16 13.44
C PHE D 49 -22.21 44.61 14.52
N MET D 50 -22.64 43.35 14.36
CA MET D 50 -23.78 42.84 15.11
C MET D 50 -23.83 41.34 15.02
N SER D 51 -24.03 40.68 16.16
CA SER D 51 -24.35 39.26 16.17
C SER D 51 -25.82 39.07 15.81
N PRO D 52 -26.14 38.07 14.97
CA PRO D 52 -27.54 37.92 14.52
C PRO D 52 -28.51 37.48 15.61
N CYS D 53 -28.02 36.98 16.75
CA CYS D 53 -28.91 36.65 17.85
C CYS D 53 -29.33 37.87 18.66
N ASP D 54 -28.63 39.00 18.50
CA ASP D 54 -28.99 40.26 19.12
C ASP D 54 -29.87 41.13 18.22
N LYS D 55 -30.34 40.58 17.11
CA LYS D 55 -31.23 41.34 16.23
C LYS D 55 -32.62 41.48 16.84
N PHE D 56 -33.03 40.52 17.66
CA PHE D 56 -34.37 40.53 18.22
C PHE D 56 -34.51 41.55 19.35
N ARG D 57 -33.41 41.85 20.05
CA ARG D 57 -33.47 42.69 21.24
C ARG D 57 -33.57 44.17 20.88
N ALA D 58 -32.85 44.61 19.84
CA ALA D 58 -32.81 46.03 19.52
C ALA D 58 -34.10 46.49 18.84
N LYS D 59 -34.40 45.94 17.66
CA LYS D 59 -35.61 46.29 16.93
C LYS D 59 -36.55 45.11 16.78
N GLY D 60 -36.07 44.01 16.19
CA GLY D 60 -36.86 42.80 16.11
C GLY D 60 -37.62 42.59 14.82
N ARG D 61 -37.17 41.62 14.03
CA ARG D 61 -37.91 41.12 12.88
C ARG D 61 -37.51 39.66 12.68
N LYS D 62 -38.46 38.86 12.20
CA LYS D 62 -38.23 37.42 12.04
C LYS D 62 -37.17 37.17 10.97
N PRO D 63 -36.33 36.13 11.13
CA PRO D 63 -35.20 35.92 10.20
C PRO D 63 -35.64 35.32 8.87
N CYS D 64 -36.30 36.14 8.04
CA CYS D 64 -36.53 35.76 6.65
C CYS D 64 -35.30 36.05 5.79
N LYS D 65 -34.34 36.81 6.32
CA LYS D 65 -33.07 37.00 5.63
C LYS D 65 -32.12 35.83 5.90
N LEU D 66 -32.18 35.28 7.11
CA LEU D 66 -31.21 34.27 7.54
C LEU D 66 -31.59 32.89 7.04
N MET D 67 -32.86 32.50 7.19
CA MET D 67 -33.31 31.14 6.90
C MET D 67 -33.49 30.90 5.40
N LEU D 68 -33.34 31.94 4.57
CA LEU D 68 -33.30 31.73 3.13
C LEU D 68 -32.07 30.94 2.72
N GLN D 69 -30.93 31.19 3.39
CA GLN D 69 -29.72 30.42 3.12
C GLN D 69 -29.83 28.98 3.61
N VAL D 70 -30.66 28.74 4.62
CA VAL D 70 -30.88 27.39 5.12
C VAL D 70 -31.68 26.58 4.10
N VAL D 71 -32.56 27.23 3.35
CA VAL D 71 -33.28 26.57 2.27
C VAL D 71 -32.32 26.18 1.15
N LYS D 72 -31.30 27.02 0.90
CA LYS D 72 -30.29 26.74 -0.13
C LYS D 72 -29.47 25.49 0.17
N ILE D 73 -29.35 25.10 1.45
CA ILE D 73 -28.73 23.84 1.80
C ILE D 73 -29.56 22.67 1.29
N LEU D 74 -30.88 22.74 1.47
CA LEU D 74 -31.77 21.64 1.13
C LEU D 74 -32.30 21.68 -0.30
N VAL D 75 -31.92 22.67 -1.10
CA VAL D 75 -32.36 22.76 -2.49
C VAL D 75 -31.23 22.40 -3.45
N VAL D 76 -30.01 22.87 -3.17
CA VAL D 76 -28.88 22.61 -4.05
C VAL D 76 -28.40 21.17 -3.91
N THR D 77 -28.39 20.65 -2.67
CA THR D 77 -27.89 19.29 -2.43
C THR D 77 -28.80 18.24 -3.04
N VAL D 78 -30.13 18.44 -2.94
CA VAL D 78 -31.08 17.48 -3.49
C VAL D 78 -31.08 17.55 -5.02
N GLN D 79 -30.73 18.70 -5.59
CA GLN D 79 -30.55 18.82 -7.03
C GLN D 79 -29.39 17.96 -7.51
N LEU D 80 -28.30 17.92 -6.72
CA LEU D 80 -27.11 17.19 -7.13
C LEU D 80 -27.30 15.68 -7.01
N ILE D 81 -28.07 15.22 -6.02
CA ILE D 81 -28.25 13.78 -5.83
C ILE D 81 -29.19 13.22 -6.89
N LEU D 82 -30.21 13.97 -7.29
CA LEU D 82 -31.11 13.50 -8.35
C LEU D 82 -30.44 13.58 -9.72
N PHE D 83 -29.47 14.47 -9.89
CA PHE D 83 -28.70 14.51 -11.13
C PHE D 83 -27.52 13.54 -11.10
N GLY D 84 -26.90 13.33 -9.95
CA GLY D 84 -25.77 12.42 -9.87
C GLY D 84 -26.14 10.97 -10.02
N LEU D 85 -27.38 10.60 -9.65
CA LEU D 85 -27.84 9.24 -9.81
C LEU D 85 -28.41 8.96 -11.20
N SER D 86 -28.64 10.00 -11.99
CA SER D 86 -28.97 9.82 -13.40
C SER D 86 -27.72 9.82 -14.28
N ASN D 87 -26.63 10.39 -13.80
CA ASN D 87 -25.35 10.30 -14.50
C ASN D 87 -24.65 8.98 -14.20
N GLN D 88 -24.88 8.41 -13.01
CA GLN D 88 -24.26 7.13 -12.66
C GLN D 88 -24.86 6.00 -13.49
N LEU D 89 -26.14 6.09 -13.84
CA LEU D 89 -26.78 5.04 -14.63
C LEU D 89 -26.32 5.08 -16.08
N ALA D 90 -26.09 6.27 -16.63
CA ALA D 90 -25.72 6.41 -18.03
C ALA D 90 -24.23 6.25 -18.29
N VAL D 91 -23.43 5.96 -17.27
CA VAL D 91 -22.01 5.67 -17.46
C VAL D 91 -21.73 4.19 -17.31
N THR D 92 -22.37 3.53 -16.34
CA THR D 92 -22.25 2.08 -16.15
C THR D 92 -22.85 1.29 -17.29
N PHE D 93 -23.68 1.90 -18.14
CA PHE D 93 -24.02 1.32 -19.43
C PHE D 93 -23.00 1.68 -20.50
N ARG D 94 -22.38 2.86 -20.40
CA ARG D 94 -21.44 3.27 -21.44
C ARG D 94 -20.11 2.53 -21.31
N GLU D 95 -19.62 2.35 -20.07
CA GLU D 95 -18.33 1.70 -19.88
C GLU D 95 -18.42 0.19 -19.87
N GLU D 96 -19.62 -0.39 -19.94
CA GLU D 96 -19.78 -1.83 -20.06
C GLU D 96 -20.17 -2.26 -21.46
N ASN D 97 -20.28 -1.33 -22.40
CA ASN D 97 -20.24 -1.68 -23.81
C ASN D 97 -18.84 -1.61 -24.38
N THR D 98 -17.97 -0.79 -23.78
CA THR D 98 -16.58 -0.72 -24.24
C THR D 98 -15.83 -1.99 -23.86
N ILE D 99 -16.12 -2.55 -22.68
CA ILE D 99 -15.53 -3.83 -22.30
C ILE D 99 -16.05 -4.94 -23.21
N ALA D 100 -17.34 -4.89 -23.54
CA ALA D 100 -17.91 -5.87 -24.46
C ALA D 100 -17.44 -5.68 -25.90
N PHE D 101 -16.96 -4.48 -26.25
CA PHE D 101 -16.38 -4.27 -27.57
C PHE D 101 -14.93 -4.70 -27.66
N ARG D 102 -14.21 -4.72 -26.54
CA ARG D 102 -12.80 -5.13 -26.58
C ARG D 102 -12.66 -6.64 -26.69
N HIS D 103 -13.64 -7.41 -26.21
CA HIS D 103 -13.57 -8.86 -26.33
C HIS D 103 -14.07 -9.37 -27.68
N LEU D 104 -14.99 -8.64 -28.33
CA LEU D 104 -15.52 -9.07 -29.61
C LEU D 104 -14.67 -8.64 -30.80
N PHE D 105 -13.85 -7.61 -30.65
CA PHE D 105 -13.18 -6.99 -31.78
C PHE D 105 -11.66 -7.06 -31.73
N LEU D 106 -11.07 -7.44 -30.60
CA LEU D 106 -9.63 -7.56 -30.47
C LEU D 106 -9.26 -9.01 -30.26
N LEU D 107 -8.16 -9.44 -30.89
CA LEU D 107 -7.75 -10.83 -30.84
C LEU D 107 -6.91 -11.08 -29.60
N GLY D 108 -7.34 -12.03 -28.76
CA GLY D 108 -6.60 -12.41 -27.58
C GLY D 108 -6.59 -11.38 -26.47
N TYR D 109 -7.73 -10.77 -26.19
CA TYR D 109 -7.82 -9.74 -25.16
C TYR D 109 -8.23 -10.36 -23.84
N SER D 110 -7.33 -10.33 -22.87
CA SER D 110 -7.63 -10.70 -21.49
C SER D 110 -7.69 -9.44 -20.64
N ASP D 111 -8.41 -9.54 -19.53
CA ASP D 111 -8.64 -8.38 -18.68
C ASP D 111 -7.37 -7.95 -17.96
N GLY D 112 -7.32 -6.67 -17.61
CA GLY D 112 -6.18 -6.10 -16.93
C GLY D 112 -5.10 -5.55 -17.83
N ALA D 113 -5.04 -5.98 -19.10
CA ALA D 113 -4.02 -5.54 -20.04
C ALA D 113 -4.65 -4.53 -20.99
N ASP D 114 -4.47 -3.25 -20.69
CA ASP D 114 -4.91 -2.17 -21.56
C ASP D 114 -3.75 -1.29 -22.01
N ASP D 115 -2.52 -1.58 -21.57
CA ASP D 115 -1.34 -0.83 -21.99
C ASP D 115 -0.26 -1.77 -22.50
N THR D 116 -0.25 -3.00 -22.00
CA THR D 116 0.71 -4.01 -22.41
C THR D 116 0.20 -4.84 -23.59
N PHE D 117 -0.97 -4.52 -24.13
CA PHE D 117 -1.53 -5.25 -25.26
C PHE D 117 -0.98 -4.63 -26.54
N ALA D 118 -0.26 -5.43 -27.33
CA ALA D 118 0.39 -4.92 -28.53
C ALA D 118 0.48 -6.05 -29.56
N ALA D 119 1.28 -5.83 -30.59
CA ALA D 119 1.52 -6.81 -31.64
C ALA D 119 2.96 -6.66 -32.11
N TYR D 120 3.74 -7.74 -32.06
CA TYR D 120 5.18 -7.66 -32.21
C TYR D 120 5.72 -8.30 -33.48
N THR D 121 4.96 -9.16 -34.14
CA THR D 121 5.39 -9.75 -35.40
C THR D 121 4.55 -9.21 -36.55
N ARG D 122 5.00 -9.51 -37.77
CA ARG D 122 4.30 -9.03 -38.95
C ARG D 122 3.06 -9.84 -39.28
N GLU D 123 2.93 -11.06 -38.74
CA GLU D 123 1.75 -11.86 -38.97
C GLU D 123 0.67 -11.66 -37.91
N GLN D 124 1.02 -11.17 -36.72
CA GLN D 124 0.01 -10.87 -35.72
C GLN D 124 -0.75 -9.58 -36.04
N LEU D 125 -0.16 -8.70 -36.83
CA LEU D 125 -0.88 -7.49 -37.23
C LEU D 125 -1.86 -7.78 -38.37
N TYR D 126 -1.56 -8.77 -39.21
CA TYR D 126 -2.54 -9.22 -40.19
C TYR D 126 -3.71 -9.93 -39.53
N GLN D 127 -3.44 -10.74 -38.51
CA GLN D 127 -4.49 -11.48 -37.82
C GLN D 127 -5.29 -10.60 -36.85
N ALA D 128 -4.81 -9.41 -36.50
CA ALA D 128 -5.57 -8.52 -35.65
C ALA D 128 -6.49 -7.59 -36.45
N ILE D 129 -6.09 -7.22 -37.67
CA ILE D 129 -6.96 -6.42 -38.53
C ILE D 129 -8.08 -7.27 -39.09
N PHE D 130 -7.76 -8.49 -39.52
CA PHE D 130 -8.75 -9.36 -40.15
C PHE D 130 -9.77 -9.89 -39.15
N HIS D 131 -9.37 -10.07 -37.89
CA HIS D 131 -10.32 -10.50 -36.87
C HIS D 131 -11.26 -9.37 -36.47
N ALA D 132 -10.81 -8.13 -36.58
CA ALA D 132 -11.66 -6.99 -36.26
C ALA D 132 -12.69 -6.71 -37.35
N VAL D 133 -12.49 -7.22 -38.55
CA VAL D 133 -13.42 -7.05 -39.66
C VAL D 133 -14.35 -8.25 -39.80
N ASP D 134 -13.81 -9.46 -39.61
CA ASP D 134 -14.63 -10.68 -39.69
C ASP D 134 -15.66 -10.75 -38.57
N GLN D 135 -15.36 -10.15 -37.41
CA GLN D 135 -16.36 -10.04 -36.36
C GLN D 135 -17.28 -8.84 -36.56
N TYR D 136 -16.97 -7.97 -37.52
CA TYR D 136 -17.89 -6.89 -37.88
C TYR D 136 -18.87 -7.34 -38.95
N LEU D 137 -18.40 -8.13 -39.92
CA LEU D 137 -19.26 -8.67 -40.97
C LEU D 137 -20.12 -9.83 -40.50
N ALA D 138 -19.89 -10.33 -39.28
CA ALA D 138 -20.71 -11.36 -38.68
C ALA D 138 -21.14 -10.96 -37.27
N LEU D 139 -21.41 -9.66 -37.08
CA LEU D 139 -21.75 -9.17 -35.75
C LEU D 139 -23.12 -9.60 -35.23
N PRO D 140 -24.24 -9.52 -35.95
CA PRO D 140 -25.51 -9.93 -35.36
C PRO D 140 -25.75 -11.44 -35.30
N ASP D 141 -24.74 -12.27 -35.57
CA ASP D 141 -24.87 -13.71 -35.43
C ASP D 141 -24.05 -14.28 -34.29
N VAL D 142 -23.10 -13.52 -33.74
CA VAL D 142 -22.32 -13.99 -32.60
C VAL D 142 -22.50 -13.11 -31.37
N SER D 143 -22.94 -11.87 -31.50
CA SER D 143 -23.02 -10.94 -30.38
C SER D 143 -24.46 -10.84 -29.88
N LEU D 144 -24.60 -10.71 -28.56
CA LEU D 144 -25.90 -10.52 -27.91
C LEU D 144 -26.05 -9.06 -27.51
N GLY D 145 -27.23 -8.49 -27.77
CA GLY D 145 -27.48 -7.11 -27.43
C GLY D 145 -28.29 -6.37 -28.47
N ARG D 146 -28.38 -6.96 -29.67
CA ARG D 146 -29.11 -6.43 -30.83
C ARG D 146 -28.56 -5.05 -31.23
N TYR D 147 -27.33 -5.06 -31.70
CA TYR D 147 -26.73 -3.90 -32.33
C TYR D 147 -27.12 -3.86 -33.80
N ALA D 148 -27.09 -2.66 -34.38
CA ALA D 148 -27.43 -2.48 -35.78
C ALA D 148 -26.45 -1.52 -36.42
N TYR D 149 -26.29 -1.65 -37.74
CA TYR D 149 -25.31 -0.87 -38.47
C TYR D 149 -25.83 0.54 -38.72
N VAL D 150 -25.01 1.36 -39.38
CA VAL D 150 -25.31 2.77 -39.53
C VAL D 150 -25.66 3.17 -40.96
N ARG D 151 -25.04 2.54 -41.98
CA ARG D 151 -25.03 3.00 -43.37
C ARG D 151 -24.63 4.49 -43.41
N GLY D 152 -23.37 4.70 -43.05
CA GLY D 152 -22.92 6.03 -42.69
C GLY D 152 -22.74 6.95 -43.89
N GLY D 153 -22.94 8.24 -43.64
CA GLY D 153 -22.77 9.26 -44.65
C GLY D 153 -21.91 10.41 -44.15
N GLY D 154 -20.89 10.10 -43.35
CA GLY D 154 -20.04 11.10 -42.75
C GLY D 154 -18.83 11.42 -43.62
N ASP D 155 -17.83 12.03 -42.99
CA ASP D 155 -16.65 12.48 -43.72
C ASP D 155 -15.65 11.35 -44.01
N PRO D 156 -15.26 10.42 -43.04
CA PRO D 156 -14.43 9.27 -43.42
C PRO D 156 -15.24 8.06 -43.89
N TRP D 157 -16.23 8.30 -44.74
CA TRP D 157 -17.03 7.24 -45.31
C TRP D 157 -17.45 7.63 -46.72
N THR D 158 -18.03 6.68 -47.44
CA THR D 158 -18.59 6.90 -48.77
C THR D 158 -20.11 6.76 -48.70
N ASN D 159 -20.74 6.81 -49.87
CA ASN D 159 -22.20 6.74 -49.96
C ASN D 159 -22.60 5.28 -50.05
N GLY D 160 -22.66 4.62 -48.89
CA GLY D 160 -23.06 3.24 -48.83
C GLY D 160 -22.10 2.34 -48.08
N SER D 161 -21.23 2.94 -47.27
CA SER D 161 -20.25 2.20 -46.50
C SER D 161 -20.57 2.27 -45.01
N GLY D 162 -20.09 1.27 -44.28
CA GLY D 162 -20.27 1.24 -42.84
C GLY D 162 -18.96 1.04 -42.10
N LEU D 163 -17.95 0.55 -42.80
CA LEU D 163 -16.63 0.29 -42.22
C LEU D 163 -15.57 0.90 -43.11
N ALA D 164 -14.58 1.54 -42.49
CA ALA D 164 -13.51 2.23 -43.23
C ALA D 164 -12.19 2.04 -42.50
N LEU D 165 -11.39 1.09 -42.95
CA LEU D 165 -10.02 0.93 -42.47
C LEU D 165 -9.09 1.70 -43.40
N CYS D 166 -8.17 2.46 -42.81
CA CYS D 166 -7.36 3.41 -43.57
C CYS D 166 -5.91 3.26 -43.16
N GLN D 167 -5.01 3.70 -44.03
CA GLN D 167 -3.58 3.72 -43.75
C GLN D 167 -3.05 5.15 -43.78
N ARG D 168 -1.95 5.36 -43.06
CA ARG D 168 -1.17 6.58 -43.16
C ARG D 168 0.29 6.19 -43.24
N TYR D 169 1.02 6.76 -44.20
CA TYR D 169 2.43 6.46 -44.37
C TYR D 169 3.10 7.63 -45.07
N TYR D 170 4.43 7.62 -45.02
CA TYR D 170 5.21 8.70 -45.62
C TYR D 170 5.17 8.58 -47.14
N HIS D 171 5.06 9.72 -47.83
CA HIS D 171 4.87 9.68 -49.27
C HIS D 171 6.13 9.29 -50.02
N ARG D 172 7.30 9.62 -49.47
CA ARG D 172 8.56 9.29 -50.13
C ARG D 172 9.59 8.99 -49.06
N GLY D 173 9.98 7.73 -48.95
CA GLY D 173 10.96 7.33 -47.96
C GLY D 173 11.68 6.05 -48.31
N HIS D 174 12.99 6.02 -48.08
CA HIS D 174 13.78 4.81 -48.29
C HIS D 174 14.93 4.85 -47.28
N VAL D 175 14.74 4.18 -46.15
CA VAL D 175 15.73 4.18 -45.07
C VAL D 175 16.48 2.86 -45.08
N ASP D 176 17.77 2.92 -44.74
CA ASP D 176 18.61 1.74 -44.65
C ASP D 176 19.78 2.04 -43.72
N PRO D 177 19.90 1.34 -42.60
CA PRO D 177 21.12 1.45 -41.79
C PRO D 177 22.28 0.74 -42.48
N ALA D 178 23.49 1.25 -42.21
CA ALA D 178 24.80 0.90 -42.76
C ALA D 178 24.98 1.26 -44.24
N ASN D 179 23.93 1.75 -44.91
CA ASN D 179 24.04 2.42 -46.20
C ASN D 179 23.14 3.66 -46.04
N ASP D 180 23.73 4.72 -45.50
CA ASP D 180 22.96 5.74 -44.78
C ASP D 180 22.49 6.87 -45.69
N THR D 181 21.74 6.53 -46.73
CA THR D 181 21.08 7.50 -47.60
C THR D 181 19.59 7.42 -47.31
N PHE D 182 19.13 8.22 -46.36
CA PHE D 182 17.71 8.26 -46.00
C PHE D 182 17.12 9.59 -46.41
N ASP D 183 15.92 9.54 -47.00
CA ASP D 183 15.22 10.73 -47.47
C ASP D 183 13.80 10.73 -46.91
N ILE D 184 13.44 11.83 -46.23
CA ILE D 184 12.17 11.93 -45.53
C ILE D 184 11.43 13.16 -46.03
N ASP D 185 10.19 12.97 -46.49
CA ASP D 185 9.28 14.05 -46.86
C ASP D 185 7.95 13.74 -46.18
N PRO D 186 7.71 14.32 -44.99
CA PRO D 186 6.51 13.94 -44.22
C PRO D 186 5.21 14.45 -44.84
N MET D 187 4.45 13.52 -45.42
CA MET D 187 3.14 13.83 -45.98
C MET D 187 2.31 12.56 -45.91
N VAL D 188 1.21 12.60 -45.15
CA VAL D 188 0.42 11.40 -44.93
C VAL D 188 -0.41 11.08 -46.17
N VAL D 189 -0.41 9.80 -46.55
CA VAL D 189 -1.21 9.30 -47.66
C VAL D 189 -2.32 8.44 -47.07
N THR D 190 -3.56 8.77 -47.39
CA THR D 190 -4.74 8.19 -46.76
C THR D 190 -5.38 7.22 -47.75
N ASP D 191 -5.00 5.94 -47.67
CA ASP D 191 -5.51 4.90 -48.56
C ASP D 191 -6.58 4.10 -47.83
N CYS D 192 -7.80 4.65 -47.79
CA CYS D 192 -8.90 3.99 -47.10
C CYS D 192 -9.47 2.85 -47.93
N ILE D 193 -9.96 1.84 -47.23
CA ILE D 193 -10.65 0.70 -47.83
C ILE D 193 -12.07 0.68 -47.28
N GLN D 194 -13.05 0.56 -48.18
CA GLN D 194 -14.46 0.69 -47.82
C GLN D 194 -15.15 -0.65 -48.01
N VAL D 195 -15.96 -1.03 -47.04
CA VAL D 195 -16.74 -2.28 -47.11
C VAL D 195 -18.06 -2.05 -46.39
N ASP D 196 -19.12 -2.68 -46.89
CA ASP D 196 -20.49 -2.55 -46.40
C ASP D 196 -20.95 -3.82 -45.68
N PRO D 197 -21.82 -3.69 -44.69
CA PRO D 197 -22.30 -4.88 -43.97
C PRO D 197 -23.51 -5.50 -44.64
N PRO D 198 -23.48 -6.80 -44.91
CA PRO D 198 -24.67 -7.50 -45.38
C PRO D 198 -25.48 -8.09 -44.24
N GLU D 199 -26.80 -8.00 -44.35
CA GLU D 199 -27.68 -8.53 -43.32
C GLU D 199 -28.61 -9.63 -43.82
N ARG D 200 -29.37 -9.37 -44.88
CA ARG D 200 -30.34 -10.33 -45.37
C ARG D 200 -29.73 -11.16 -46.49
N PRO D 201 -29.56 -12.48 -46.32
CA PRO D 201 -29.00 -13.32 -47.37
C PRO D 201 -29.99 -13.58 -48.50
N SER D 216 -14.45 -8.41 -49.66
CA SER D 216 -13.65 -9.17 -50.60
C SER D 216 -12.43 -8.38 -51.06
N SER D 217 -12.63 -7.08 -51.26
CA SER D 217 -11.55 -6.20 -51.69
C SER D 217 -10.73 -5.63 -50.55
N TYR D 218 -10.92 -6.15 -49.33
CA TYR D 218 -10.10 -5.73 -48.20
C TYR D 218 -9.02 -6.75 -47.84
N LYS D 219 -9.16 -7.99 -48.30
CA LYS D 219 -8.13 -9.00 -48.07
C LYS D 219 -6.85 -8.71 -48.85
N ASN D 220 -6.94 -7.96 -49.95
CA ASN D 220 -5.77 -7.57 -50.72
C ASN D 220 -5.18 -6.27 -50.16
N LEU D 221 -4.68 -6.36 -48.93
CA LEU D 221 -4.16 -5.21 -48.20
C LEU D 221 -2.65 -5.35 -48.02
N THR D 222 -1.91 -4.29 -48.34
CA THR D 222 -0.48 -4.20 -48.11
C THR D 222 -0.19 -2.96 -47.30
N LEU D 223 0.73 -3.09 -46.33
CA LEU D 223 0.91 -2.05 -45.32
C LEU D 223 2.20 -1.26 -45.46
N LYS D 224 3.24 -1.82 -46.08
CA LYS D 224 4.56 -1.20 -46.27
C LYS D 224 5.19 -0.81 -44.92
N PHE D 225 5.55 -1.86 -44.18
CA PHE D 225 5.87 -1.76 -42.75
C PHE D 225 7.09 -0.88 -42.45
N HIS D 226 7.98 -0.67 -43.43
CA HIS D 226 9.10 0.24 -43.25
C HIS D 226 8.73 1.67 -43.59
N LYS D 227 7.45 1.97 -43.78
CA LYS D 227 6.97 3.28 -44.16
C LYS D 227 5.73 3.70 -43.38
N LEU D 228 5.08 2.78 -42.68
CA LEU D 228 3.76 2.99 -42.09
C LEU D 228 3.81 3.95 -40.90
N VAL D 229 2.69 4.63 -40.66
CA VAL D 229 2.52 5.47 -39.47
C VAL D 229 1.48 4.87 -38.52
N ASN D 230 0.23 4.77 -38.97
CA ASN D 230 -0.81 4.14 -38.16
C ASN D 230 -1.94 3.66 -39.05
N VAL D 231 -2.68 2.67 -38.54
CA VAL D 231 -3.84 2.10 -39.22
C VAL D 231 -5.02 2.22 -38.27
N THR D 232 -6.06 2.93 -38.70
CA THR D 232 -7.26 3.15 -37.90
C THR D 232 -8.44 2.43 -38.52
N ILE D 233 -9.50 2.30 -37.71
CA ILE D 233 -10.73 1.61 -38.10
C ILE D 233 -11.90 2.42 -37.56
N HIS D 234 -12.81 2.82 -38.45
CA HIS D 234 -13.97 3.64 -38.10
C HIS D 234 -15.25 2.88 -38.43
N PHE D 235 -16.12 2.73 -37.43
CA PHE D 235 -17.49 2.29 -37.66
C PHE D 235 -18.35 2.78 -36.50
N ARG D 236 -19.67 2.65 -36.67
CA ARG D 236 -20.62 3.12 -35.68
C ARG D 236 -21.70 2.06 -35.50
N LEU D 237 -22.26 2.02 -34.28
CA LEU D 237 -23.31 1.08 -33.93
C LEU D 237 -24.39 1.81 -33.13
N LYS D 238 -25.63 1.42 -33.36
CA LYS D 238 -26.77 1.98 -32.65
C LYS D 238 -27.40 0.90 -31.77
N THR D 239 -27.76 1.28 -30.55
CA THR D 239 -28.40 0.35 -29.62
C THR D 239 -29.49 1.08 -28.85
N ILE D 240 -30.30 0.30 -28.14
CA ILE D 240 -31.44 0.82 -27.39
C ILE D 240 -31.16 0.58 -25.91
N ASN D 241 -31.09 1.65 -25.13
CA ASN D 241 -30.87 1.55 -23.69
C ASN D 241 -32.13 0.98 -23.05
N LEU D 242 -32.06 -0.28 -22.59
CA LEU D 242 -33.21 -0.99 -22.07
C LEU D 242 -33.21 -0.99 -20.53
N GLN D 243 -32.78 0.13 -19.94
CA GLN D 243 -32.70 0.29 -18.49
C GLN D 243 -33.86 1.12 -17.95
N SER D 244 -35.07 0.89 -18.46
CA SER D 244 -36.25 1.70 -18.15
C SER D 244 -36.93 1.32 -16.84
N LEU D 245 -36.23 0.65 -15.91
CA LEU D 245 -36.83 0.29 -14.63
C LEU D 245 -37.08 1.52 -13.77
N ILE D 246 -36.13 2.45 -13.74
CA ILE D 246 -36.28 3.64 -12.89
C ILE D 246 -37.05 4.74 -13.63
N ASN D 247 -37.03 4.73 -14.97
CA ASN D 247 -37.67 5.81 -15.72
C ASN D 247 -39.17 5.58 -15.86
N ASN D 248 -39.56 4.35 -16.22
CA ASN D 248 -40.94 3.91 -16.50
C ASN D 248 -41.56 4.69 -17.68
N GLU D 249 -40.73 5.29 -18.52
CA GLU D 249 -41.15 6.04 -19.70
C GLU D 249 -40.18 5.72 -20.83
N ILE D 250 -40.19 6.55 -21.87
CA ILE D 250 -39.33 6.39 -23.04
C ILE D 250 -37.87 6.55 -22.66
N PRO D 251 -37.02 5.54 -22.88
CA PRO D 251 -35.59 5.68 -22.59
C PRO D 251 -34.83 6.30 -23.74
N ASP D 252 -33.51 6.39 -23.60
CA ASP D 252 -32.68 7.01 -24.61
C ASP D 252 -32.36 5.99 -25.73
N CYS D 253 -31.79 6.51 -26.82
CA CYS D 253 -31.36 5.69 -27.94
C CYS D 253 -29.98 6.16 -28.34
N TYR D 254 -28.97 5.30 -28.17
CA TYR D 254 -27.57 5.68 -28.29
C TYR D 254 -27.03 5.37 -29.67
N THR D 255 -25.87 5.96 -29.96
CA THR D 255 -25.14 5.70 -31.21
C THR D 255 -23.65 5.81 -30.90
N PHE D 256 -22.97 4.67 -30.87
CA PHE D 256 -21.56 4.65 -30.51
C PHE D 256 -20.69 5.01 -31.72
N SER D 257 -19.37 5.05 -31.48
CA SER D 257 -18.39 5.29 -32.54
C SER D 257 -17.09 4.63 -32.09
N VAL D 258 -16.81 3.45 -32.62
CA VAL D 258 -15.68 2.64 -32.19
C VAL D 258 -14.47 2.98 -33.04
N LEU D 259 -13.33 3.25 -32.40
CA LEU D 259 -12.09 3.60 -33.08
C LEU D 259 -10.98 2.67 -32.58
N ILE D 260 -10.59 1.71 -33.41
CA ILE D 260 -9.47 0.82 -33.13
C ILE D 260 -8.23 1.42 -33.79
N THR D 261 -7.17 1.61 -33.01
CA THR D 261 -5.99 2.35 -33.46
C THR D 261 -4.77 1.47 -33.38
N PHE D 262 -4.21 1.13 -34.54
CA PHE D 262 -2.95 0.39 -34.62
C PHE D 262 -1.77 1.37 -34.78
N ASP D 263 -1.58 2.18 -33.74
CA ASP D 263 -0.64 3.30 -33.79
C ASP D 263 0.81 2.82 -33.73
N ASN D 264 1.63 3.30 -34.67
CA ASN D 264 3.07 3.03 -34.68
C ASN D 264 3.81 4.35 -34.88
N LYS D 265 4.00 5.11 -33.81
CA LYS D 265 4.74 6.36 -33.91
C LYS D 265 6.18 6.25 -33.41
N ALA D 266 6.45 5.31 -32.50
CA ALA D 266 7.81 5.15 -32.00
C ALA D 266 8.74 4.52 -33.02
N HIS D 267 8.19 3.76 -33.97
CA HIS D 267 8.95 2.99 -34.98
C HIS D 267 9.96 2.05 -34.32
N SER D 268 9.53 1.42 -33.23
CA SER D 268 10.42 0.64 -32.38
C SER D 268 10.04 -0.83 -32.33
N GLY D 269 9.32 -1.33 -33.32
CA GLY D 269 8.93 -2.72 -33.31
C GLY D 269 7.83 -3.06 -32.35
N ARG D 270 7.02 -2.09 -31.94
CA ARG D 270 5.93 -2.32 -31.00
C ARG D 270 4.76 -1.44 -31.39
N ILE D 271 3.61 -2.07 -31.67
CA ILE D 271 2.42 -1.34 -32.09
C ILE D 271 1.34 -1.53 -31.04
N PRO D 272 1.05 -0.51 -30.22
CA PRO D 272 -0.03 -0.65 -29.25
C PRO D 272 -1.40 -0.60 -29.91
N ILE D 273 -2.33 -1.40 -29.38
CA ILE D 273 -3.68 -1.51 -29.90
C ILE D 273 -4.64 -1.01 -28.82
N SER D 274 -5.60 -0.19 -29.22
CA SER D 274 -6.53 0.42 -28.27
C SER D 274 -7.91 0.49 -28.89
N LEU D 275 -8.87 1.02 -28.14
CA LEU D 275 -10.24 1.16 -28.60
C LEU D 275 -10.88 2.34 -27.87
N GLU D 276 -11.60 3.18 -28.62
CA GLU D 276 -12.21 4.39 -28.11
C GLU D 276 -13.67 4.45 -28.52
N THR D 277 -14.49 5.10 -27.67
CA THR D 277 -15.89 5.32 -27.98
C THR D 277 -16.28 6.76 -27.63
N GLN D 278 -17.22 7.30 -28.41
CA GLN D 278 -17.87 8.58 -28.11
C GLN D 278 -19.37 8.35 -28.25
N ALA D 279 -20.05 8.12 -27.13
CA ALA D 279 -21.46 7.78 -27.13
C ALA D 279 -22.30 9.01 -27.44
N HIS D 280 -22.65 9.18 -28.71
CA HIS D 280 -23.48 10.30 -29.14
C HIS D 280 -24.94 10.02 -28.77
N ILE D 281 -25.56 10.96 -28.06
CA ILE D 281 -26.85 10.74 -27.43
C ILE D 281 -27.84 11.80 -27.93
N GLN D 282 -28.98 11.34 -28.44
CA GLN D 282 -30.14 12.20 -28.68
C GLN D 282 -31.38 11.32 -28.61
N GLU D 283 -32.54 11.94 -28.81
CA GLU D 283 -33.79 11.19 -28.81
C GLU D 283 -33.91 10.34 -30.07
N CYS D 284 -34.85 9.40 -30.02
CA CYS D 284 -35.17 8.54 -31.14
C CYS D 284 -36.67 8.64 -31.42
N LYS D 285 -37.01 8.75 -32.70
CA LYS D 285 -38.35 9.16 -33.13
C LYS D 285 -39.35 8.05 -32.84
N HIS D 286 -40.14 8.24 -31.79
CA HIS D 286 -41.12 7.33 -31.21
C HIS D 286 -42.52 7.57 -31.76
N PRO D 287 -43.27 6.52 -32.06
CA PRO D 287 -44.71 6.65 -32.27
C PRO D 287 -45.54 6.55 -30.99
N SER D 288 -44.92 6.60 -29.82
CA SER D 288 -45.62 6.43 -28.55
C SER D 288 -46.19 7.77 -28.08
N VAL D 289 -46.84 7.74 -26.92
CA VAL D 289 -47.59 8.88 -26.42
C VAL D 289 -47.45 8.92 -24.90
N PHE D 290 -47.62 10.13 -24.34
CA PHE D 290 -47.61 10.42 -22.90
C PHE D 290 -46.28 10.03 -22.24
N GLN D 291 -45.22 10.71 -22.68
CA GLN D 291 -43.94 10.61 -21.98
C GLN D 291 -43.87 11.58 -20.81
N HIS D 292 -44.57 12.72 -20.91
CA HIS D 292 -44.43 13.83 -19.97
C HIS D 292 -45.26 13.66 -18.70
N GLY D 293 -45.70 12.45 -18.37
CA GLY D 293 -46.32 12.23 -17.07
C GLY D 293 -45.31 12.14 -15.95
N ASP D 294 -44.14 11.57 -16.23
CA ASP D 294 -43.05 11.52 -15.26
C ASP D 294 -41.99 12.60 -15.49
N ASN D 295 -42.02 13.27 -16.64
CA ASN D 295 -41.09 14.35 -16.92
C ASN D 295 -41.43 15.60 -16.12
N SER D 296 -42.66 15.72 -15.61
CA SER D 296 -43.10 16.87 -14.83
C SER D 296 -42.67 16.80 -13.37
N PHE D 297 -41.76 15.91 -13.00
CA PHE D 297 -41.28 15.79 -11.63
C PHE D 297 -39.83 16.22 -11.48
N ARG D 298 -39.18 16.67 -12.56
CA ARG D 298 -37.77 17.00 -12.52
C ARG D 298 -37.42 18.35 -13.13
N LEU D 299 -38.26 18.90 -14.02
CA LEU D 299 -37.93 20.20 -14.62
C LEU D 299 -38.52 21.36 -13.82
N LEU D 300 -39.63 21.14 -13.11
CA LEU D 300 -40.17 22.17 -12.23
C LEU D 300 -39.33 22.34 -10.98
N PHE D 301 -38.53 21.33 -10.62
CA PHE D 301 -37.65 21.42 -9.46
C PHE D 301 -36.35 22.15 -9.76
N ASP D 302 -35.95 22.22 -11.03
CA ASP D 302 -34.69 22.87 -11.39
C ASP D 302 -34.82 24.37 -11.60
N VAL D 303 -36.02 24.86 -11.93
CA VAL D 303 -36.23 26.31 -12.02
C VAL D 303 -36.39 26.96 -10.65
N VAL D 304 -36.59 26.17 -9.60
CA VAL D 304 -36.60 26.70 -8.25
C VAL D 304 -35.19 27.11 -7.83
N VAL D 305 -34.18 26.35 -8.28
CA VAL D 305 -32.79 26.70 -8.01
C VAL D 305 -32.41 27.98 -8.73
N ILE D 306 -32.95 28.19 -9.94
CA ILE D 306 -32.75 29.43 -10.67
C ILE D 306 -33.40 30.60 -9.93
N LEU D 307 -34.51 30.34 -9.23
CA LEU D 307 -35.14 31.39 -8.44
C LEU D 307 -34.44 31.61 -7.11
N THR D 308 -34.35 30.55 -6.29
CA THR D 308 -33.93 30.70 -4.89
C THR D 308 -32.46 31.05 -4.73
N CYS D 309 -31.60 30.70 -5.70
CA CYS D 309 -30.23 31.17 -5.64
C CYS D 309 -30.10 32.59 -6.15
N SER D 310 -30.97 33.01 -7.07
CA SER D 310 -30.97 34.39 -7.53
C SER D 310 -31.77 35.30 -6.60
N LEU D 311 -32.78 34.76 -5.91
CA LEU D 311 -33.46 35.53 -4.89
C LEU D 311 -32.56 35.75 -3.68
N SER D 312 -31.64 34.81 -3.43
CA SER D 312 -30.57 35.02 -2.46
C SER D 312 -29.42 35.84 -3.03
N PHE D 313 -29.38 36.04 -4.35
CA PHE D 313 -28.43 36.96 -4.94
C PHE D 313 -28.91 38.41 -4.86
N LEU D 314 -30.22 38.61 -4.74
CA LEU D 314 -30.75 39.96 -4.54
C LEU D 314 -30.45 40.47 -3.14
N LEU D 315 -30.60 39.62 -2.13
CA LEU D 315 -30.47 40.07 -0.75
C LEU D 315 -29.03 40.13 -0.27
N CYS D 316 -28.18 39.20 -0.72
CA CYS D 316 -26.79 39.20 -0.27
C CYS D 316 -25.97 40.28 -0.94
N ALA D 317 -26.26 40.59 -2.21
CA ALA D 317 -25.53 41.66 -2.88
C ALA D 317 -25.98 43.02 -2.37
N ARG D 318 -27.26 43.16 -1.99
CA ARG D 318 -27.75 44.41 -1.42
C ARG D 318 -27.12 44.66 -0.06
N SER D 319 -26.78 43.60 0.68
CA SER D 319 -26.04 43.74 1.92
C SER D 319 -24.60 44.19 1.66
N LEU D 320 -24.10 43.96 0.44
CA LEU D 320 -22.77 44.45 0.08
C LEU D 320 -22.84 45.89 -0.40
N LEU D 321 -23.99 46.31 -0.94
CA LEU D 321 -24.20 47.73 -1.21
C LEU D 321 -24.34 48.53 0.08
N ARG D 322 -25.04 47.97 1.07
CA ARG D 322 -25.25 48.68 2.32
C ARG D 322 -23.95 48.80 3.12
N GLY D 323 -23.03 47.85 2.92
CA GLY D 323 -21.73 47.96 3.58
C GLY D 323 -20.82 48.98 2.92
N PHE D 324 -21.17 49.43 1.71
CA PHE D 324 -20.32 50.39 1.01
C PHE D 324 -20.80 51.82 1.25
N LEU D 325 -22.10 52.01 1.47
CA LEU D 325 -22.61 53.33 1.80
C LEU D 325 -22.20 53.76 3.21
N LEU D 326 -22.04 52.79 4.12
CA LEU D 326 -21.58 53.12 5.47
C LEU D 326 -20.08 53.36 5.53
N GLN D 327 -19.35 53.09 4.44
CA GLN D 327 -17.97 53.52 4.35
C GLN D 327 -17.89 55.04 4.17
N ASN D 328 -18.85 55.61 3.45
CA ASN D 328 -18.90 57.07 3.29
C ASN D 328 -19.32 57.75 4.59
N GLU D 329 -20.23 57.12 5.34
CA GLU D 329 -20.71 57.72 6.59
C GLU D 329 -19.65 57.68 7.68
N PHE D 330 -18.72 56.72 7.62
CA PHE D 330 -17.73 56.57 8.68
C PHE D 330 -16.55 57.53 8.47
N VAL D 331 -15.85 57.41 7.34
CA VAL D 331 -14.68 58.23 7.11
C VAL D 331 -15.06 59.65 6.68
N GLY D 332 -16.31 59.86 6.27
CA GLY D 332 -16.73 61.19 5.86
C GLY D 332 -16.83 62.15 7.03
N PHE D 333 -17.45 61.72 8.12
CA PHE D 333 -17.51 62.55 9.32
C PHE D 333 -16.24 62.48 10.16
N MET D 334 -15.32 61.59 9.82
CA MET D 334 -13.97 61.62 10.39
C MET D 334 -13.07 62.40 9.45
N TRP D 335 -13.20 63.73 9.54
CA TRP D 335 -12.64 64.67 8.56
C TRP D 335 -11.13 64.85 8.82
N ARG D 336 -10.39 63.78 8.56
CA ARG D 336 -8.95 63.66 8.80
C ARG D 336 -8.57 64.06 10.23
N GLN D 337 -9.31 63.50 11.19
CA GLN D 337 -9.16 63.91 12.58
C GLN D 337 -7.91 63.29 13.20
N ARG D 338 -7.73 61.98 13.03
CA ARG D 338 -6.51 61.31 13.48
C ARG D 338 -5.53 61.18 12.30
N GLY D 339 -5.23 62.33 11.72
CA GLY D 339 -4.11 62.46 10.80
C GLY D 339 -4.35 61.84 9.43
N ARG D 340 -4.28 60.52 9.38
CA ARG D 340 -4.44 59.73 8.17
C ARG D 340 -5.22 58.48 8.52
N VAL D 341 -6.31 58.23 7.80
CA VAL D 341 -7.28 57.19 8.16
C VAL D 341 -7.16 55.98 7.24
N ILE D 342 -7.33 56.17 5.94
CA ILE D 342 -7.41 55.07 4.99
C ILE D 342 -6.01 54.73 4.50
N SER D 343 -5.60 53.49 4.72
CA SER D 343 -4.32 52.97 4.24
C SER D 343 -4.51 51.62 3.56
N LEU D 344 -5.65 51.47 2.85
CA LEU D 344 -6.06 50.24 2.14
C LEU D 344 -6.15 49.03 3.06
N TRP D 345 -6.48 49.25 4.33
CA TRP D 345 -6.80 48.16 5.24
C TRP D 345 -8.09 48.46 5.99
N GLU D 346 -8.36 49.75 6.22
CA GLU D 346 -9.57 50.16 6.92
C GLU D 346 -10.79 50.21 6.00
N ARG D 347 -10.59 50.15 4.68
CA ARG D 347 -11.72 50.10 3.77
C ARG D 347 -12.34 48.71 3.73
N LEU D 348 -11.50 47.66 3.81
CA LEU D 348 -11.97 46.29 3.75
C LEU D 348 -12.52 45.77 5.07
N GLU D 349 -12.63 46.62 6.10
CA GLU D 349 -13.30 46.20 7.33
C GLU D 349 -14.79 46.02 7.11
N PHE D 350 -15.40 46.86 6.27
CA PHE D 350 -16.81 46.69 5.93
C PHE D 350 -17.04 45.46 5.07
N VAL D 351 -16.06 45.10 4.23
CA VAL D 351 -16.18 43.95 3.36
C VAL D 351 -15.88 42.70 4.20
N ASN D 352 -16.92 41.93 4.51
CA ASN D 352 -16.78 40.69 5.26
C ASN D 352 -16.70 39.50 4.31
N GLY D 353 -15.89 38.52 4.68
CA GLY D 353 -15.55 37.42 3.79
C GLY D 353 -16.60 36.37 3.56
N TRP D 354 -17.80 36.51 4.13
CA TRP D 354 -18.85 35.53 3.93
C TRP D 354 -19.85 35.92 2.85
N TYR D 355 -20.15 37.21 2.70
CA TYR D 355 -21.03 37.65 1.62
C TYR D 355 -20.33 37.67 0.27
N ILE D 356 -19.00 37.78 0.25
CA ILE D 356 -18.27 37.65 -1.00
C ILE D 356 -18.23 36.20 -1.46
N LEU D 357 -18.47 35.25 -0.55
CA LEU D 357 -18.47 33.83 -0.89
C LEU D 357 -19.82 33.36 -1.42
N LEU D 358 -20.92 33.85 -0.84
CA LEU D 358 -22.24 33.43 -1.29
C LEU D 358 -22.66 34.10 -2.59
N VAL D 359 -22.14 35.29 -2.88
CA VAL D 359 -22.39 35.93 -4.16
C VAL D 359 -21.72 35.15 -5.29
N THR D 360 -20.46 34.73 -5.05
CA THR D 360 -19.75 33.92 -6.04
C THR D 360 -20.38 32.53 -6.17
N SER D 361 -20.84 31.96 -5.05
CA SER D 361 -21.49 30.65 -5.10
C SER D 361 -22.85 30.69 -5.76
N ASP D 362 -23.47 31.88 -5.90
CA ASP D 362 -24.70 31.99 -6.66
C ASP D 362 -24.45 32.13 -8.15
N VAL D 363 -23.30 32.69 -8.52
CA VAL D 363 -22.94 32.79 -9.94
C VAL D 363 -22.56 31.40 -10.48
N LEU D 364 -21.81 30.63 -9.69
CA LEU D 364 -21.43 29.28 -10.08
C LEU D 364 -22.63 28.34 -10.16
N THR D 365 -23.66 28.59 -9.34
CA THR D 365 -24.83 27.74 -9.37
C THR D 365 -25.73 28.08 -10.57
N ILE D 366 -25.94 29.37 -10.83
CA ILE D 366 -26.82 29.78 -11.92
C ILE D 366 -26.20 29.50 -13.29
N SER D 367 -24.88 29.36 -13.36
CA SER D 367 -24.21 28.96 -14.60
C SER D 367 -24.20 27.46 -14.80
N GLY D 368 -24.62 26.68 -13.80
CA GLY D 368 -24.68 25.25 -13.93
C GLY D 368 -26.09 24.73 -14.12
N THR D 369 -27.08 25.51 -13.65
CA THR D 369 -28.47 25.11 -13.84
C THR D 369 -28.94 25.35 -15.26
N ILE D 370 -28.42 26.38 -15.94
CA ILE D 370 -28.77 26.62 -17.33
C ILE D 370 -28.23 25.52 -18.23
N MET D 371 -27.02 25.04 -17.93
CA MET D 371 -26.41 23.99 -18.74
C MET D 371 -27.10 22.64 -18.53
N LYS D 372 -27.64 22.39 -17.34
CA LYS D 372 -28.30 21.11 -17.07
C LYS D 372 -29.66 21.01 -17.76
N ILE D 373 -30.25 22.16 -18.16
CA ILE D 373 -31.50 22.15 -18.93
C ILE D 373 -31.27 21.52 -20.29
N GLY D 374 -30.04 21.55 -20.80
CA GLY D 374 -29.69 20.84 -22.02
C GLY D 374 -29.61 19.33 -21.89
N ILE D 375 -30.69 18.72 -21.40
CA ILE D 375 -30.87 17.27 -21.39
C ILE D 375 -32.23 16.86 -21.93
N GLU D 376 -33.20 17.77 -22.00
CA GLU D 376 -34.53 17.53 -22.55
C GLU D 376 -34.47 17.23 -24.04
N ALA D 377 -34.07 18.22 -24.84
CA ALA D 377 -33.94 18.02 -26.28
C ALA D 377 -32.73 18.73 -26.88
N LYS D 378 -31.95 19.47 -26.10
CA LYS D 378 -30.84 20.25 -26.63
C LYS D 378 -29.69 19.32 -27.02
N ASN D 379 -28.94 19.72 -28.05
CA ASN D 379 -27.88 18.90 -28.64
C ASN D 379 -26.51 19.26 -28.09
N LEU D 380 -26.42 19.62 -26.81
CA LEU D 380 -25.13 19.85 -26.17
C LEU D 380 -24.66 18.54 -25.53
N ALA D 381 -23.37 18.23 -25.71
CA ALA D 381 -22.74 17.08 -25.07
C ALA D 381 -21.46 17.57 -24.40
N SER D 382 -21.61 18.10 -23.18
CA SER D 382 -20.47 18.57 -22.40
C SER D 382 -20.85 18.42 -20.92
N TYR D 383 -20.47 17.29 -20.34
CA TYR D 383 -20.70 17.06 -18.92
C TYR D 383 -19.49 17.40 -18.06
N ASP D 384 -18.35 17.69 -18.68
CA ASP D 384 -17.16 18.06 -17.92
C ASP D 384 -17.27 19.47 -17.38
N VAL D 385 -17.95 20.36 -18.12
CA VAL D 385 -18.14 21.72 -17.66
C VAL D 385 -19.32 21.82 -16.71
N CYS D 386 -20.40 21.08 -17.00
CA CYS D 386 -21.62 21.17 -16.21
C CYS D 386 -21.45 20.58 -14.82
N SER D 387 -20.58 19.59 -14.66
CA SER D 387 -20.38 18.97 -13.35
C SER D 387 -19.43 19.75 -12.45
N ILE D 388 -18.49 20.50 -13.02
CA ILE D 388 -17.62 21.33 -12.21
C ILE D 388 -18.35 22.56 -11.70
N LEU D 389 -19.21 23.16 -12.54
CA LEU D 389 -19.97 24.33 -12.13
C LEU D 389 -20.99 23.98 -11.05
N LEU D 390 -21.51 22.76 -11.04
CA LEU D 390 -22.37 22.32 -9.96
C LEU D 390 -21.56 21.82 -8.76
N GLY D 391 -20.41 21.18 -9.02
CA GLY D 391 -19.66 20.58 -7.94
C GLY D 391 -18.89 21.59 -7.10
N THR D 392 -18.27 22.57 -7.75
CA THR D 392 -17.51 23.58 -7.02
C THR D 392 -18.46 24.53 -6.29
N SER D 393 -19.67 24.74 -6.83
CA SER D 393 -20.66 25.56 -6.13
C SER D 393 -21.19 24.86 -4.88
N THR D 394 -21.35 23.54 -4.95
CA THR D 394 -21.84 22.78 -3.80
C THR D 394 -20.77 22.69 -2.71
N LEU D 395 -19.49 22.76 -3.10
CA LEU D 395 -18.42 22.82 -2.12
C LEU D 395 -18.46 24.13 -1.33
N LEU D 396 -18.87 25.23 -1.97
CA LEU D 396 -18.90 26.52 -1.30
C LEU D 396 -20.20 26.74 -0.53
N VAL D 397 -21.28 26.05 -0.92
CA VAL D 397 -22.53 26.15 -0.16
C VAL D 397 -22.38 25.49 1.21
N TRP D 398 -21.72 24.34 1.27
CA TRP D 398 -21.61 23.61 2.53
C TRP D 398 -20.67 24.28 3.52
N VAL D 399 -19.59 24.91 3.04
CA VAL D 399 -18.66 25.55 3.96
C VAL D 399 -19.21 26.85 4.54
N GLY D 400 -20.35 27.34 4.04
CA GLY D 400 -21.00 28.48 4.64
C GLY D 400 -21.71 28.17 5.95
N VAL D 401 -21.88 26.89 6.27
CA VAL D 401 -22.50 26.48 7.54
C VAL D 401 -21.57 26.77 8.71
N ILE D 402 -20.26 26.92 8.44
CA ILE D 402 -19.29 27.31 9.47
C ILE D 402 -19.62 28.69 10.04
N ARG D 403 -20.21 29.57 9.21
CA ARG D 403 -20.69 30.86 9.70
C ARG D 403 -21.83 30.69 10.71
N TYR D 404 -22.66 29.67 10.53
CA TYR D 404 -23.69 29.37 11.52
C TYR D 404 -23.08 28.79 12.79
N LEU D 405 -21.94 28.12 12.65
CA LEU D 405 -21.23 27.62 13.82
C LEU D 405 -20.26 28.66 14.37
N THR D 406 -20.09 29.77 13.66
CA THR D 406 -19.18 30.82 14.12
C THR D 406 -19.77 31.58 15.30
N PHE D 407 -21.07 31.87 15.27
CA PHE D 407 -21.70 32.63 16.34
C PHE D 407 -22.09 31.73 17.51
N PHE D 408 -21.09 31.09 18.11
CA PHE D 408 -21.19 30.39 19.37
C PHE D 408 -19.88 30.57 20.12
N HIS D 409 -19.99 30.73 21.45
CA HIS D 409 -18.82 31.08 22.25
C HIS D 409 -17.91 29.91 22.55
N ASN D 410 -18.28 28.69 22.14
CA ASN D 410 -17.42 27.53 22.31
C ASN D 410 -16.85 26.98 21.01
N TYR D 411 -17.46 27.31 19.87
CA TYR D 411 -16.90 26.94 18.58
C TYR D 411 -15.99 28.02 18.01
N ASN D 412 -16.05 29.24 18.55
CA ASN D 412 -15.28 30.34 17.98
C ASN D 412 -13.78 30.19 18.27
N ILE D 413 -13.44 29.55 19.38
CA ILE D 413 -12.03 29.30 19.70
C ILE D 413 -11.43 28.31 18.71
N LEU D 414 -12.21 27.31 18.31
CA LEU D 414 -11.75 26.27 17.40
C LEU D 414 -11.65 26.73 15.95
N ILE D 415 -12.20 27.90 15.62
CA ILE D 415 -12.21 28.42 14.26
C ILE D 415 -11.28 29.62 14.10
N ALA D 416 -11.26 30.52 15.09
CA ALA D 416 -10.43 31.72 15.00
C ALA D 416 -8.94 31.42 15.13
N THR D 417 -8.55 30.23 15.59
CA THR D 417 -7.16 29.82 15.47
C THR D 417 -6.77 29.54 14.02
N LEU D 418 -7.74 29.16 13.19
CA LEU D 418 -7.49 28.98 11.77
C LEU D 418 -7.56 30.29 10.98
N ARG D 419 -7.72 31.43 11.65
CA ARG D 419 -7.53 32.73 11.03
C ARG D 419 -6.26 33.42 11.51
N VAL D 420 -5.76 33.05 12.69
CA VAL D 420 -4.49 33.56 13.18
C VAL D 420 -3.32 32.79 12.57
N ALA D 421 -3.44 31.46 12.51
CA ALA D 421 -2.37 30.63 11.98
C ALA D 421 -2.35 30.57 10.46
N LEU D 422 -3.44 30.94 9.79
CA LEU D 422 -3.54 30.91 8.34
C LEU D 422 -2.55 31.83 7.61
N PRO D 423 -2.17 33.01 8.15
CA PRO D 423 -0.95 33.65 7.61
C PRO D 423 0.32 32.85 7.84
N SER D 424 0.56 32.40 9.09
CA SER D 424 1.85 31.78 9.43
C SER D 424 2.03 30.42 8.77
N VAL D 425 0.95 29.69 8.50
CA VAL D 425 1.06 28.44 7.76
C VAL D 425 1.36 28.72 6.29
N MET D 426 0.66 29.70 5.71
CA MET D 426 0.84 30.00 4.29
C MET D 426 2.17 30.70 4.02
N ARG D 427 2.71 31.43 5.01
CA ARG D 427 4.06 31.97 4.86
C ARG D 427 5.10 30.85 4.83
N PHE D 428 4.94 29.85 5.69
CA PHE D 428 5.88 28.74 5.74
C PHE D 428 5.75 27.82 4.54
N CYS D 429 4.57 27.77 3.91
CA CYS D 429 4.39 26.98 2.70
C CYS D 429 5.15 27.54 1.51
N CYS D 430 5.52 28.82 1.55
CA CYS D 430 6.37 29.40 0.52
C CYS D 430 7.85 29.16 0.78
N CYS D 431 8.23 28.83 2.02
CA CYS D 431 9.61 28.45 2.33
C CYS D 431 9.86 26.96 2.10
N VAL D 432 8.81 26.19 1.80
CA VAL D 432 8.95 24.77 1.55
C VAL D 432 8.74 24.43 0.08
N ALA D 433 7.82 25.15 -0.59
CA ALA D 433 7.61 24.96 -2.02
C ALA D 433 8.76 25.50 -2.87
N VAL D 434 9.74 26.17 -2.26
CA VAL D 434 11.00 26.44 -2.94
C VAL D 434 11.93 25.25 -2.81
N ILE D 435 11.95 24.60 -1.64
CA ILE D 435 12.74 23.39 -1.45
C ILE D 435 12.10 22.22 -2.20
N TYR D 436 10.76 22.15 -2.19
CA TYR D 436 10.05 21.04 -2.81
C TYR D 436 10.20 21.04 -4.33
N LEU D 437 10.29 22.21 -4.95
CA LEU D 437 10.61 22.28 -6.38
C LEU D 437 12.08 22.02 -6.66
N GLY D 438 12.94 22.04 -5.64
CA GLY D 438 14.34 21.69 -5.86
C GLY D 438 14.53 20.20 -6.10
N TYR D 439 13.86 19.37 -5.30
CA TYR D 439 13.99 17.92 -5.43
C TYR D 439 13.23 17.34 -6.62
N CYS D 440 12.37 18.12 -7.26
CA CYS D 440 11.67 17.62 -8.44
C CYS D 440 12.56 17.60 -9.67
N PHE D 441 13.39 18.64 -9.85
CA PHE D 441 14.28 18.67 -11.01
C PHE D 441 15.49 17.76 -10.83
N CYS D 442 15.94 17.56 -9.59
CA CYS D 442 17.08 16.67 -9.36
C CYS D 442 16.71 15.21 -9.53
N GLY D 443 15.47 14.83 -9.21
CA GLY D 443 15.05 13.46 -9.36
C GLY D 443 14.58 13.09 -10.75
N TRP D 444 14.19 14.08 -11.56
CA TRP D 444 13.61 13.79 -12.86
C TRP D 444 14.66 13.45 -13.91
N ILE D 445 15.88 13.97 -13.78
CA ILE D 445 16.91 13.72 -14.79
C ILE D 445 17.89 12.62 -14.38
N VAL D 446 18.06 12.37 -13.09
CA VAL D 446 18.97 11.32 -12.65
C VAL D 446 18.26 9.97 -12.58
N LEU D 447 17.10 9.94 -11.91
CA LEU D 447 16.28 8.74 -11.83
C LEU D 447 15.24 8.67 -12.94
N GLY D 448 15.51 9.32 -14.07
CA GLY D 448 14.58 9.42 -15.17
C GLY D 448 14.61 8.25 -16.15
N PRO D 449 15.77 7.99 -16.78
CA PRO D 449 15.84 6.84 -17.71
C PRO D 449 15.64 5.48 -17.07
N TYR D 450 16.01 5.32 -15.80
CA TYR D 450 16.04 3.99 -15.20
C TYR D 450 14.69 3.57 -14.58
N HIS D 451 13.81 4.51 -14.27
CA HIS D 451 12.61 4.19 -13.51
C HIS D 451 11.39 4.81 -14.19
N VAL D 452 10.22 4.25 -13.87
CA VAL D 452 8.98 4.58 -14.56
C VAL D 452 8.22 5.62 -13.75
N LYS D 453 8.33 5.55 -12.41
CA LYS D 453 7.63 6.49 -11.54
C LYS D 453 8.21 7.89 -11.67
N PHE D 454 9.52 8.01 -11.91
CA PHE D 454 10.17 9.30 -12.09
C PHE D 454 10.39 9.54 -13.57
N ARG D 455 9.32 9.94 -14.27
CA ARG D 455 9.38 10.12 -15.71
C ARG D 455 9.02 11.54 -16.15
N SER D 456 8.05 12.18 -15.51
CA SER D 456 7.67 13.54 -15.84
C SER D 456 7.29 14.27 -14.57
N LEU D 457 7.35 15.61 -14.64
CA LEU D 457 7.06 16.44 -13.47
C LEU D 457 5.59 16.40 -13.05
N SER D 458 4.70 15.92 -13.91
CA SER D 458 3.34 15.62 -13.48
C SER D 458 3.29 14.31 -12.68
N MET D 459 4.34 13.50 -12.73
CA MET D 459 4.40 12.24 -12.01
C MET D 459 5.46 12.22 -10.92
N VAL D 460 6.53 13.02 -11.07
CA VAL D 460 7.52 13.13 -10.01
C VAL D 460 6.95 13.87 -8.81
N SER D 461 6.18 14.94 -9.05
CA SER D 461 5.56 15.70 -7.98
C SER D 461 4.36 14.99 -7.35
N GLU D 462 3.95 13.84 -7.88
CA GLU D 462 2.98 12.98 -7.24
C GLU D 462 3.62 11.84 -6.46
N CYS D 463 4.81 11.42 -6.87
CA CYS D 463 5.52 10.34 -6.18
C CYS D 463 6.41 10.87 -5.06
N LEU D 464 6.83 12.14 -5.14
CA LEU D 464 7.54 12.75 -4.03
C LEU D 464 6.61 13.30 -2.96
N PHE D 465 5.37 13.62 -3.31
CA PHE D 465 4.42 14.14 -2.34
C PHE D 465 3.68 13.03 -1.61
N SER D 466 3.47 11.88 -2.25
CA SER D 466 2.90 10.73 -1.56
C SER D 466 3.92 10.00 -0.71
N LEU D 467 5.20 10.30 -0.86
CA LEU D 467 6.25 9.63 -0.10
C LEU D 467 6.55 10.34 1.22
N ILE D 468 6.18 11.61 1.36
CA ILE D 468 6.34 12.30 2.63
C ILE D 468 5.12 12.16 3.52
N ASN D 469 4.03 11.57 3.02
CA ASN D 469 2.86 11.28 3.82
C ASN D 469 2.74 9.80 4.17
N GLY D 470 3.64 8.95 3.66
CA GLY D 470 3.66 7.56 4.04
C GLY D 470 2.88 6.62 3.14
N ASP D 471 3.14 6.65 1.84
CA ASP D 471 2.49 5.71 0.92
C ASP D 471 3.38 5.49 -0.30
N ASP D 472 3.42 4.24 -0.76
CA ASP D 472 4.29 3.78 -1.85
C ASP D 472 5.74 4.18 -1.61
N MET D 473 6.23 3.80 -0.44
CA MET D 473 7.57 4.15 0.04
C MET D 473 8.56 3.02 -0.19
N PHE D 474 8.27 1.83 0.33
CA PHE D 474 9.12 0.66 0.09
C PHE D 474 9.04 0.18 -1.35
N VAL D 475 7.98 0.52 -2.07
CA VAL D 475 7.89 0.20 -3.49
C VAL D 475 8.93 0.99 -4.29
N THR D 476 9.17 2.24 -3.88
CA THR D 476 10.20 3.04 -4.54
C THR D 476 11.61 2.63 -4.13
N PHE D 477 11.80 2.15 -2.89
CA PHE D 477 13.12 1.66 -2.51
C PHE D 477 13.45 0.34 -3.19
N ALA D 478 12.47 -0.56 -3.29
CA ALA D 478 12.72 -1.85 -3.92
C ALA D 478 12.86 -1.75 -5.43
N ALA D 479 12.35 -0.68 -6.04
CA ALA D 479 12.53 -0.48 -7.48
C ALA D 479 13.91 0.08 -7.81
N MET D 480 14.60 0.68 -6.85
CA MET D 480 15.97 1.15 -7.10
C MET D 480 16.94 0.00 -7.21
N GLN D 481 16.73 -1.08 -6.45
CA GLN D 481 17.68 -2.19 -6.38
C GLN D 481 17.58 -3.13 -7.56
N ALA D 482 16.64 -2.91 -8.49
CA ALA D 482 16.66 -3.64 -9.75
C ALA D 482 17.72 -3.10 -10.71
N GLN D 483 18.29 -1.94 -10.41
CA GLN D 483 19.41 -1.36 -11.13
C GLN D 483 20.62 -1.25 -10.23
N GLN D 484 20.84 -2.26 -9.39
CA GLN D 484 21.98 -2.23 -8.47
C GLN D 484 23.28 -2.58 -9.17
N GLY D 485 23.33 -3.73 -9.85
CA GLY D 485 24.52 -4.06 -10.62
C GLY D 485 24.65 -3.23 -11.87
N ARG D 486 23.53 -2.87 -12.47
CA ARG D 486 23.51 -2.02 -13.66
C ARG D 486 23.80 -0.58 -13.24
N SER D 487 25.03 -0.12 -13.48
CA SER D 487 25.48 1.25 -13.24
C SER D 487 25.30 1.66 -11.77
N SER D 488 26.09 1.00 -10.92
CA SER D 488 26.00 1.06 -9.45
C SER D 488 26.29 2.44 -8.86
N LEU D 489 26.57 3.52 -9.61
CA LEU D 489 26.72 4.83 -8.99
C LEU D 489 25.39 5.57 -8.93
N VAL D 490 24.44 5.22 -9.80
CA VAL D 490 23.09 5.78 -9.71
C VAL D 490 22.38 5.25 -8.49
N TRP D 491 22.62 3.97 -8.15
CA TRP D 491 22.01 3.37 -6.97
C TRP D 491 22.53 4.00 -5.68
N LEU D 492 23.78 4.44 -5.67
CA LEU D 492 24.33 5.11 -4.50
C LEU D 492 23.76 6.52 -4.35
N PHE D 493 23.49 7.20 -5.47
CA PHE D 493 22.86 8.52 -5.38
C PHE D 493 21.38 8.40 -5.03
N SER D 494 20.73 7.31 -5.42
CA SER D 494 19.32 7.13 -5.10
C SER D 494 19.09 6.76 -3.63
N GLN D 495 20.13 6.40 -2.91
CA GLN D 495 20.02 6.23 -1.46
C GLN D 495 20.25 7.55 -0.73
N LEU D 496 21.12 8.41 -1.25
CA LEU D 496 21.27 9.74 -0.67
C LEU D 496 20.08 10.63 -1.00
N TYR D 497 19.41 10.39 -2.12
CA TYR D 497 18.27 11.20 -2.51
C TYR D 497 17.01 10.80 -1.76
N LEU D 498 16.78 9.50 -1.59
CA LEU D 498 15.56 9.02 -0.96
C LEU D 498 15.69 8.79 0.54
N TYR D 499 16.81 9.18 1.16
CA TYR D 499 16.90 9.23 2.62
C TYR D 499 16.90 10.65 3.16
N SER D 500 17.41 11.61 2.40
CA SER D 500 17.45 13.00 2.84
C SER D 500 16.16 13.75 2.55
N PHE D 501 15.49 13.42 1.45
CA PHE D 501 14.20 14.04 1.15
C PHE D 501 13.11 13.56 2.10
N ILE D 502 13.20 12.32 2.56
CA ILE D 502 12.16 11.75 3.41
C ILE D 502 12.36 12.11 4.89
N SER D 503 13.57 12.45 5.30
CA SER D 503 13.86 12.82 6.68
C SER D 503 13.97 14.32 6.85
N LEU D 504 13.59 15.08 5.84
CA LEU D 504 13.49 16.52 5.94
C LEU D 504 12.04 17.00 6.05
N PHE D 505 11.14 16.38 5.30
CA PHE D 505 9.74 16.81 5.26
C PHE D 505 8.84 16.00 6.18
N ILE D 506 9.39 15.06 6.95
CA ILE D 506 8.63 14.31 7.94
C ILE D 506 9.10 14.63 9.36
N TYR D 507 10.41 14.68 9.57
CA TYR D 507 10.95 14.84 10.91
C TYR D 507 11.12 16.28 11.35
N MET D 508 11.27 17.22 10.41
CA MET D 508 11.37 18.63 10.76
C MET D 508 10.26 19.49 10.17
N VAL D 509 10.06 19.43 8.85
CA VAL D 509 9.11 20.33 8.20
C VAL D 509 7.68 19.98 8.55
N LEU D 510 7.36 18.69 8.66
CA LEU D 510 6.06 18.28 9.16
C LEU D 510 5.88 18.64 10.64
N SER D 511 6.98 18.76 11.38
CA SER D 511 6.92 19.16 12.78
C SER D 511 6.85 20.67 12.97
N LEU D 512 6.98 21.46 11.91
CA LEU D 512 6.71 22.90 12.03
C LEU D 512 5.21 23.18 12.05
N PHE D 513 4.44 22.45 11.23
CA PHE D 513 3.00 22.66 11.16
C PHE D 513 2.28 22.28 12.45
N ILE D 514 2.88 21.41 13.26
CA ILE D 514 2.33 21.14 14.58
C ILE D 514 2.66 22.27 15.55
N ALA D 515 3.86 22.84 15.43
CA ALA D 515 4.28 23.90 16.33
C ALA D 515 3.68 25.26 15.98
N LEU D 516 3.20 25.44 14.75
CA LEU D 516 2.56 26.71 14.38
C LEU D 516 1.12 26.78 14.85
N ILE D 517 0.43 25.65 14.88
CA ILE D 517 -0.95 25.63 15.36
C ILE D 517 -0.99 25.76 16.88
N THR D 518 -0.12 25.04 17.58
CA THR D 518 -0.04 25.13 19.03
C THR D 518 0.44 26.51 19.48
N GLY D 519 1.38 27.10 18.72
CA GLY D 519 1.81 28.46 19.00
C GLY D 519 0.77 29.51 18.70
N ALA D 520 -0.22 29.19 17.86
CA ALA D 520 -1.35 30.07 17.60
C ALA D 520 -2.61 29.64 18.33
N TYR D 521 -2.50 28.64 19.21
CA TYR D 521 -3.61 28.24 20.07
C TYR D 521 -3.45 28.75 21.49
N ASP D 522 -2.21 28.98 21.94
CA ASP D 522 -2.00 29.62 23.24
C ASP D 522 -2.28 31.11 23.18
N THR D 523 -2.26 31.72 21.99
CA THR D 523 -2.49 33.15 21.84
C THR D 523 -3.95 33.49 21.57
N ILE D 524 -4.88 32.66 22.04
CA ILE D 524 -6.30 32.96 21.90
C ILE D 524 -6.94 32.85 23.29
N LYS D 525 -6.20 32.27 24.25
CA LYS D 525 -6.73 32.15 25.60
C LYS D 525 -5.69 32.45 26.69
N HIS D 526 -4.48 32.86 26.32
CA HIS D 526 -3.48 33.25 27.31
C HIS D 526 -2.84 34.57 26.92
C1 PIO E . 32.26 45.62 -3.45
O1 PIO E . 32.88 45.93 -4.69
P1 PIO E . 33.46 47.40 -5.03
C2 PIO E . 32.16 44.10 -3.33
O2 PIO E . 31.69 43.54 -4.57
C3 PIO E . 31.23 43.70 -2.20
O3 PIO E . 31.28 42.29 -2.00
C4 PIO E . 29.82 44.12 -2.57
O4 PIO E . 28.94 43.75 -1.51
P4 PIO E . 27.55 42.98 -1.82
C5 PIO E . 29.68 45.63 -2.82
O5 PIO E . 28.60 45.81 -3.74
P5 PIO E . 27.98 47.26 -4.11
C6 PIO E . 30.91 46.37 -3.36
O6 PIO E . 31.12 47.53 -2.54
O11 PIO E . 34.51 47.30 -6.06
O12 PIO E . 34.09 48.04 -3.68
O13 PIO E . 32.27 48.36 -5.56
C1A PIO E . 34.27 51.37 -3.95
O1A PIO E . 35.13 50.58 -4.28
C1B PIO E . 32.13 52.22 -9.12
O1B PIO E . 31.27 53.07 -9.12
C1C PIO E . 32.05 49.63 -4.97
C2A PIO E . 34.27 51.98 -2.58
C2B PIO E . 32.58 51.57 -10.42
C2C PIO E . 32.84 50.67 -5.75
O2C PIO E . 33.23 51.75 -4.90
C3A PIO E . 34.61 53.47 -2.69
C3B PIO E . 33.70 50.60 -10.12
C3C PIO E . 31.96 51.20 -6.86
O3C PIO E . 32.75 51.82 -7.87
O41 PIO E . 27.87 41.49 -2.29
O42 PIO E . 26.77 43.76 -2.98
O43 PIO E . 26.73 42.95 -0.59
C4A PIO E . 36.01 53.68 -3.25
C4B PIO E . 34.35 50.09 -11.42
O51 PIO E . 28.69 47.85 -5.27
O52 PIO E . 28.10 48.23 -2.83
O53 PIO E . 26.43 47.08 -4.51
C5A PIO E . 35.98 54.44 -4.57
C5B PIO E . 35.66 49.38 -11.12
C6A PIO E . 36.39 53.55 -5.74
C6B PIO E . 36.51 49.29 -12.38
C7A PIO E . 36.10 54.21 -7.07
C7B PIO E . 37.94 49.78 -12.11
C8A PIO E . 36.35 53.25 -8.22
C8B PIO E . 37.95 51.23 -11.71
C1 PIO F . 38.46 -1.28 40.64
O1 PIO F . 39.48 -2.29 40.61
P1 PIO F . 40.84 -2.15 41.45
C2 PIO F . 37.19 -1.87 40.04
O2 PIO F . 37.50 -2.58 38.83
C3 PIO F . 36.17 -0.78 39.76
O3 PIO F . 34.92 -1.36 39.34
C4 PIO F . 36.72 0.11 38.65
O4 PIO F . 35.76 1.14 38.37
P4 PIO F . 35.33 1.48 36.86
C5 PIO F . 38.05 0.77 39.00
O5 PIO F . 38.76 0.99 37.77
P5 PIO F . 40.12 1.85 37.68
C6 PIO F . 38.97 0.00 39.96
O6 PIO F . 39.39 0.91 40.99
O11 PIO F . 41.41 -3.51 41.68
O12 PIO F . 40.53 -1.46 42.87
O13 PIO F . 41.90 -1.26 40.63
C1A PIO F . 43.32 -0.15 44.17
O1A PIO F . 42.91 -1.29 44.35
C1B PIO F . 47.15 -1.47 40.22
O1B PIO F . 47.81 -0.50 39.89
C1C PIO F . 42.56 -0.16 41.28
C2A PIO F . 42.95 0.96 45.13
C2B PIO F . 47.43 -2.84 39.63
C2C PIO F . 43.86 -0.65 41.88
O2C PIO F . 44.19 0.13 43.04
C3A PIO F . 44.20 1.37 45.90
C3B PIO F . 46.49 -3.86 40.26
C3C PIO F . 44.96 -0.49 40.84
O3C PIO F . 46.06 -1.31 41.18
O41 PIO F . 34.44 0.28 36.28
O42 PIO F . 36.65 1.67 35.97
O43 PIO F . 34.53 2.73 36.85
C4A PIO F . 44.73 0.23 46.76
C4B PIO F . 46.89 -5.28 39.88
O51 PIO F . 41.30 0.99 37.86
O52 PIO F . 40.10 3.00 38.81
O53 PIO F . 40.20 2.53 36.22
C5A PIO F . 46.14 -0.17 46.36
C5B PIO F . 46.16 -6.30 40.77
C6A PIO F . 46.15 -1.56 45.73
C6B PIO F . 46.87 -7.64 40.73
C7A PIO F . 47.50 -1.86 45.07
C7B PIO F . 47.11 -8.17 42.15
C8A PIO F . 47.45 -3.17 44.31
C8B PIO F . 48.02 -7.25 42.93
C1 PIO G . -25.61 -1.23 49.80
O1 PIO G . -26.37 -2.39 50.18
P1 PIO G . -26.77 -2.72 51.70
C2 PIO G . -25.72 -1.05 48.30
O2 PIO G . -25.52 -2.30 47.64
C3 PIO G . -24.69 -0.04 47.81
O3 PIO G . -24.91 0.24 46.42
C4 PIO G . -23.31 -0.63 48.00
O4 PIO G . -22.35 0.32 47.54
P4 PIO G . -21.14 -0.14 46.57
C5 PIO G . -22.99 -0.98 49.46
O5 PIO G . -22.05 -2.05 49.45
P5 PIO G . -21.30 -2.57 50.77
C6 PIO G . -24.18 -1.37 50.36
O6 PIO G . -24.10 -0.59 51.56
O11 PIO G . -27.97 -3.58 51.72
O12 PIO G . -27.10 -1.33 52.47
O13 PIO G . -25.56 -3.46 52.45
C1A PIO G . -26.83 -1.74 55.77
O1A PIO G . -27.85 -1.90 55.11
C1B PIO G . -25.40 -7.20 56.13
O1B PIO G . -24.42 -7.37 56.84
C1C PIO G . -25.07 -2.97 53.70
C2A PIO G . -26.56 -0.41 56.43
C2B PIO G . -26.11 -8.38 55.53
C2C PIO G . -25.81 -3.69 54.81
O2C PIO G . -25.91 -2.84 55.97
C3A PIO G . -26.69 -0.56 57.93
C3B PIO G . -27.32 -7.88 54.73
C3C PIO G . -25.03 -4.95 55.17
O3C PIO G . -25.88 -5.86 55.87
O41 PIO G . -21.75 -0.49 45.12
O42 PIO G . -20.43 -1.45 47.18
O43 PIO G . -20.17 0.96 46.44
C4A PIO G . -28.12 -0.93 58.33
C4B PIO G . -28.20 -9.04 54.29
O51 PIO G . -22.07 -3.65 51.43
O52 PIO G . -21.08 -1.35 51.80
O53 PIO G . -19.86 -3.17 50.35
C5A PIO G . -28.17 -2.27 59.05
C5B PIO G . -29.55 -8.53 53.79
C6A PIO G . -28.88 -3.32 58.19
C6B PIO G . -30.58 -9.65 53.78
C7A PIO G . -28.69 -4.72 58.76
C7B PIO G . -31.87 -9.20 54.49
C8A PIO G . -29.25 -5.76 57.81
C8B PIO G . -31.61 -8.88 55.94
C1 PIO H . -31.79 45.72 5.69
O1 PIO H . -32.93 45.89 4.84
P1 PIO H . -34.13 46.92 5.20
C2 PIO H . -30.72 44.98 4.89
O2 PIO H . -31.31 43.87 4.22
C3 PIO H . -29.61 44.50 5.82
O3 PIO H . -28.54 43.95 5.06
C4 PIO H . -30.18 43.44 6.74
O4 PIO H . -29.14 42.99 7.61
P4 PIO H . -28.89 41.41 7.85
C5 PIO H . -31.34 43.94 7.59
O5 PIO H . -32.18 42.82 7.89
P5 PIO H . -33.40 42.88 8.94
C6 PIO H . -32.21 45.07 7.01
O6 PIO H . -32.33 46.10 8.00
O11 PIO H . -34.84 47.28 3.96
O12 PIO H . -33.51 48.23 5.89
O13 PIO H . -35.17 46.21 6.22
C1A PIO H . -35.86 49.84 7.63
O1A PIO H . -35.59 50.03 6.46
C1B PIO H . -40.38 46.55 6.78
O1B PIO H . -40.94 46.27 7.82
C1C PIO H . -35.54 46.88 7.43
C2A PIO H . -35.21 50.69 8.71
C2B PIO H . -40.94 46.09 5.45
C2C PIO H . -36.80 47.69 7.16
O2C PIO H . -36.85 48.84 8.00
C3A PIO H . -36.26 51.60 9.33
C3B PIO H . -40.07 46.64 4.33
C3C PIO H . -38.01 46.80 7.45
O3C PIO H . -39.16 47.34 6.81
O41 PIO H . -28.28 40.76 6.50
O42 PIO H . -30.29 40.70 8.20
O43 PIO H . -27.95 41.22 8.96
C4A PIO H . -36.80 52.60 8.30
C4B PIO H . -40.72 46.39 2.97
O51 PIO H . -34.66 43.26 8.28
O52 PIO H . -33.06 43.93 10.12
O53 PIO H . -33.60 41.41 9.58
C5A PIO H . -38.30 52.42 8.10
C5B PIO H . -40.03 47.21 1.89
C6A PIO H . -38.61 51.86 6.71
C6B PIO H . -40.91 47.35 0.66
C7A PIO H . -40.06 51.43 6.60
C7B PIO H . -41.01 48.80 0.22
C8A PIO H . -40.31 50.73 5.28
C8B PIO H . -41.66 49.66 1.29
#